data_6PQT
#
_entry.id   6PQT
#
_entity_poly.entity_id   1
_entity_poly.type   'polypeptide(L)'
_entity_poly.pdbx_seq_one_letter_code
;GAHMMQARREELLAKKARLAEIKRQRELRAQQAAGRSITPSELVSPTPSRANSRREIESLIDSILSSSAGANSPRRGSRP
NSVISTGELSTD
;
_entity_poly.pdbx_strand_id   A
#
# COMPACT_ATOMS: atom_id res chain seq x y z
N GLY A 1 -24.28 -14.67 17.88
CA GLY A 1 -23.99 -13.37 17.21
C GLY A 1 -24.74 -12.22 17.85
N ALA A 2 -24.43 -11.01 17.43
CA ALA A 2 -25.05 -9.82 17.99
C ALA A 2 -26.44 -9.60 17.42
N HIS A 3 -26.71 -10.23 16.28
CA HIS A 3 -28.00 -10.11 15.62
C HIS A 3 -29.13 -10.65 16.52
N MET A 4 -28.85 -11.72 17.23
CA MET A 4 -29.82 -12.29 18.16
C MET A 4 -29.36 -12.12 19.61
N MET A 5 -28.63 -11.04 19.85
CA MET A 5 -28.15 -10.74 21.20
C MET A 5 -27.94 -9.24 21.34
N GLN A 6 -29.03 -8.53 21.66
CA GLN A 6 -28.99 -7.07 21.78
C GLN A 6 -28.08 -6.63 22.93
N ALA A 7 -28.02 -7.45 23.99
CA ALA A 7 -27.17 -7.16 25.12
C ALA A 7 -25.73 -6.89 24.68
N ARG A 8 -25.23 -7.75 23.81
CA ARG A 8 -23.89 -7.61 23.27
C ARG A 8 -23.85 -6.51 22.21
N ARG A 9 -24.89 -6.46 21.38
CA ARG A 9 -24.93 -5.54 20.25
C ARG A 9 -24.92 -4.09 20.71
N GLU A 10 -25.64 -3.82 21.79
CA GLU A 10 -25.82 -2.46 22.26
C GLU A 10 -24.49 -1.90 22.75
N GLU A 11 -23.69 -2.75 23.39
CA GLU A 11 -22.35 -2.37 23.82
C GLU A 11 -21.43 -2.20 22.61
N LEU A 12 -21.66 -3.02 21.60
CA LEU A 12 -20.87 -2.96 20.37
C LEU A 12 -21.07 -1.63 19.65
N LEU A 13 -22.27 -1.06 19.77
CA LEU A 13 -22.52 0.29 19.25
C LEU A 13 -21.81 1.34 20.10
N ALA A 14 -21.77 1.12 21.40
CA ALA A 14 -20.99 1.96 22.30
C ALA A 14 -19.51 1.91 21.94
N LYS A 15 -19.01 0.69 21.77
CA LYS A 15 -17.62 0.45 21.41
C LYS A 15 -17.35 0.87 19.97
N LYS A 16 -18.43 0.99 19.19
CA LYS A 16 -18.33 1.43 17.80
C LYS A 16 -17.62 2.77 17.70
N ALA A 17 -17.76 3.60 18.74
CA ALA A 17 -17.07 4.88 18.80
C ALA A 17 -15.55 4.66 18.89
N ARG A 18 -15.16 3.69 19.71
CA ARG A 18 -13.76 3.29 19.81
C ARG A 18 -13.26 2.72 18.49
N LEU A 19 -14.13 2.00 17.80
CA LEU A 19 -13.80 1.42 16.51
C LEU A 19 -13.60 2.50 15.47
N ALA A 20 -14.41 3.55 15.53
CA ALA A 20 -14.25 4.71 14.68
C ALA A 20 -12.91 5.38 14.93
N GLU A 21 -12.50 5.39 16.19
CA GLU A 21 -11.17 5.87 16.57
C GLU A 21 -10.09 5.06 15.87
N ILE A 22 -10.23 3.73 15.89
CA ILE A 22 -9.32 2.85 15.18
C ILE A 22 -9.33 3.15 13.68
N LYS A 23 -10.51 3.36 13.12
CA LYS A 23 -10.65 3.71 11.72
C LYS A 23 -9.94 5.04 11.43
N ARG A 24 -10.02 5.96 12.38
CA ARG A 24 -9.42 7.28 12.24
C ARG A 24 -7.92 7.18 12.03
N GLN A 25 -7.33 6.14 12.58
CA GLN A 25 -5.90 5.91 12.46
C GLN A 25 -5.53 5.74 10.99
N ARG A 26 -6.40 5.06 10.27
CA ARG A 26 -6.23 4.87 8.83
C ARG A 26 -6.16 6.21 8.09
N GLU A 27 -7.07 7.12 8.41
CA GLU A 27 -7.07 8.45 7.81
C GLU A 27 -5.89 9.26 8.31
N LEU A 28 -5.50 9.01 9.55
CA LEU A 28 -4.39 9.70 10.16
C LEU A 28 -3.10 9.31 9.45
N ARG A 29 -2.91 8.02 9.27
CA ARG A 29 -1.72 7.48 8.61
C ARG A 29 -1.63 7.96 7.17
N ALA A 30 -2.75 8.38 6.62
CA ALA A 30 -2.78 8.91 5.26
C ALA A 30 -1.99 10.20 5.19
N GLN A 31 -2.37 11.18 6.00
CA GLN A 31 -1.64 12.45 6.07
C GLN A 31 -0.26 12.26 6.71
N GLN A 32 -0.13 11.22 7.50
CA GLN A 32 1.14 10.95 8.20
C GLN A 32 2.16 10.32 7.26
N ALA A 33 1.85 9.14 6.74
CA ALA A 33 2.78 8.42 5.89
C ALA A 33 2.76 8.94 4.46
N ALA A 34 1.57 8.99 3.88
CA ALA A 34 1.42 9.38 2.48
C ALA A 34 1.49 10.90 2.35
N GLY A 35 1.34 11.58 3.47
CA GLY A 35 1.46 13.02 3.49
C GLY A 35 2.91 13.45 3.58
N ARG A 36 3.75 12.53 4.03
CA ARG A 36 5.18 12.79 4.15
C ARG A 36 5.97 11.85 3.25
N SER A 37 5.64 11.87 1.97
CA SER A 37 6.39 11.12 0.98
C SER A 37 6.90 12.10 -0.08
N ILE A 38 7.39 13.22 0.39
CA ILE A 38 7.82 14.31 -0.48
C ILE A 38 9.29 14.16 -0.82
N THR A 39 9.57 13.33 -1.80
CA THR A 39 10.92 13.10 -2.26
C THR A 39 11.00 13.29 -3.76
N PRO A 40 11.33 14.52 -4.21
CA PRO A 40 11.42 14.84 -5.64
C PRO A 40 12.59 14.15 -6.32
N SER A 41 12.42 12.85 -6.55
CA SER A 41 13.42 12.06 -7.25
C SER A 41 13.36 12.33 -8.75
N GLU A 42 14.08 13.36 -9.18
CA GLU A 42 14.03 13.78 -10.56
C GLU A 42 15.44 14.02 -11.10
N LEU A 43 16.16 12.94 -11.32
CA LEU A 43 17.48 13.01 -11.93
C LEU A 43 17.50 12.11 -13.15
N VAL A 44 16.88 12.57 -14.21
CA VAL A 44 16.77 11.81 -15.45
C VAL A 44 17.56 12.50 -16.55
N SER A 45 18.77 12.03 -16.79
CA SER A 45 19.64 12.63 -17.78
C SER A 45 20.17 11.60 -18.78
N PRO A 46 19.30 11.12 -19.69
CA PRO A 46 19.70 10.18 -20.73
C PRO A 46 20.17 10.93 -21.97
N THR A 47 21.07 11.87 -21.78
CA THR A 47 21.53 12.74 -22.84
C THR A 47 22.96 12.38 -23.27
N PRO A 48 23.12 11.64 -24.37
CA PRO A 48 24.44 11.30 -24.90
C PRO A 48 25.18 12.52 -25.43
N SER A 49 24.44 13.54 -25.83
CA SER A 49 25.03 14.77 -26.31
C SER A 49 25.14 15.76 -25.13
N ARG A 50 26.07 15.47 -24.25
CA ARG A 50 26.28 16.28 -23.06
C ARG A 50 27.72 16.13 -22.60
N ALA A 51 28.37 17.25 -22.27
CA ALA A 51 29.74 17.22 -21.79
C ALA A 51 29.81 16.61 -20.40
N ASN A 52 29.90 15.30 -20.35
CA ASN A 52 29.96 14.57 -19.09
C ASN A 52 31.03 13.49 -19.18
N SER A 53 32.29 13.91 -19.14
CA SER A 53 33.40 13.00 -19.30
C SER A 53 34.67 13.60 -18.70
N ARG A 54 35.55 12.74 -18.21
CA ARG A 54 36.84 13.17 -17.70
C ARG A 54 37.93 12.37 -18.41
N ARG A 55 37.96 12.47 -19.73
CA ARG A 55 38.87 11.65 -20.53
C ARG A 55 38.99 12.22 -21.94
N GLU A 56 40.20 12.65 -22.30
CA GLU A 56 40.49 13.15 -23.64
C GLU A 56 40.51 12.00 -24.65
N ILE A 57 39.33 11.59 -25.08
CA ILE A 57 39.19 10.45 -25.97
C ILE A 57 39.45 10.85 -27.42
N GLU A 58 38.94 12.01 -27.82
CA GLU A 58 39.05 12.46 -29.20
C GLU A 58 40.50 12.78 -29.57
N SER A 59 41.28 13.16 -28.58
CA SER A 59 42.67 13.51 -28.83
C SER A 59 43.59 12.31 -28.58
N LEU A 60 43.42 11.70 -27.40
CA LEU A 60 44.17 10.50 -27.00
C LEU A 60 45.67 10.79 -26.81
N ILE A 61 46.33 11.22 -27.88
CA ILE A 61 47.77 11.42 -27.84
C ILE A 61 48.12 12.62 -26.97
N ASP A 62 47.26 13.62 -26.97
CA ASP A 62 47.46 14.81 -26.16
C ASP A 62 47.38 14.45 -24.68
N SER A 63 46.64 13.39 -24.39
CA SER A 63 46.50 12.91 -23.02
C SER A 63 47.75 12.14 -22.61
N ILE A 64 48.52 11.69 -23.60
CA ILE A 64 49.76 10.99 -23.34
C ILE A 64 50.93 11.98 -23.33
N LEU A 65 50.79 13.03 -24.12
CA LEU A 65 51.84 14.04 -24.27
C LEU A 65 52.13 14.76 -22.96
N SER A 66 51.10 14.95 -22.15
CA SER A 66 51.26 15.61 -20.88
C SER A 66 50.67 14.75 -19.75
N SER A 67 50.32 13.52 -20.12
CA SER A 67 49.74 12.55 -19.18
C SER A 67 48.46 13.08 -18.53
N SER A 68 47.91 14.16 -19.08
CA SER A 68 46.78 14.86 -18.48
C SER A 68 47.06 15.18 -17.01
N ALA A 69 48.32 15.44 -16.72
CA ALA A 69 48.75 15.73 -15.36
C ALA A 69 49.16 17.18 -15.23
N GLY A 70 48.39 17.95 -14.50
CA GLY A 70 48.67 19.36 -14.36
C GLY A 70 47.57 20.22 -14.96
N ALA A 71 46.61 20.60 -14.14
CA ALA A 71 45.47 21.39 -14.61
C ALA A 71 45.80 22.87 -14.68
N ASN A 72 47.08 23.20 -14.52
CA ASN A 72 47.53 24.60 -14.60
C ASN A 72 48.13 24.85 -15.98
N SER A 73 49.19 24.14 -16.28
CA SER A 73 49.85 24.25 -17.57
C SER A 73 50.48 22.92 -17.98
N PRO A 74 49.73 22.12 -18.76
CA PRO A 74 50.25 20.86 -19.31
C PRO A 74 51.55 21.06 -20.07
N ARG A 75 52.35 20.02 -20.16
CA ARG A 75 53.64 20.09 -20.83
C ARG A 75 53.43 20.12 -22.33
N ARG A 76 53.36 21.32 -22.89
CA ARG A 76 53.09 21.52 -24.31
C ARG A 76 54.24 22.28 -24.96
N GLY A 77 55.24 21.54 -25.39
CA GLY A 77 56.36 22.14 -26.07
C GLY A 77 57.67 21.47 -25.73
N SER A 78 58.62 21.54 -26.65
CA SER A 78 59.94 20.97 -26.43
C SER A 78 61.01 21.92 -26.93
N ARG A 79 61.06 23.12 -26.36
CA ARG A 79 62.00 24.13 -26.80
C ARG A 79 62.69 24.78 -25.60
N PRO A 80 64.01 24.61 -25.47
CA PRO A 80 64.80 25.27 -24.42
C PRO A 80 64.80 26.79 -24.59
N ASN A 81 63.83 27.43 -23.98
CA ASN A 81 63.69 28.88 -24.06
C ASN A 81 64.03 29.51 -22.71
N SER A 82 64.63 30.69 -22.75
CA SER A 82 65.02 31.40 -21.53
C SER A 82 65.91 30.54 -20.64
N VAL A 83 66.80 29.80 -21.28
CA VAL A 83 67.67 28.86 -20.57
C VAL A 83 68.95 28.61 -21.37
N ILE A 84 69.22 29.50 -22.30
CA ILE A 84 70.40 29.41 -23.15
C ILE A 84 71.37 30.53 -22.80
N SER A 85 72.58 30.17 -22.39
CA SER A 85 73.59 31.15 -21.97
C SER A 85 73.12 31.88 -20.71
N THR A 86 72.30 31.22 -19.92
CA THR A 86 71.73 31.81 -18.72
C THR A 86 71.05 30.72 -17.90
N GLY A 87 70.99 30.89 -16.60
CA GLY A 87 70.33 29.94 -15.74
C GLY A 87 71.18 28.71 -15.45
N GLU A 88 71.44 27.92 -16.48
CA GLU A 88 72.13 26.63 -16.32
C GLU A 88 73.64 26.81 -16.31
N LEU A 89 74.11 27.87 -15.68
CA LEU A 89 75.53 28.11 -15.52
C LEU A 89 75.86 28.27 -14.04
N SER A 90 75.31 29.31 -13.44
CA SER A 90 75.52 29.57 -12.02
C SER A 90 74.26 30.18 -11.40
N THR A 91 73.10 29.72 -11.86
CA THR A 91 71.81 30.28 -11.45
C THR A 91 71.80 31.79 -11.75
N ASP A 92 72.14 32.12 -12.98
CA ASP A 92 72.28 33.50 -13.40
C ASP A 92 71.44 33.76 -14.65
N GLY A 1 -36.98 -7.25 29.02
CA GLY A 1 -36.73 -7.43 27.57
C GLY A 1 -35.33 -7.95 27.31
N ALA A 2 -35.24 -9.20 26.87
CA ALA A 2 -33.95 -9.81 26.58
C ALA A 2 -34.05 -10.75 25.39
N HIS A 3 -34.72 -10.29 24.35
CA HIS A 3 -34.83 -11.07 23.11
C HIS A 3 -33.46 -11.20 22.48
N MET A 4 -32.69 -10.12 22.55
CA MET A 4 -31.31 -10.12 22.06
C MET A 4 -30.44 -9.34 23.03
N MET A 5 -31.09 -8.73 24.02
CA MET A 5 -30.44 -7.87 25.01
C MET A 5 -30.00 -6.57 24.34
N GLN A 6 -30.99 -5.82 23.88
CA GLN A 6 -30.76 -4.58 23.14
C GLN A 6 -30.09 -3.53 24.03
N ALA A 7 -30.38 -3.58 25.32
CA ALA A 7 -29.77 -2.68 26.29
C ALA A 7 -28.25 -2.79 26.23
N ARG A 8 -27.77 -4.03 26.21
CA ARG A 8 -26.35 -4.29 26.12
C ARG A 8 -25.85 -3.95 24.73
N ARG A 9 -26.63 -4.33 23.73
CA ARG A 9 -26.29 -4.07 22.33
C ARG A 9 -26.05 -2.59 22.06
N GLU A 10 -26.73 -1.70 22.77
CA GLU A 10 -26.53 -0.28 22.53
C GLU A 10 -25.17 0.17 23.07
N GLU A 11 -24.75 -0.48 24.14
CA GLU A 11 -23.45 -0.20 24.74
C GLU A 11 -22.35 -0.73 23.82
N LEU A 12 -22.68 -1.77 23.06
CA LEU A 12 -21.77 -2.31 22.08
C LEU A 12 -21.62 -1.35 20.91
N LEU A 13 -22.69 -0.65 20.58
CA LEU A 13 -22.65 0.41 19.57
C LEU A 13 -21.84 1.59 20.09
N ALA A 14 -21.84 1.76 21.40
CA ALA A 14 -21.02 2.76 22.05
C ALA A 14 -19.56 2.36 21.91
N LYS A 15 -19.30 1.08 22.16
CA LYS A 15 -17.97 0.50 22.01
C LYS A 15 -17.55 0.44 20.55
N LYS A 16 -18.52 0.53 19.64
CA LYS A 16 -18.26 0.52 18.21
C LYS A 16 -17.28 1.62 17.81
N ALA A 17 -17.17 2.64 18.68
CA ALA A 17 -16.21 3.72 18.47
C ALA A 17 -14.78 3.21 18.38
N ARG A 18 -14.55 1.99 18.86
CA ARG A 18 -13.23 1.35 18.75
C ARG A 18 -12.81 1.24 17.30
N LEU A 19 -13.75 0.89 16.43
CA LEU A 19 -13.48 0.77 15.01
C LEU A 19 -13.38 2.15 14.36
N ALA A 20 -14.18 3.08 14.86
CA ALA A 20 -14.11 4.46 14.40
C ALA A 20 -12.75 5.05 14.74
N GLU A 21 -12.23 4.66 15.90
CA GLU A 21 -10.89 5.05 16.33
C GLU A 21 -9.85 4.53 15.32
N ILE A 22 -9.91 3.24 15.05
CA ILE A 22 -8.99 2.60 14.11
C ILE A 22 -9.10 3.23 12.72
N LYS A 23 -10.33 3.46 12.27
CA LYS A 23 -10.56 4.08 10.98
C LYS A 23 -10.00 5.50 10.94
N ARG A 24 -10.27 6.27 11.99
CA ARG A 24 -9.83 7.65 12.05
C ARG A 24 -8.30 7.74 12.10
N GLN A 25 -7.68 6.88 12.91
CA GLN A 25 -6.23 6.88 13.04
C GLN A 25 -5.58 6.50 11.70
N ARG A 26 -6.27 5.66 10.93
CA ARG A 26 -5.84 5.36 9.57
C ARG A 26 -5.93 6.62 8.71
N GLU A 27 -7.07 7.30 8.79
CA GLU A 27 -7.28 8.56 8.09
C GLU A 27 -6.25 9.61 8.52
N LEU A 28 -5.79 9.51 9.75
CA LEU A 28 -4.78 10.42 10.26
C LEU A 28 -3.45 10.09 9.62
N ARG A 29 -3.14 8.80 9.58
CA ARG A 29 -1.96 8.29 8.90
C ARG A 29 -2.03 8.57 7.40
N ALA A 30 -3.24 8.64 6.86
CA ALA A 30 -3.43 8.97 5.46
C ALA A 30 -2.96 10.40 5.19
N GLN A 31 -3.09 11.23 6.20
CA GLN A 31 -2.58 12.58 6.14
C GLN A 31 -1.06 12.55 6.20
N GLN A 32 -0.54 11.97 7.28
CA GLN A 32 0.90 11.85 7.48
C GLN A 32 1.62 11.11 6.36
N ALA A 33 1.25 9.86 6.11
CA ALA A 33 1.95 9.04 5.13
C ALA A 33 1.64 9.51 3.72
N ALA A 34 0.37 9.80 3.46
CA ALA A 34 -0.09 10.35 2.18
C ALA A 34 -0.06 9.32 1.04
N GLY A 35 0.71 8.27 1.23
CA GLY A 35 0.82 7.25 0.20
C GLY A 35 0.38 5.88 0.70
N ARG A 36 -0.90 5.78 1.06
CA ARG A 36 -1.47 4.52 1.51
C ARG A 36 -2.75 4.21 0.74
N SER A 37 -2.62 4.14 -0.58
CA SER A 37 -3.77 3.94 -1.47
C SER A 37 -4.78 5.06 -1.29
N ILE A 38 -4.31 6.28 -1.55
CA ILE A 38 -5.12 7.46 -1.35
C ILE A 38 -5.28 8.23 -2.66
N THR A 39 -6.30 7.86 -3.41
CA THR A 39 -6.62 8.55 -4.65
C THR A 39 -7.87 9.38 -4.48
N PRO A 40 -7.73 10.70 -4.31
CA PRO A 40 -8.87 11.61 -4.20
C PRO A 40 -9.83 11.46 -5.38
N SER A 41 -11.09 11.19 -5.06
CA SER A 41 -12.13 11.01 -6.07
C SER A 41 -11.90 9.72 -6.86
N GLU A 42 -11.83 8.60 -6.14
CA GLU A 42 -11.64 7.29 -6.77
C GLU A 42 -12.92 6.46 -6.60
N LEU A 43 -14.05 7.14 -6.67
CA LEU A 43 -15.34 6.50 -6.53
C LEU A 43 -16.17 6.76 -7.77
N VAL A 44 -15.72 6.22 -8.89
CA VAL A 44 -16.36 6.46 -10.16
C VAL A 44 -17.00 5.17 -10.68
N SER A 45 -18.15 4.85 -10.10
CA SER A 45 -18.93 3.66 -10.49
C SER A 45 -18.05 2.39 -10.51
N PRO A 46 -17.67 1.88 -9.33
CA PRO A 46 -16.78 0.71 -9.22
C PRO A 46 -17.52 -0.61 -9.43
N THR A 47 -18.33 -0.68 -10.47
CA THR A 47 -19.04 -1.90 -10.81
C THR A 47 -18.50 -2.49 -12.12
N PRO A 48 -17.62 -3.50 -12.03
CA PRO A 48 -17.00 -4.10 -13.21
C PRO A 48 -17.96 -4.99 -14.00
N SER A 49 -18.79 -4.38 -14.83
CA SER A 49 -19.71 -5.11 -15.69
C SER A 49 -19.67 -4.57 -17.11
N ARG A 50 -18.53 -4.78 -17.79
CA ARG A 50 -18.33 -4.35 -19.17
C ARG A 50 -18.25 -2.83 -19.29
N ALA A 51 -17.23 -2.34 -20.01
CA ALA A 51 -17.04 -0.91 -20.24
C ALA A 51 -16.94 -0.14 -18.93
N ASN A 52 -16.34 -0.77 -17.92
CA ASN A 52 -16.20 -0.16 -16.62
C ASN A 52 -14.77 -0.30 -16.12
N SER A 53 -13.94 0.66 -16.49
CA SER A 53 -12.54 0.72 -16.05
C SER A 53 -11.76 -0.49 -16.56
N ARG A 54 -11.41 -0.45 -17.83
CA ARG A 54 -10.59 -1.50 -18.43
C ARG A 54 -9.12 -1.24 -18.13
N ARG A 55 -8.68 -1.69 -16.97
CA ARG A 55 -7.30 -1.51 -16.54
C ARG A 55 -6.91 -2.60 -15.54
N GLU A 56 -6.81 -3.81 -16.07
CA GLU A 56 -6.41 -4.99 -15.32
C GLU A 56 -6.10 -6.11 -16.30
N ILE A 57 -4.96 -5.97 -16.96
CA ILE A 57 -4.59 -6.86 -18.06
C ILE A 57 -4.19 -8.23 -17.54
N GLU A 58 -3.66 -8.26 -16.31
CA GLU A 58 -3.18 -9.50 -15.71
C GLU A 58 -4.32 -10.49 -15.53
N SER A 59 -5.54 -9.97 -15.45
CA SER A 59 -6.72 -10.80 -15.27
C SER A 59 -7.64 -10.68 -16.49
N LEU A 60 -7.16 -9.97 -17.50
CA LEU A 60 -7.96 -9.69 -18.69
C LEU A 60 -7.66 -10.70 -19.79
N ILE A 61 -6.42 -11.17 -19.83
CA ILE A 61 -5.99 -12.08 -20.88
C ILE A 61 -6.56 -13.48 -20.65
N ASP A 62 -7.10 -13.70 -19.46
CA ASP A 62 -7.66 -14.99 -19.09
C ASP A 62 -8.85 -15.34 -19.98
N SER A 63 -9.58 -14.33 -20.40
CA SER A 63 -10.79 -14.54 -21.21
C SER A 63 -10.43 -14.66 -22.68
N ILE A 64 -9.20 -14.32 -23.02
CA ILE A 64 -8.73 -14.41 -24.39
C ILE A 64 -8.02 -15.75 -24.64
N LEU A 65 -7.61 -16.39 -23.54
CA LEU A 65 -6.77 -17.57 -23.62
C LEU A 65 -7.59 -18.86 -23.62
N SER A 66 -8.76 -18.81 -24.27
CA SER A 66 -9.63 -19.99 -24.44
C SER A 66 -9.86 -20.71 -23.11
N SER A 67 -10.24 -19.96 -22.08
CA SER A 67 -10.43 -20.53 -20.77
C SER A 67 -11.36 -19.67 -19.92
N SER A 68 -11.03 -18.39 -19.77
CA SER A 68 -11.83 -17.46 -18.98
C SER A 68 -12.03 -17.97 -17.56
N ALA A 69 -10.97 -17.93 -16.76
CA ALA A 69 -11.04 -18.30 -15.35
C ALA A 69 -11.93 -17.33 -14.59
N GLY A 70 -13.20 -17.67 -14.48
CA GLY A 70 -14.17 -16.75 -13.89
C GLY A 70 -14.75 -15.82 -14.94
N ALA A 71 -15.61 -16.36 -15.78
CA ALA A 71 -16.20 -15.60 -16.87
C ALA A 71 -17.42 -14.84 -16.38
N ASN A 72 -17.17 -13.75 -15.65
CA ASN A 72 -18.25 -12.93 -15.07
C ASN A 72 -19.08 -13.76 -14.11
N SER A 73 -18.46 -14.80 -13.57
CA SER A 73 -19.13 -15.73 -12.67
C SER A 73 -18.09 -16.64 -12.02
N PRO A 74 -18.07 -16.69 -10.67
CA PRO A 74 -17.14 -17.56 -9.95
C PRO A 74 -17.53 -19.02 -10.10
N ARG A 75 -16.54 -19.90 -10.07
CA ARG A 75 -16.78 -21.33 -10.19
C ARG A 75 -17.22 -21.88 -8.84
N ARG A 76 -18.47 -21.64 -8.47
CA ARG A 76 -18.99 -22.07 -7.19
C ARG A 76 -20.24 -22.92 -7.39
N GLY A 77 -20.03 -24.15 -7.84
CA GLY A 77 -21.13 -25.04 -8.11
C GLY A 77 -21.13 -25.50 -9.55
N SER A 78 -21.06 -24.54 -10.47
CA SER A 78 -20.99 -24.81 -11.89
C SER A 78 -22.22 -25.57 -12.38
N ARG A 79 -23.38 -25.17 -11.87
CA ARG A 79 -24.64 -25.82 -12.20
C ARG A 79 -25.80 -25.00 -11.66
N PRO A 80 -26.80 -24.71 -12.50
CA PRO A 80 -28.00 -23.98 -12.07
C PRO A 80 -28.68 -24.71 -10.92
N ASN A 81 -28.89 -23.99 -9.82
CA ASN A 81 -29.46 -24.60 -8.61
C ASN A 81 -30.93 -24.95 -8.80
N SER A 82 -31.18 -26.12 -9.39
CA SER A 82 -32.53 -26.61 -9.63
C SER A 82 -33.34 -25.62 -10.45
N VAL A 83 -32.79 -25.20 -11.58
CA VAL A 83 -33.46 -24.27 -12.48
C VAL A 83 -33.89 -25.01 -13.75
N ILE A 84 -34.95 -25.78 -13.63
CA ILE A 84 -35.43 -26.57 -14.75
C ILE A 84 -36.80 -26.08 -15.21
N SER A 85 -36.79 -24.98 -15.95
CA SER A 85 -38.03 -24.40 -16.45
C SER A 85 -38.46 -25.03 -17.78
N THR A 86 -37.51 -25.50 -18.55
CA THR A 86 -37.81 -26.08 -19.86
C THR A 86 -37.46 -27.57 -19.88
N GLY A 87 -37.67 -28.22 -18.74
CA GLY A 87 -37.41 -29.64 -18.64
C GLY A 87 -38.66 -30.42 -18.32
N GLU A 88 -38.72 -31.66 -18.76
CA GLU A 88 -39.91 -32.48 -18.56
C GLU A 88 -39.60 -33.60 -17.57
N LEU A 89 -39.41 -33.23 -16.31
CA LEU A 89 -39.14 -34.20 -15.26
C LEU A 89 -40.45 -34.67 -14.63
N SER A 90 -41.31 -33.73 -14.27
CA SER A 90 -42.56 -34.05 -13.62
C SER A 90 -43.74 -33.35 -14.31
N THR A 91 -43.66 -33.27 -15.63
CA THR A 91 -44.71 -32.63 -16.40
C THR A 91 -45.70 -33.68 -16.91
N ASP A 92 -45.23 -34.52 -17.84
CA ASP A 92 -46.00 -35.65 -18.40
C ASP A 92 -47.49 -35.35 -18.55
N GLY A 1 -38.55 2.40 20.15
CA GLY A 1 -38.15 0.98 19.99
C GLY A 1 -38.25 0.21 21.29
N ALA A 2 -37.35 0.53 22.23
CA ALA A 2 -37.32 -0.11 23.56
C ALA A 2 -36.94 -1.58 23.45
N HIS A 3 -35.70 -1.89 23.79
CA HIS A 3 -35.21 -3.27 23.75
C HIS A 3 -35.31 -3.90 25.13
N MET A 4 -34.54 -3.37 26.08
CA MET A 4 -34.55 -3.88 27.44
C MET A 4 -33.68 -3.01 28.35
N MET A 5 -32.43 -2.81 27.95
CA MET A 5 -31.47 -2.08 28.79
C MET A 5 -30.48 -1.29 27.94
N GLN A 6 -30.30 -0.02 28.28
CA GLN A 6 -29.43 0.88 27.52
C GLN A 6 -27.97 0.51 27.70
N ALA A 7 -27.67 -0.21 28.77
CA ALA A 7 -26.31 -0.67 29.05
C ALA A 7 -25.75 -1.47 27.88
N ARG A 8 -26.59 -2.31 27.28
CA ARG A 8 -26.17 -3.11 26.14
C ARG A 8 -26.02 -2.24 24.90
N ARG A 9 -26.88 -1.22 24.80
CA ARG A 9 -26.85 -0.32 23.67
C ARG A 9 -25.54 0.45 23.66
N GLU A 10 -25.15 0.98 24.82
CA GLU A 10 -23.92 1.73 24.92
C GLU A 10 -22.71 0.83 24.74
N GLU A 11 -22.89 -0.45 25.05
CA GLU A 11 -21.82 -1.45 24.94
C GLU A 11 -21.42 -1.63 23.48
N LEU A 12 -22.41 -1.78 22.62
CA LEU A 12 -22.15 -1.96 21.19
C LEU A 12 -21.56 -0.68 20.59
N LEU A 13 -22.08 0.45 21.05
CA LEU A 13 -21.59 1.76 20.62
C LEU A 13 -20.18 2.01 21.12
N ALA A 14 -19.86 1.48 22.29
CA ALA A 14 -18.51 1.56 22.83
C ALA A 14 -17.55 0.78 21.93
N LYS A 15 -18.03 -0.35 21.46
CA LYS A 15 -17.28 -1.19 20.54
C LYS A 15 -17.23 -0.57 19.15
N LYS A 16 -18.17 0.32 18.87
CA LYS A 16 -18.19 1.04 17.61
C LYS A 16 -17.22 2.21 17.67
N ALA A 17 -17.13 2.83 18.85
CA ALA A 17 -16.18 3.90 19.09
C ALA A 17 -14.75 3.39 18.91
N ARG A 18 -14.51 2.16 19.38
CA ARG A 18 -13.23 1.50 19.20
C ARG A 18 -12.86 1.39 17.73
N LEU A 19 -13.87 1.18 16.89
CA LEU A 19 -13.67 1.07 15.46
C LEU A 19 -13.56 2.46 14.84
N ALA A 20 -14.34 3.40 15.36
CA ALA A 20 -14.36 4.76 14.86
C ALA A 20 -13.00 5.42 15.07
N GLU A 21 -12.43 5.22 16.26
CA GLU A 21 -11.14 5.80 16.58
C GLU A 21 -10.06 5.25 15.66
N ILE A 22 -10.03 3.92 15.51
CA ILE A 22 -9.10 3.26 14.60
C ILE A 22 -9.28 3.77 13.17
N LYS A 23 -10.54 3.90 12.74
CA LYS A 23 -10.85 4.42 11.41
C LYS A 23 -10.24 5.80 11.21
N ARG A 24 -10.41 6.67 12.20
CA ARG A 24 -9.86 8.02 12.15
C ARG A 24 -8.34 7.99 12.05
N GLN A 25 -7.74 7.07 12.79
CA GLN A 25 -6.29 6.92 12.82
C GLN A 25 -5.77 6.43 11.47
N ARG A 26 -6.36 5.33 11.00
CA ARG A 26 -5.94 4.70 9.76
C ARG A 26 -6.09 5.64 8.56
N GLU A 27 -7.29 6.19 8.40
CA GLU A 27 -7.57 7.11 7.29
C GLU A 27 -6.60 8.29 7.29
N LEU A 28 -6.42 8.90 8.46
CA LEU A 28 -5.55 10.05 8.58
C LEU A 28 -4.10 9.68 8.31
N ARG A 29 -3.70 8.51 8.79
CA ARG A 29 -2.33 8.03 8.62
C ARG A 29 -1.99 7.83 7.15
N ALA A 30 -3.01 7.59 6.33
CA ALA A 30 -2.80 7.41 4.90
C ALA A 30 -2.30 8.70 4.25
N GLN A 31 -2.75 9.83 4.79
CA GLN A 31 -2.29 11.13 4.32
C GLN A 31 -0.94 11.45 4.96
N GLN A 32 -0.72 10.92 6.16
CA GLN A 32 0.48 11.22 6.92
C GLN A 32 1.67 10.44 6.40
N ALA A 33 1.58 9.11 6.43
CA ALA A 33 2.66 8.27 5.94
C ALA A 33 2.70 8.28 4.43
N ALA A 34 1.50 8.23 3.84
CA ALA A 34 1.32 8.32 2.38
C ALA A 34 1.91 7.12 1.67
N GLY A 35 1.97 6.01 2.38
CA GLY A 35 2.50 4.79 1.80
C GLY A 35 1.42 3.96 1.14
N ARG A 36 0.25 3.93 1.77
CA ARG A 36 -0.94 3.19 1.31
C ARG A 36 -0.59 1.78 0.81
N SER A 37 0.40 1.17 1.44
CA SER A 37 0.88 -0.14 1.06
C SER A 37 1.97 -0.59 2.03
N ILE A 38 1.72 -1.65 2.75
CA ILE A 38 2.68 -2.18 3.70
C ILE A 38 3.23 -3.50 3.20
N THR A 39 4.06 -3.41 2.17
CA THR A 39 4.66 -4.59 1.57
C THR A 39 6.08 -4.29 1.09
N PRO A 40 7.04 -4.29 2.03
CA PRO A 40 8.44 -4.00 1.73
C PRO A 40 9.07 -5.05 0.83
N SER A 41 9.78 -4.61 -0.19
CA SER A 41 10.45 -5.53 -1.10
C SER A 41 11.80 -5.96 -0.53
N GLU A 42 11.76 -6.81 0.47
CA GLU A 42 12.96 -7.33 1.10
C GLU A 42 13.01 -8.85 0.93
N LEU A 43 12.69 -9.30 -0.26
CA LEU A 43 12.68 -10.72 -0.57
C LEU A 43 13.52 -10.97 -1.82
N VAL A 44 14.82 -10.85 -1.66
CA VAL A 44 15.75 -11.01 -2.76
C VAL A 44 16.32 -12.42 -2.75
N SER A 45 15.45 -13.38 -2.99
CA SER A 45 15.83 -14.79 -3.01
C SER A 45 14.83 -15.58 -3.86
N PRO A 46 14.91 -15.43 -5.19
CA PRO A 46 14.00 -16.08 -6.11
C PRO A 46 14.45 -17.49 -6.47
N THR A 47 14.43 -18.37 -5.49
CA THR A 47 14.82 -19.76 -5.69
C THR A 47 13.59 -20.65 -5.88
N PRO A 48 13.25 -21.00 -7.13
CA PRO A 48 12.09 -21.85 -7.43
C PRO A 48 12.43 -23.33 -7.28
N SER A 49 12.99 -23.68 -6.11
CA SER A 49 13.44 -25.03 -5.81
C SER A 49 14.71 -25.37 -6.58
N ARG A 50 15.61 -26.12 -5.95
CA ARG A 50 16.88 -26.46 -6.56
C ARG A 50 17.22 -27.91 -6.28
N ALA A 51 16.48 -28.82 -6.89
CA ALA A 51 16.67 -30.25 -6.69
C ALA A 51 17.11 -30.92 -7.98
N ASN A 52 18.43 -30.97 -8.20
CA ASN A 52 19.01 -31.65 -9.37
C ASN A 52 18.53 -31.01 -10.67
N SER A 53 18.60 -29.68 -10.74
CA SER A 53 18.14 -28.96 -11.91
C SER A 53 19.31 -28.53 -12.79
N ARG A 54 20.21 -29.47 -13.06
CA ARG A 54 21.38 -29.19 -13.89
C ARG A 54 21.32 -30.06 -15.14
N ARG A 55 20.11 -30.37 -15.56
CA ARG A 55 19.87 -31.18 -16.73
C ARG A 55 18.41 -31.06 -17.17
N GLU A 56 18.14 -30.05 -18.00
CA GLU A 56 16.80 -29.85 -18.54
C GLU A 56 16.50 -30.95 -19.56
N ILE A 57 15.98 -32.06 -19.08
CA ILE A 57 15.66 -33.19 -19.94
C ILE A 57 14.54 -32.83 -20.89
N GLU A 58 13.71 -31.88 -20.45
CA GLU A 58 12.60 -31.38 -21.26
C GLU A 58 13.12 -30.71 -22.53
N SER A 59 14.38 -30.29 -22.49
CA SER A 59 14.98 -29.61 -23.63
C SER A 59 16.35 -30.19 -23.93
N LEU A 60 16.47 -31.50 -23.78
CA LEU A 60 17.72 -32.20 -24.05
C LEU A 60 17.82 -32.58 -25.52
N ILE A 61 16.70 -33.05 -26.07
CA ILE A 61 16.65 -33.45 -27.46
C ILE A 61 16.50 -32.23 -28.35
N ASP A 62 16.12 -31.12 -27.73
CA ASP A 62 15.94 -29.86 -28.44
C ASP A 62 17.26 -29.37 -29.01
N SER A 63 18.34 -29.69 -28.32
CA SER A 63 19.67 -29.30 -28.77
C SER A 63 20.16 -30.23 -29.88
N ILE A 64 19.54 -31.40 -29.97
CA ILE A 64 19.89 -32.38 -30.96
C ILE A 64 19.12 -32.13 -32.25
N LEU A 65 17.86 -31.74 -32.11
CA LEU A 65 17.00 -31.48 -33.24
C LEU A 65 17.40 -30.18 -33.93
N SER A 66 17.99 -29.26 -33.18
CA SER A 66 18.42 -27.99 -33.72
C SER A 66 19.79 -28.11 -34.38
N SER A 67 20.27 -29.34 -34.48
CA SER A 67 21.54 -29.61 -35.14
C SER A 67 21.38 -30.77 -36.11
N SER A 68 20.14 -31.11 -36.43
CA SER A 68 19.84 -32.18 -37.38
C SER A 68 18.40 -32.09 -37.85
N ALA A 69 17.92 -30.88 -38.07
CA ALA A 69 16.53 -30.68 -38.52
C ALA A 69 16.46 -30.71 -40.04
N GLY A 70 17.61 -30.61 -40.67
CA GLY A 70 17.67 -30.67 -42.12
C GLY A 70 18.58 -31.78 -42.59
N ALA A 71 18.57 -32.88 -41.87
CA ALA A 71 19.45 -34.00 -42.16
C ALA A 71 18.69 -35.11 -42.87
N ASN A 72 17.85 -34.72 -43.83
CA ASN A 72 17.06 -35.69 -44.58
C ASN A 72 17.77 -36.04 -45.88
N SER A 73 19.08 -36.15 -45.81
CA SER A 73 19.89 -36.50 -46.97
C SER A 73 20.55 -37.85 -46.76
N PRO A 74 20.19 -38.86 -47.56
CA PRO A 74 20.77 -40.20 -47.45
C PRO A 74 22.25 -40.19 -47.82
N ARG A 75 23.08 -40.73 -46.95
CA ARG A 75 24.52 -40.76 -47.18
C ARG A 75 24.89 -42.04 -47.92
N ARG A 76 24.72 -42.02 -49.24
CA ARG A 76 24.97 -43.19 -50.06
C ARG A 76 26.19 -42.96 -50.95
N GLY A 77 27.33 -43.45 -50.49
CA GLY A 77 28.57 -43.23 -51.20
C GLY A 77 29.63 -42.62 -50.31
N SER A 78 29.49 -41.32 -50.06
CA SER A 78 30.44 -40.58 -49.23
C SER A 78 31.87 -40.74 -49.78
N ARG A 79 32.00 -40.59 -51.08
CA ARG A 79 33.28 -40.74 -51.75
C ARG A 79 33.20 -40.18 -53.16
N PRO A 80 34.06 -39.21 -53.49
CA PRO A 80 34.15 -38.70 -54.86
C PRO A 80 34.78 -39.74 -55.78
N ASN A 81 34.01 -40.18 -56.76
CA ASN A 81 34.49 -41.18 -57.72
C ASN A 81 35.46 -40.54 -58.70
N SER A 82 36.67 -40.24 -58.21
CA SER A 82 37.71 -39.62 -59.03
C SER A 82 37.22 -38.29 -59.60
N VAL A 83 36.75 -37.42 -58.73
CA VAL A 83 36.21 -36.14 -59.14
C VAL A 83 37.01 -35.00 -58.51
N ILE A 84 37.93 -34.42 -59.29
CA ILE A 84 38.76 -33.31 -58.83
C ILE A 84 39.49 -33.69 -57.56
N SER A 85 40.35 -34.71 -57.67
CA SER A 85 41.06 -35.25 -56.52
C SER A 85 42.27 -34.38 -56.15
N THR A 86 42.45 -33.30 -56.89
CA THR A 86 43.57 -32.39 -56.63
C THR A 86 43.10 -30.94 -56.63
N GLY A 87 41.95 -30.69 -56.01
CA GLY A 87 41.41 -29.34 -56.01
C GLY A 87 40.18 -29.19 -55.15
N GLU A 88 39.33 -30.20 -55.11
CA GLU A 88 38.09 -30.12 -54.36
C GLU A 88 38.32 -30.44 -52.89
N LEU A 89 38.88 -29.48 -52.18
CA LEU A 89 39.10 -29.60 -50.76
C LEU A 89 38.53 -28.37 -50.04
N SER A 90 37.33 -28.52 -49.52
CA SER A 90 36.68 -27.45 -48.79
C SER A 90 36.16 -28.00 -47.46
N THR A 91 36.96 -28.87 -46.86
CA THR A 91 36.60 -29.48 -45.59
C THR A 91 37.85 -29.77 -44.76
N ASP A 92 38.24 -28.79 -43.95
CA ASP A 92 39.40 -28.95 -43.08
C ASP A 92 39.26 -28.03 -41.88
N GLY A 1 -25.32 -9.87 16.91
CA GLY A 1 -26.18 -10.94 17.46
C GLY A 1 -27.54 -10.41 17.88
N ALA A 2 -28.57 -11.24 17.76
CA ALA A 2 -29.92 -10.83 18.09
C ALA A 2 -30.73 -12.00 18.67
N HIS A 3 -30.08 -12.84 19.45
CA HIS A 3 -30.77 -13.94 20.11
C HIS A 3 -31.15 -13.52 21.52
N MET A 4 -30.16 -13.10 22.28
CA MET A 4 -30.37 -12.55 23.61
C MET A 4 -29.10 -11.84 24.06
N MET A 5 -28.66 -10.90 23.25
CA MET A 5 -27.45 -10.14 23.54
C MET A 5 -27.65 -8.70 23.08
N GLN A 6 -28.88 -8.21 23.19
CA GLN A 6 -29.21 -6.88 22.70
C GLN A 6 -28.65 -5.82 23.63
N ALA A 7 -28.61 -6.13 24.92
CA ALA A 7 -28.06 -5.21 25.90
C ALA A 7 -26.59 -4.93 25.61
N ARG A 8 -25.85 -5.99 25.36
CA ARG A 8 -24.44 -5.87 25.01
C ARG A 8 -24.30 -5.28 23.61
N ARG A 9 -25.17 -5.70 22.70
CA ARG A 9 -25.16 -5.16 21.33
C ARG A 9 -25.32 -3.64 21.32
N GLU A 10 -26.14 -3.13 22.22
CA GLU A 10 -26.32 -1.68 22.32
C GLU A 10 -25.03 -1.05 22.82
N GLU A 11 -24.49 -1.65 23.88
CA GLU A 11 -23.21 -1.23 24.44
C GLU A 11 -22.11 -1.34 23.39
N LEU A 12 -22.15 -2.39 22.58
CA LEU A 12 -21.17 -2.60 21.52
C LEU A 12 -21.28 -1.55 20.43
N LEU A 13 -22.49 -1.08 20.14
CA LEU A 13 -22.66 -0.02 19.17
C LEU A 13 -22.15 1.29 19.73
N ALA A 14 -22.37 1.52 21.02
CA ALA A 14 -21.74 2.62 21.71
C ALA A 14 -20.22 2.49 21.66
N LYS A 15 -19.76 1.25 21.79
CA LYS A 15 -18.34 0.94 21.81
C LYS A 15 -17.73 1.04 20.41
N LYS A 16 -18.58 0.97 19.39
CA LYS A 16 -18.15 1.12 17.99
C LYS A 16 -17.33 2.40 17.77
N ALA A 17 -17.45 3.35 18.69
CA ALA A 17 -16.62 4.55 18.67
C ALA A 17 -15.14 4.18 18.70
N ARG A 18 -14.81 3.16 19.48
CA ARG A 18 -13.45 2.64 19.55
C ARG A 18 -13.02 2.05 18.21
N LEU A 19 -13.99 1.60 17.43
CA LEU A 19 -13.73 1.10 16.09
C LEU A 19 -13.52 2.27 15.13
N ALA A 20 -14.28 3.33 15.36
CA ALA A 20 -14.09 4.57 14.64
C ALA A 20 -12.71 5.15 14.94
N GLU A 21 -12.25 4.91 16.16
CA GLU A 21 -10.89 5.25 16.55
C GLU A 21 -9.86 4.57 15.64
N ILE A 22 -10.11 3.30 15.33
CA ILE A 22 -9.27 2.56 14.41
C ILE A 22 -9.30 3.19 13.02
N LYS A 23 -10.48 3.60 12.59
CA LYS A 23 -10.62 4.31 11.33
C LYS A 23 -9.88 5.64 11.36
N ARG A 24 -9.94 6.32 12.50
CA ARG A 24 -9.31 7.62 12.67
C ARG A 24 -7.81 7.53 12.42
N GLN A 25 -7.16 6.64 13.16
CA GLN A 25 -5.72 6.42 13.01
C GLN A 25 -5.37 6.02 11.57
N ARG A 26 -6.25 5.25 10.94
CA ARG A 26 -6.08 4.88 9.54
C ARG A 26 -6.17 6.10 8.62
N GLU A 27 -7.21 6.90 8.83
CA GLU A 27 -7.42 8.10 8.04
C GLU A 27 -6.28 9.08 8.25
N LEU A 28 -5.77 9.12 9.48
CA LEU A 28 -4.61 9.93 9.82
C LEU A 28 -3.38 9.43 9.06
N ARG A 29 -3.22 8.12 9.02
CA ARG A 29 -2.08 7.50 8.34
C ARG A 29 -2.17 7.75 6.84
N ALA A 30 -3.39 7.77 6.31
CA ALA A 30 -3.61 8.01 4.89
C ALA A 30 -3.28 9.46 4.54
N GLN A 31 -3.38 10.33 5.53
CA GLN A 31 -3.05 11.73 5.34
C GLN A 31 -1.55 11.94 5.50
N GLN A 32 -0.96 11.13 6.38
CA GLN A 32 0.46 11.24 6.68
C GLN A 32 1.30 10.59 5.58
N ALA A 33 1.12 9.29 5.39
CA ALA A 33 1.90 8.56 4.42
C ALA A 33 1.43 8.86 3.00
N ALA A 34 0.11 8.72 2.81
CA ALA A 34 -0.54 9.00 1.53
C ALA A 34 -0.08 8.07 0.42
N GLY A 35 0.71 7.07 0.81
CA GLY A 35 1.28 6.16 -0.15
C GLY A 35 2.22 6.85 -1.12
N ARG A 36 2.94 7.85 -0.60
CA ARG A 36 3.80 8.66 -1.44
C ARG A 36 5.15 7.98 -1.70
N SER A 37 5.51 7.01 -0.87
CA SER A 37 6.79 6.33 -1.00
C SER A 37 6.60 4.83 -1.18
N ILE A 38 5.92 4.46 -2.27
CA ILE A 38 5.70 3.07 -2.59
C ILE A 38 6.39 2.72 -3.89
N THR A 39 7.66 2.36 -3.80
CA THR A 39 8.44 1.99 -4.98
C THR A 39 9.36 0.82 -4.67
N PRO A 40 8.88 -0.41 -4.88
CA PRO A 40 9.69 -1.63 -4.72
C PRO A 40 10.78 -1.71 -5.78
N SER A 41 12.00 -1.96 -5.35
CA SER A 41 13.13 -2.08 -6.28
C SER A 41 14.13 -3.11 -5.79
N GLU A 42 13.65 -4.03 -4.97
CA GLU A 42 14.49 -5.09 -4.45
C GLU A 42 13.66 -6.33 -4.18
N LEU A 43 13.39 -7.09 -5.23
CA LEU A 43 12.59 -8.30 -5.13
C LEU A 43 13.49 -9.52 -4.94
N VAL A 44 14.55 -9.31 -4.17
CA VAL A 44 15.57 -10.33 -3.86
C VAL A 44 15.89 -11.22 -5.07
N SER A 45 16.33 -10.58 -6.15
CA SER A 45 16.65 -11.25 -7.39
C SER A 45 17.94 -10.71 -8.01
N PRO A 46 19.11 -11.11 -7.48
CA PRO A 46 20.40 -10.68 -8.01
C PRO A 46 20.92 -11.64 -9.08
N THR A 47 20.00 -12.18 -9.87
CA THR A 47 20.34 -13.15 -10.89
C THR A 47 20.15 -12.57 -12.29
N PRO A 48 21.24 -12.14 -12.96
CA PRO A 48 21.18 -11.61 -14.32
C PRO A 48 20.99 -12.69 -15.37
N SER A 49 20.00 -13.56 -15.14
CA SER A 49 19.70 -14.67 -16.04
C SER A 49 20.93 -15.56 -16.22
N ARG A 50 21.68 -15.72 -15.15
CA ARG A 50 22.93 -16.47 -15.18
C ARG A 50 23.32 -16.88 -13.76
N ALA A 51 23.83 -18.11 -13.62
CA ALA A 51 24.25 -18.64 -12.32
C ALA A 51 23.08 -18.67 -11.35
N ASN A 52 22.14 -19.56 -11.60
CA ASN A 52 20.92 -19.66 -10.80
C ASN A 52 21.17 -20.52 -9.57
N SER A 53 22.20 -20.18 -8.81
CA SER A 53 22.60 -20.94 -7.64
C SER A 53 23.02 -22.35 -8.04
N ARG A 54 24.27 -22.48 -8.47
CA ARG A 54 24.79 -23.77 -8.93
C ARG A 54 24.97 -24.70 -7.75
N ARG A 55 25.84 -24.30 -6.83
CA ARG A 55 26.14 -25.07 -5.62
C ARG A 55 26.56 -26.50 -5.98
N GLU A 56 27.85 -26.67 -6.22
CA GLU A 56 28.42 -27.97 -6.56
C GLU A 56 29.91 -27.95 -6.32
N ILE A 57 30.29 -28.16 -5.06
CA ILE A 57 31.68 -28.10 -4.63
C ILE A 57 32.44 -29.28 -5.23
N GLU A 58 31.71 -30.35 -5.51
CA GLU A 58 32.31 -31.57 -6.05
C GLU A 58 32.96 -31.30 -7.41
N SER A 59 32.33 -30.44 -8.20
CA SER A 59 32.84 -30.12 -9.53
C SER A 59 33.98 -29.11 -9.44
N LEU A 60 33.96 -28.28 -8.39
CA LEU A 60 35.03 -27.31 -8.18
C LEU A 60 36.30 -28.02 -7.72
N ILE A 61 36.13 -29.02 -6.86
CA ILE A 61 37.25 -29.81 -6.39
C ILE A 61 37.74 -30.74 -7.50
N ASP A 62 36.82 -31.13 -8.37
CA ASP A 62 37.15 -31.97 -9.51
C ASP A 62 38.06 -31.22 -10.47
N SER A 63 37.86 -29.91 -10.54
CA SER A 63 38.69 -29.06 -11.38
C SER A 63 40.14 -29.11 -10.89
N ILE A 64 40.32 -29.09 -9.58
CA ILE A 64 41.63 -29.10 -8.96
C ILE A 64 42.23 -30.52 -9.04
N LEU A 65 41.33 -31.49 -9.10
CA LEU A 65 41.70 -32.90 -9.10
C LEU A 65 42.31 -33.31 -10.43
N SER A 66 42.12 -32.47 -11.45
CA SER A 66 42.61 -32.78 -12.78
C SER A 66 43.32 -31.56 -13.38
N SER A 67 44.09 -30.87 -12.56
CA SER A 67 44.89 -29.74 -13.02
C SER A 67 46.23 -29.70 -12.31
N SER A 68 46.21 -29.59 -10.98
CA SER A 68 47.42 -29.49 -10.20
C SER A 68 47.71 -30.80 -9.47
N ALA A 69 47.58 -31.90 -10.19
CA ALA A 69 47.85 -33.22 -9.63
C ALA A 69 49.36 -33.46 -9.54
N GLY A 70 49.98 -32.88 -8.53
CA GLY A 70 51.41 -32.98 -8.38
C GLY A 70 52.03 -31.61 -8.24
N ALA A 71 53.20 -31.42 -8.84
CA ALA A 71 53.87 -30.13 -8.81
C ALA A 71 53.33 -29.23 -9.92
N ASN A 72 52.16 -28.64 -9.67
CA ASN A 72 51.52 -27.69 -10.60
C ASN A 72 50.84 -28.41 -11.76
N SER A 73 51.58 -29.27 -12.42
CA SER A 73 51.07 -29.97 -13.60
C SER A 73 51.18 -31.48 -13.44
N PRO A 74 50.19 -32.22 -13.98
CA PRO A 74 50.23 -33.68 -13.97
C PRO A 74 51.04 -34.23 -15.13
N ARG A 75 51.80 -35.28 -14.88
CA ARG A 75 52.63 -35.86 -15.92
C ARG A 75 51.80 -36.86 -16.74
N ARG A 76 50.78 -36.33 -17.39
CA ARG A 76 49.89 -37.14 -18.20
C ARG A 76 50.30 -37.08 -19.66
N GLY A 77 51.40 -37.75 -19.98
CA GLY A 77 51.89 -37.78 -21.34
C GLY A 77 52.78 -36.59 -21.66
N SER A 78 52.33 -35.40 -21.25
CA SER A 78 53.04 -34.15 -21.54
C SER A 78 53.21 -33.98 -23.04
N ARG A 79 52.11 -34.13 -23.76
CA ARG A 79 52.10 -34.05 -25.20
C ARG A 79 50.69 -33.79 -25.69
N PRO A 80 50.29 -32.51 -25.79
CA PRO A 80 48.93 -32.12 -26.16
C PRO A 80 48.62 -32.51 -27.60
N ASN A 81 47.84 -33.57 -27.77
CA ASN A 81 47.45 -34.03 -29.10
C ASN A 81 46.29 -33.21 -29.63
N SER A 82 46.45 -31.90 -29.63
CA SER A 82 45.41 -30.98 -30.06
C SER A 82 45.39 -30.87 -31.58
N VAL A 83 44.92 -31.91 -32.24
CA VAL A 83 44.81 -31.91 -33.69
C VAL A 83 43.35 -31.74 -34.09
N ILE A 84 42.83 -30.55 -33.85
CA ILE A 84 41.44 -30.25 -34.12
C ILE A 84 41.35 -29.33 -35.34
N SER A 85 41.44 -29.92 -36.51
CA SER A 85 41.37 -29.16 -37.76
C SER A 85 39.91 -29.00 -38.22
N THR A 86 38.98 -29.51 -37.41
CA THR A 86 37.57 -29.40 -37.72
C THR A 86 36.75 -29.43 -36.42
N GLY A 87 36.40 -28.27 -35.91
CA GLY A 87 35.61 -28.20 -34.71
C GLY A 87 35.74 -26.88 -33.99
N GLU A 88 35.90 -25.80 -34.75
CA GLU A 88 36.02 -24.47 -34.17
C GLU A 88 35.28 -23.44 -35.01
N LEU A 89 34.03 -23.76 -35.33
CA LEU A 89 33.17 -22.85 -36.06
C LEU A 89 31.79 -22.82 -35.42
N SER A 90 31.03 -21.78 -35.71
CA SER A 90 29.68 -21.65 -35.15
C SER A 90 28.63 -22.04 -36.19
N THR A 91 28.87 -23.16 -36.86
CA THR A 91 27.93 -23.68 -37.85
C THR A 91 27.13 -24.84 -37.25
N ASP A 92 26.84 -24.73 -35.96
CA ASP A 92 26.08 -25.74 -35.23
C ASP A 92 25.78 -25.23 -33.83
N GLY A 1 -25.19 -5.99 36.49
CA GLY A 1 -25.31 -6.07 35.02
C GLY A 1 -26.67 -6.56 34.60
N ALA A 2 -26.76 -7.02 33.35
CA ALA A 2 -28.00 -7.59 32.80
C ALA A 2 -29.14 -6.59 32.88
N HIS A 3 -28.87 -5.35 32.49
CA HIS A 3 -29.89 -4.30 32.49
C HIS A 3 -30.66 -4.32 31.18
N MET A 4 -30.06 -4.92 30.15
CA MET A 4 -30.68 -5.11 28.84
C MET A 4 -31.51 -3.88 28.42
N MET A 5 -30.86 -2.73 28.47
CA MET A 5 -31.51 -1.47 28.14
C MET A 5 -30.80 -0.85 26.93
N GLN A 6 -31.28 0.29 26.45
CA GLN A 6 -30.65 0.96 25.30
C GLN A 6 -29.16 1.22 25.57
N ALA A 7 -28.81 1.34 26.85
CA ALA A 7 -27.42 1.52 27.27
C ALA A 7 -26.54 0.38 26.76
N ARG A 8 -27.12 -0.80 26.59
CA ARG A 8 -26.40 -1.96 26.08
C ARG A 8 -26.11 -1.78 24.59
N ARG A 9 -27.09 -1.23 23.87
CA ARG A 9 -26.92 -0.89 22.47
C ARG A 9 -25.91 0.25 22.35
N GLU A 10 -25.93 1.12 23.36
CA GLU A 10 -24.97 2.20 23.46
C GLU A 10 -23.56 1.63 23.63
N GLU A 11 -23.43 0.68 24.56
CA GLU A 11 -22.19 -0.07 24.74
C GLU A 11 -21.73 -0.72 23.44
N LEU A 12 -22.68 -1.08 22.60
CA LEU A 12 -22.37 -1.69 21.32
C LEU A 12 -21.76 -0.65 20.38
N LEU A 13 -22.46 0.47 20.21
CA LEU A 13 -21.95 1.59 19.42
C LEU A 13 -20.64 2.13 19.99
N ALA A 14 -20.52 2.11 21.32
CA ALA A 14 -19.28 2.48 21.98
C ALA A 14 -18.17 1.50 21.60
N LYS A 15 -18.53 0.22 21.58
CA LYS A 15 -17.61 -0.84 21.24
C LYS A 15 -17.22 -0.74 19.77
N LYS A 16 -18.15 -0.23 18.96
CA LYS A 16 -17.90 0.01 17.55
C LYS A 16 -17.01 1.23 17.38
N ALA A 17 -17.17 2.20 18.27
CA ALA A 17 -16.36 3.42 18.24
C ALA A 17 -14.88 3.11 18.40
N ARG A 18 -14.57 2.01 19.06
CA ARG A 18 -13.20 1.54 19.19
C ARG A 18 -12.62 1.20 17.82
N LEU A 19 -13.43 0.53 17.00
CA LEU A 19 -13.02 0.19 15.64
C LEU A 19 -13.02 1.43 14.76
N ALA A 20 -13.99 2.30 15.01
CA ALA A 20 -14.05 3.59 14.33
C ALA A 20 -12.82 4.43 14.65
N GLU A 21 -12.31 4.25 15.87
CA GLU A 21 -11.10 4.93 16.30
C GLU A 21 -9.93 4.50 15.42
N ILE A 22 -9.76 3.19 15.27
CA ILE A 22 -8.73 2.63 14.40
C ILE A 22 -8.89 3.14 12.97
N LYS A 23 -10.13 3.12 12.48
CA LYS A 23 -10.45 3.63 11.14
C LYS A 23 -10.04 5.10 11.00
N ARG A 24 -10.35 5.87 12.04
CA ARG A 24 -10.03 7.30 12.07
C ARG A 24 -8.52 7.51 12.16
N GLN A 25 -7.85 6.70 12.96
CA GLN A 25 -6.41 6.78 13.12
C GLN A 25 -5.70 6.47 11.81
N ARG A 26 -6.32 5.60 11.02
CA ARG A 26 -5.84 5.29 9.68
C ARG A 26 -5.86 6.54 8.81
N GLU A 27 -6.99 7.24 8.83
CA GLU A 27 -7.13 8.50 8.10
C GLU A 27 -6.18 9.56 8.66
N LEU A 28 -5.92 9.44 9.95
CA LEU A 28 -5.05 10.37 10.65
C LEU A 28 -3.62 10.15 10.20
N ARG A 29 -3.20 8.89 10.22
CA ARG A 29 -1.90 8.50 9.72
C ARG A 29 -1.74 8.88 8.26
N ALA A 30 -2.78 8.67 7.46
CA ALA A 30 -2.76 9.08 6.06
C ALA A 30 -2.54 10.58 5.91
N GLN A 31 -3.00 11.35 6.88
CA GLN A 31 -2.78 12.80 6.86
C GLN A 31 -1.35 13.09 7.28
N GLN A 32 -0.82 12.26 8.16
CA GLN A 32 0.53 12.41 8.67
C GLN A 32 1.55 12.01 7.61
N ALA A 33 1.28 10.88 6.94
CA ALA A 33 2.14 10.40 5.87
C ALA A 33 1.96 11.26 4.60
N ALA A 34 0.73 11.75 4.45
CA ALA A 34 0.39 12.68 3.37
C ALA A 34 0.42 11.98 2.01
N GLY A 35 0.02 10.73 2.00
CA GLY A 35 -0.02 9.97 0.76
C GLY A 35 0.33 8.51 0.96
N ARG A 36 -0.57 7.77 1.58
CA ARG A 36 -0.37 6.34 1.77
C ARG A 36 -1.30 5.56 0.84
N SER A 37 -1.00 5.63 -0.45
CA SER A 37 -1.77 4.93 -1.47
C SER A 37 -0.86 4.58 -2.65
N ILE A 38 0.14 3.77 -2.40
CA ILE A 38 1.14 3.44 -3.42
C ILE A 38 1.30 1.94 -3.60
N THR A 39 2.05 1.59 -4.63
CA THR A 39 2.40 0.20 -4.89
C THR A 39 3.88 0.11 -5.25
N PRO A 40 4.74 0.03 -4.22
CA PRO A 40 6.19 0.03 -4.41
C PRO A 40 6.67 -1.21 -5.15
N SER A 41 7.32 -1.00 -6.27
CA SER A 41 7.82 -2.10 -7.08
C SER A 41 9.11 -1.70 -7.77
N GLU A 42 10.15 -2.49 -7.54
CA GLU A 42 11.44 -2.26 -8.17
C GLU A 42 11.47 -2.99 -9.51
N LEU A 43 10.42 -2.74 -10.30
CA LEU A 43 10.21 -3.39 -11.59
C LEU A 43 10.15 -4.91 -11.40
N VAL A 44 9.02 -5.37 -10.89
CA VAL A 44 8.79 -6.79 -10.71
C VAL A 44 7.88 -7.28 -11.84
N SER A 45 8.32 -7.03 -13.05
CA SER A 45 7.57 -7.40 -14.24
C SER A 45 8.49 -7.46 -15.45
N PRO A 46 9.21 -8.57 -15.63
CA PRO A 46 10.17 -8.75 -16.72
C PRO A 46 9.48 -9.16 -18.01
N THR A 47 8.26 -8.70 -18.19
CA THR A 47 7.47 -9.05 -19.36
C THR A 47 7.25 -7.84 -20.26
N PRO A 48 8.07 -7.69 -21.32
CA PRO A 48 7.92 -6.61 -22.29
C PRO A 48 6.91 -6.96 -23.39
N SER A 49 5.65 -6.64 -23.17
CA SER A 49 4.58 -6.86 -24.15
C SER A 49 4.51 -8.33 -24.57
N ARG A 50 4.16 -9.18 -23.63
CA ARG A 50 4.03 -10.61 -23.87
C ARG A 50 2.73 -11.11 -23.28
N ALA A 51 2.22 -12.21 -23.83
CA ALA A 51 0.99 -12.82 -23.33
C ALA A 51 1.26 -13.57 -22.04
N ASN A 52 1.34 -12.83 -20.94
CA ASN A 52 1.67 -13.40 -19.65
C ASN A 52 0.41 -13.80 -18.87
N SER A 53 -0.63 -14.17 -19.62
CA SER A 53 -1.88 -14.58 -19.02
C SER A 53 -2.36 -15.89 -19.63
N ARG A 54 -1.44 -16.84 -19.75
CA ARG A 54 -1.78 -18.15 -20.31
C ARG A 54 -2.70 -18.90 -19.35
N ARG A 55 -2.38 -18.84 -18.06
CA ARG A 55 -3.19 -19.49 -17.04
C ARG A 55 -2.76 -18.98 -15.66
N GLU A 56 -1.49 -19.20 -15.33
CA GLU A 56 -0.94 -18.75 -14.07
C GLU A 56 0.57 -18.85 -14.08
N ILE A 57 1.22 -17.90 -14.74
CA ILE A 57 2.67 -17.87 -14.81
C ILE A 57 3.28 -17.45 -13.47
N GLU A 58 2.49 -16.72 -12.68
CA GLU A 58 2.92 -16.30 -11.35
C GLU A 58 3.04 -17.51 -10.43
N SER A 59 2.52 -18.64 -10.91
CA SER A 59 2.70 -19.93 -10.25
C SER A 59 1.85 -20.06 -8.99
N LEU A 60 0.62 -19.56 -9.05
CA LEU A 60 -0.34 -19.78 -7.96
C LEU A 60 -0.69 -21.26 -7.88
N ILE A 61 -0.48 -21.95 -8.99
CA ILE A 61 -0.80 -23.38 -9.08
C ILE A 61 0.14 -24.19 -8.19
N ASP A 62 1.27 -23.60 -7.86
CA ASP A 62 2.28 -24.27 -7.03
C ASP A 62 1.74 -24.55 -5.63
N SER A 63 1.04 -23.58 -5.08
CA SER A 63 0.47 -23.74 -3.74
C SER A 63 -0.81 -24.57 -3.79
N ILE A 64 -1.39 -24.65 -4.98
CA ILE A 64 -2.59 -25.44 -5.18
C ILE A 64 -2.22 -26.91 -5.33
N LEU A 65 -1.10 -27.17 -5.97
CA LEU A 65 -0.63 -28.53 -6.19
C LEU A 65 -0.19 -29.17 -4.87
N SER A 66 0.02 -28.33 -3.87
CA SER A 66 0.41 -28.80 -2.55
C SER A 66 -0.74 -28.66 -1.55
N SER A 67 -1.95 -28.49 -2.08
CA SER A 67 -3.13 -28.38 -1.22
C SER A 67 -4.26 -29.26 -1.75
N SER A 68 -4.30 -29.44 -3.06
CA SER A 68 -5.30 -30.33 -3.66
C SER A 68 -4.62 -31.40 -4.49
N ALA A 69 -3.69 -32.13 -3.87
CA ALA A 69 -3.03 -33.26 -4.53
C ALA A 69 -3.91 -34.49 -4.41
N GLY A 70 -5.12 -34.28 -3.94
CA GLY A 70 -6.09 -35.34 -3.82
C GLY A 70 -7.44 -34.79 -3.41
N ALA A 71 -8.50 -35.52 -3.69
CA ALA A 71 -9.85 -35.08 -3.38
C ALA A 71 -10.21 -35.40 -1.93
N ASN A 72 -9.26 -35.19 -1.03
CA ASN A 72 -9.45 -35.50 0.38
C ASN A 72 -9.30 -34.25 1.24
N SER A 73 -9.76 -33.13 0.70
CA SER A 73 -9.74 -31.86 1.41
C SER A 73 -10.58 -30.83 0.64
N PRO A 74 -10.30 -30.58 -0.67
CA PRO A 74 -11.13 -29.70 -1.48
C PRO A 74 -12.46 -30.36 -1.85
N ARG A 75 -13.42 -30.28 -0.95
CA ARG A 75 -14.71 -30.92 -1.18
C ARG A 75 -15.81 -29.88 -1.32
N ARG A 76 -15.48 -28.79 -1.99
CA ARG A 76 -16.44 -27.77 -2.35
C ARG A 76 -16.80 -27.95 -3.83
N GLY A 77 -16.71 -29.19 -4.27
CA GLY A 77 -16.95 -29.55 -5.64
C GLY A 77 -16.58 -30.99 -5.87
N SER A 78 -17.21 -31.63 -6.84
CA SER A 78 -16.96 -33.04 -7.09
C SER A 78 -16.93 -33.32 -8.58
N ARG A 79 -15.72 -33.38 -9.13
CA ARG A 79 -15.50 -33.69 -10.54
C ARG A 79 -14.06 -34.10 -10.73
N PRO A 80 -13.79 -35.17 -11.52
CA PRO A 80 -12.43 -35.63 -11.80
C PRO A 80 -11.56 -34.51 -12.36
N ASN A 81 -10.79 -33.89 -11.47
CA ASN A 81 -9.95 -32.75 -11.84
C ASN A 81 -8.49 -33.14 -11.93
N SER A 82 -8.27 -34.40 -12.29
CA SER A 82 -6.93 -34.93 -12.43
C SER A 82 -6.89 -35.91 -13.59
N VAL A 83 -6.23 -35.51 -14.68
CA VAL A 83 -6.19 -36.32 -15.89
C VAL A 83 -5.19 -37.47 -15.72
N ILE A 84 -5.65 -38.53 -15.08
CA ILE A 84 -4.85 -39.72 -14.82
C ILE A 84 -3.53 -39.33 -14.14
N SER A 85 -3.65 -38.49 -13.13
CA SER A 85 -2.49 -38.05 -12.37
C SER A 85 -2.19 -39.04 -11.25
N THR A 86 -3.13 -39.97 -11.01
CA THR A 86 -2.98 -40.96 -9.96
C THR A 86 -2.70 -42.34 -10.53
N GLY A 87 -2.34 -42.38 -11.81
CA GLY A 87 -2.07 -43.63 -12.47
C GLY A 87 -1.14 -43.45 -13.65
N GLU A 88 -0.04 -42.75 -13.43
CA GLU A 88 0.92 -42.48 -14.49
C GLU A 88 2.31 -42.29 -13.91
N LEU A 89 2.83 -43.34 -13.30
CA LEU A 89 4.17 -43.32 -12.72
C LEU A 89 4.89 -44.63 -13.03
N SER A 90 4.61 -45.17 -14.20
CA SER A 90 5.20 -46.42 -14.62
C SER A 90 6.28 -46.19 -15.68
N THR A 91 7.16 -45.23 -15.42
CA THR A 91 8.22 -44.90 -16.35
C THR A 91 9.58 -44.87 -15.62
N ASP A 92 10.10 -46.05 -15.32
CA ASP A 92 11.41 -46.17 -14.68
C ASP A 92 12.21 -47.26 -15.36
N GLY A 1 -39.11 4.73 23.75
CA GLY A 1 -38.45 4.23 22.52
C GLY A 1 -37.31 3.28 22.83
N ALA A 2 -37.59 2.26 23.62
CA ALA A 2 -36.59 1.27 23.99
C ALA A 2 -37.24 -0.09 24.23
N HIS A 3 -37.41 -0.85 23.15
CA HIS A 3 -38.04 -2.17 23.26
C HIS A 3 -36.99 -3.27 23.22
N MET A 4 -35.80 -2.94 22.75
CA MET A 4 -34.72 -3.91 22.66
C MET A 4 -33.52 -3.43 23.47
N MET A 5 -33.83 -2.80 24.60
CA MET A 5 -32.83 -2.24 25.52
C MET A 5 -31.89 -1.27 24.80
N GLN A 6 -32.38 -0.05 24.59
CA GLN A 6 -31.62 0.98 23.87
C GLN A 6 -30.36 1.33 24.65
N ALA A 7 -30.41 1.15 25.96
CA ALA A 7 -29.27 1.38 26.82
C ALA A 7 -28.07 0.53 26.40
N ARG A 8 -28.34 -0.75 26.16
CA ARG A 8 -27.29 -1.68 25.76
C ARG A 8 -26.88 -1.43 24.31
N ARG A 9 -27.84 -0.94 23.52
CA ARG A 9 -27.59 -0.63 22.12
C ARG A 9 -26.64 0.57 22.02
N GLU A 10 -26.91 1.59 22.81
CA GLU A 10 -26.06 2.77 22.85
C GLU A 10 -24.66 2.37 23.33
N GLU A 11 -24.61 1.66 24.45
CA GLU A 11 -23.35 1.13 24.97
C GLU A 11 -22.60 0.30 23.93
N LEU A 12 -23.32 -0.45 23.10
CA LEU A 12 -22.68 -1.29 22.11
C LEU A 12 -22.09 -0.41 21.01
N LEU A 13 -22.88 0.53 20.51
CA LEU A 13 -22.40 1.49 19.52
C LEU A 13 -21.26 2.34 20.07
N ALA A 14 -21.29 2.60 21.37
CA ALA A 14 -20.21 3.27 22.06
C ALA A 14 -18.93 2.43 21.96
N LYS A 15 -19.09 1.14 22.17
CA LYS A 15 -17.99 0.20 22.06
C LYS A 15 -17.58 -0.01 20.61
N LYS A 16 -18.55 0.17 19.72
CA LYS A 16 -18.33 0.02 18.29
C LYS A 16 -17.40 1.13 17.78
N ALA A 17 -17.33 2.21 18.56
CA ALA A 17 -16.48 3.35 18.24
C ALA A 17 -15.01 2.95 18.24
N ARG A 18 -14.70 1.82 18.85
CA ARG A 18 -13.34 1.27 18.83
C ARG A 18 -12.85 1.09 17.40
N LEU A 19 -13.72 0.57 16.53
CA LEU A 19 -13.38 0.40 15.13
C LEU A 19 -13.21 1.75 14.45
N ALA A 20 -14.03 2.71 14.86
CA ALA A 20 -13.93 4.07 14.36
C ALA A 20 -12.59 4.67 14.76
N GLU A 21 -12.13 4.33 15.96
CA GLU A 21 -10.83 4.79 16.45
C GLU A 21 -9.71 4.21 15.59
N ILE A 22 -9.73 2.91 15.38
CA ILE A 22 -8.75 2.25 14.54
C ILE A 22 -8.75 2.84 13.13
N LYS A 23 -9.95 3.02 12.58
CA LYS A 23 -10.11 3.64 11.27
C LYS A 23 -9.59 5.07 11.28
N ARG A 24 -9.85 5.77 12.37
CA ARG A 24 -9.44 7.17 12.51
C ARG A 24 -7.92 7.30 12.48
N GLN A 25 -7.23 6.32 13.04
CA GLN A 25 -5.77 6.29 13.00
C GLN A 25 -5.29 6.20 11.56
N ARG A 26 -5.96 5.37 10.78
CA ARG A 26 -5.66 5.23 9.37
C ARG A 26 -5.93 6.53 8.63
N GLU A 27 -7.13 7.07 8.80
CA GLU A 27 -7.52 8.32 8.16
C GLU A 27 -6.69 9.49 8.67
N LEU A 28 -6.10 9.32 9.85
CA LEU A 28 -5.23 10.32 10.41
C LEU A 28 -3.95 10.37 9.59
N ARG A 29 -3.35 9.20 9.41
CA ARG A 29 -2.18 9.03 8.58
C ARG A 29 -2.48 9.43 7.12
N ALA A 30 -3.73 9.25 6.71
CA ALA A 30 -4.13 9.56 5.34
C ALA A 30 -4.11 11.06 5.11
N GLN A 31 -4.66 11.81 6.05
CA GLN A 31 -4.65 13.26 5.97
C GLN A 31 -3.27 13.81 6.32
N GLN A 32 -2.53 13.07 7.14
CA GLN A 32 -1.22 13.49 7.59
C GLN A 32 -0.19 13.35 6.48
N ALA A 33 -0.15 12.15 5.87
CA ALA A 33 0.77 11.88 4.79
C ALA A 33 0.31 12.56 3.51
N ALA A 34 -0.95 12.35 3.16
CA ALA A 34 -1.56 12.99 1.99
C ALA A 34 -0.75 12.70 0.72
N GLY A 35 -0.39 11.43 0.56
CA GLY A 35 0.26 10.99 -0.66
C GLY A 35 1.66 11.55 -0.85
N ARG A 36 2.40 11.71 0.24
CA ARG A 36 3.79 12.16 0.17
C ARG A 36 4.74 10.98 0.10
N SER A 37 4.52 10.10 -0.89
CA SER A 37 5.32 8.91 -1.08
C SER A 37 5.19 7.96 0.11
N ILE A 38 4.07 7.26 0.18
CA ILE A 38 3.82 6.31 1.25
C ILE A 38 3.34 4.98 0.70
N THR A 39 4.10 4.44 -0.25
CA THR A 39 3.79 3.15 -0.82
C THR A 39 4.87 2.14 -0.48
N PRO A 40 4.83 1.57 0.74
CA PRO A 40 5.81 0.60 1.20
C PRO A 40 5.34 -0.83 0.94
N SER A 41 5.02 -1.11 -0.31
CA SER A 41 4.53 -2.43 -0.69
C SER A 41 5.44 -3.04 -1.73
N GLU A 42 6.74 -2.84 -1.56
CA GLU A 42 7.74 -3.43 -2.44
C GLU A 42 8.94 -3.85 -1.62
N LEU A 43 8.65 -4.53 -0.51
CA LEU A 43 9.68 -4.95 0.43
C LEU A 43 9.92 -6.45 0.35
N VAL A 44 9.72 -6.99 -0.85
CA VAL A 44 9.88 -8.42 -1.10
C VAL A 44 8.75 -9.22 -0.46
N SER A 45 7.83 -9.67 -1.28
CA SER A 45 6.72 -10.48 -0.83
C SER A 45 6.51 -11.67 -1.76
N PRO A 46 7.27 -12.77 -1.54
CA PRO A 46 7.21 -13.97 -2.37
C PRO A 46 5.95 -14.80 -2.14
N THR A 47 5.02 -14.28 -1.36
CA THR A 47 3.73 -14.94 -1.16
C THR A 47 2.61 -14.13 -1.81
N PRO A 48 2.20 -14.50 -3.04
CA PRO A 48 1.14 -13.82 -3.77
C PRO A 48 -0.24 -14.38 -3.44
N SER A 49 -0.53 -14.49 -2.14
CA SER A 49 -1.81 -14.99 -1.69
C SER A 49 -2.87 -13.91 -1.81
N ARG A 50 -3.55 -13.89 -2.96
CA ARG A 50 -4.62 -12.94 -3.23
C ARG A 50 -4.09 -11.51 -3.13
N ALA A 51 -3.28 -11.11 -4.12
CA ALA A 51 -2.68 -9.79 -4.14
C ALA A 51 -3.47 -8.85 -5.05
N ASN A 52 -4.71 -9.23 -5.32
CA ASN A 52 -5.59 -8.45 -6.17
C ASN A 52 -7.04 -8.71 -5.76
N SER A 53 -7.83 -7.63 -5.64
CA SER A 53 -9.25 -7.71 -5.24
C SER A 53 -9.45 -8.52 -3.95
N ARG A 54 -9.53 -7.81 -2.82
CA ARG A 54 -9.74 -8.44 -1.53
C ARG A 54 -11.07 -8.00 -0.91
N ARG A 55 -12.14 -8.14 -1.66
CA ARG A 55 -13.45 -7.75 -1.17
C ARG A 55 -14.56 -8.41 -1.99
N GLU A 56 -14.72 -9.72 -1.79
CA GLU A 56 -15.72 -10.49 -2.51
C GLU A 56 -16.11 -11.71 -1.68
N ILE A 57 -16.92 -11.47 -0.66
CA ILE A 57 -17.41 -12.54 0.20
C ILE A 57 -18.37 -13.45 -0.57
N GLU A 58 -18.97 -12.86 -1.60
CA GLU A 58 -19.90 -13.57 -2.46
C GLU A 58 -19.22 -14.72 -3.18
N SER A 59 -17.91 -14.61 -3.35
CA SER A 59 -17.14 -15.63 -4.04
C SER A 59 -16.03 -16.19 -3.14
N LEU A 60 -16.31 -16.25 -1.85
CA LEU A 60 -15.37 -16.85 -0.90
C LEU A 60 -15.78 -18.28 -0.56
N ILE A 61 -17.09 -18.51 -0.47
CA ILE A 61 -17.61 -19.80 -0.02
C ILE A 61 -17.22 -20.90 -0.99
N ASP A 62 -17.31 -20.59 -2.27
CA ASP A 62 -16.98 -21.55 -3.32
C ASP A 62 -15.50 -21.87 -3.31
N SER A 63 -14.70 -20.95 -2.80
CA SER A 63 -13.26 -21.16 -2.72
C SER A 63 -12.93 -21.94 -1.45
N ILE A 64 -13.66 -21.66 -0.37
CA ILE A 64 -13.49 -22.36 0.89
C ILE A 64 -13.90 -23.82 0.75
N LEU A 65 -14.82 -24.04 -0.18
CA LEU A 65 -15.30 -25.38 -0.49
C LEU A 65 -14.15 -26.27 -1.00
N SER A 66 -13.10 -25.63 -1.49
CA SER A 66 -11.96 -26.36 -2.03
C SER A 66 -10.69 -25.97 -1.27
N SER A 67 -10.88 -25.55 -0.01
CA SER A 67 -9.76 -25.20 0.86
C SER A 67 -10.16 -25.38 2.32
N SER A 68 -10.58 -26.59 2.66
CA SER A 68 -11.02 -26.90 4.02
C SER A 68 -10.82 -28.38 4.31
N ALA A 69 -9.65 -28.89 3.94
CA ALA A 69 -9.36 -30.32 4.09
C ALA A 69 -8.80 -30.63 5.47
N GLY A 70 -8.77 -29.63 6.34
CA GLY A 70 -8.32 -29.85 7.70
C GLY A 70 -7.04 -29.10 8.01
N ALA A 71 -7.12 -28.14 8.94
CA ALA A 71 -5.94 -27.38 9.35
C ALA A 71 -5.19 -28.11 10.47
N ASN A 72 -5.63 -29.31 10.78
CA ASN A 72 -5.00 -30.12 11.83
C ASN A 72 -5.32 -31.58 11.58
N SER A 73 -4.72 -32.13 10.55
CA SER A 73 -4.95 -33.51 10.18
C SER A 73 -3.62 -34.19 9.84
N PRO A 74 -3.46 -35.46 10.24
CA PRO A 74 -2.24 -36.23 9.95
C PRO A 74 -2.01 -36.35 8.45
N ARG A 75 -0.77 -36.15 8.03
CA ARG A 75 -0.42 -36.19 6.62
C ARG A 75 -0.54 -37.61 6.08
N ARG A 76 -1.48 -37.80 5.16
CA ARG A 76 -1.70 -39.10 4.55
C ARG A 76 -1.69 -38.95 3.04
N GLY A 77 -0.51 -38.90 2.45
CA GLY A 77 -0.41 -38.68 1.02
C GLY A 77 0.30 -39.81 0.31
N SER A 78 0.05 -41.04 0.76
CA SER A 78 0.66 -42.21 0.15
C SER A 78 -0.45 -43.15 -0.33
N ARG A 79 -1.34 -42.61 -1.14
CA ARG A 79 -2.47 -43.37 -1.68
C ARG A 79 -3.01 -42.70 -2.93
N PRO A 80 -3.17 -43.44 -4.02
CA PRO A 80 -3.82 -42.93 -5.22
C PRO A 80 -5.31 -42.75 -5.00
N ASN A 81 -5.83 -41.57 -5.32
CA ASN A 81 -7.25 -41.29 -5.20
C ASN A 81 -8.03 -42.26 -6.08
N SER A 82 -9.11 -42.81 -5.52
CA SER A 82 -9.90 -43.83 -6.20
C SER A 82 -10.81 -43.18 -7.25
N VAL A 83 -10.19 -42.59 -8.27
CA VAL A 83 -10.93 -41.94 -9.34
C VAL A 83 -10.91 -42.81 -10.59
N ILE A 84 -9.96 -43.72 -10.65
CA ILE A 84 -9.79 -44.60 -11.79
C ILE A 84 -10.40 -45.96 -11.49
N SER A 85 -11.73 -45.98 -11.39
CA SER A 85 -12.45 -47.19 -11.06
C SER A 85 -12.78 -48.01 -12.32
N THR A 86 -12.45 -47.48 -13.48
CA THR A 86 -12.63 -48.21 -14.73
C THR A 86 -11.33 -48.24 -15.52
N GLY A 87 -10.24 -48.52 -14.81
CA GLY A 87 -8.94 -48.57 -15.43
C GLY A 87 -8.00 -49.51 -14.70
N GLU A 88 -8.57 -50.56 -14.12
CA GLU A 88 -7.81 -51.56 -13.43
C GLU A 88 -8.28 -52.94 -13.86
N LEU A 89 -7.56 -53.52 -14.81
CA LEU A 89 -7.90 -54.83 -15.37
C LEU A 89 -9.25 -54.76 -16.07
N SER A 90 -9.54 -53.59 -16.62
CA SER A 90 -10.79 -53.34 -17.30
C SER A 90 -10.55 -52.41 -18.49
N THR A 91 -10.01 -52.98 -19.55
CA THR A 91 -9.72 -52.23 -20.76
C THR A 91 -10.73 -52.57 -21.84
N ASP A 92 -11.97 -52.84 -21.42
CA ASP A 92 -13.04 -53.17 -22.34
C ASP A 92 -14.38 -52.93 -21.65
N GLY A 1 -37.27 -18.60 25.21
CA GLY A 1 -36.86 -18.21 23.85
C GLY A 1 -37.14 -16.75 23.55
N ALA A 2 -36.41 -16.20 22.59
CA ALA A 2 -36.56 -14.80 22.19
C ALA A 2 -36.29 -13.86 23.36
N HIS A 3 -35.17 -14.08 24.05
CA HIS A 3 -34.78 -13.23 25.16
C HIS A 3 -34.02 -12.01 24.63
N MET A 4 -33.57 -12.14 23.39
CA MET A 4 -32.89 -11.05 22.66
C MET A 4 -31.56 -10.69 23.32
N MET A 5 -30.90 -9.66 22.82
CA MET A 5 -29.59 -9.26 23.34
C MET A 5 -29.33 -7.78 23.02
N GLN A 6 -30.22 -6.91 23.47
CA GLN A 6 -30.04 -5.48 23.27
C GLN A 6 -29.07 -4.92 24.30
N ALA A 7 -29.03 -5.57 25.46
CA ALA A 7 -28.17 -5.15 26.56
C ALA A 7 -26.71 -5.12 26.13
N ARG A 8 -26.21 -6.23 25.63
CA ARG A 8 -24.82 -6.33 25.19
C ARG A 8 -24.62 -5.51 23.92
N ARG A 9 -25.69 -5.32 23.16
CA ARG A 9 -25.64 -4.61 21.90
C ARG A 9 -25.31 -3.14 22.16
N GLU A 10 -25.67 -2.64 23.34
CA GLU A 10 -25.46 -1.24 23.67
C GLU A 10 -23.96 -0.96 23.78
N GLU A 11 -23.23 -1.85 24.45
CA GLU A 11 -21.78 -1.71 24.55
C GLU A 11 -21.12 -1.96 23.19
N LEU A 12 -21.78 -2.75 22.36
CA LEU A 12 -21.27 -3.02 21.02
C LEU A 12 -21.30 -1.77 20.17
N LEU A 13 -22.32 -0.93 20.35
CA LEU A 13 -22.38 0.36 19.68
C LEU A 13 -21.31 1.29 20.26
N ALA A 14 -21.09 1.19 21.56
CA ALA A 14 -20.02 1.94 22.21
C ALA A 14 -18.68 1.55 21.61
N LYS A 15 -18.50 0.24 21.45
CA LYS A 15 -17.30 -0.30 20.86
C LYS A 15 -17.22 0.03 19.38
N LYS A 16 -18.37 0.23 18.74
CA LYS A 16 -18.43 0.59 17.33
C LYS A 16 -17.85 1.99 17.12
N ALA A 17 -18.20 2.90 18.02
CA ALA A 17 -17.64 4.24 18.00
C ALA A 17 -16.14 4.19 18.27
N ARG A 18 -15.77 3.36 19.23
CA ARG A 18 -14.35 3.16 19.56
C ARG A 18 -13.60 2.59 18.36
N LEU A 19 -14.22 1.66 17.66
CA LEU A 19 -13.64 1.08 16.46
C LEU A 19 -13.50 2.14 15.36
N ALA A 20 -14.52 2.99 15.25
CA ALA A 20 -14.48 4.08 14.29
C ALA A 20 -13.34 5.03 14.60
N GLU A 21 -13.12 5.28 15.89
CA GLU A 21 -11.99 6.09 16.32
C GLU A 21 -10.68 5.45 15.89
N ILE A 22 -10.56 4.14 16.10
CA ILE A 22 -9.39 3.39 15.66
C ILE A 22 -9.24 3.46 14.14
N LYS A 23 -10.35 3.46 13.42
CA LYS A 23 -10.35 3.56 11.96
C LYS A 23 -9.68 4.86 11.51
N ARG A 24 -9.75 5.88 12.36
CA ARG A 24 -9.18 7.19 12.06
C ARG A 24 -7.65 7.12 11.89
N GLN A 25 -7.04 6.07 12.43
CA GLN A 25 -5.60 5.89 12.28
C GLN A 25 -5.24 5.79 10.80
N ARG A 26 -6.16 5.21 10.02
CA ARG A 26 -6.01 5.15 8.57
C ARG A 26 -5.87 6.55 7.98
N GLU A 27 -6.68 7.49 8.46
CA GLU A 27 -6.61 8.87 8.01
C GLU A 27 -5.34 9.53 8.54
N LEU A 28 -4.88 9.07 9.69
CA LEU A 28 -3.64 9.56 10.27
C LEU A 28 -2.46 9.12 9.41
N ARG A 29 -2.46 7.84 9.03
CA ARG A 29 -1.40 7.30 8.18
C ARG A 29 -1.40 7.97 6.81
N ALA A 30 -2.54 8.53 6.42
CA ALA A 30 -2.62 9.29 5.18
C ALA A 30 -1.76 10.54 5.27
N GLN A 31 -1.68 11.09 6.48
CA GLN A 31 -0.88 12.27 6.75
C GLN A 31 0.58 11.85 6.97
N GLN A 32 0.74 10.61 7.38
CA GLN A 32 2.07 10.04 7.66
C GLN A 32 2.78 9.71 6.35
N ALA A 33 2.08 9.00 5.48
CA ALA A 33 2.61 8.66 4.17
C ALA A 33 2.60 9.89 3.27
N ALA A 34 1.55 10.71 3.43
CA ALA A 34 1.41 12.00 2.75
C ALA A 34 1.08 11.82 1.26
N GLY A 35 0.86 10.58 0.86
CA GLY A 35 0.51 10.30 -0.52
C GLY A 35 -0.91 9.81 -0.67
N ARG A 36 -1.66 9.87 0.43
CA ARG A 36 -3.04 9.41 0.43
C ARG A 36 -4.01 10.59 0.39
N SER A 37 -3.79 11.46 -0.57
CA SER A 37 -4.63 12.64 -0.75
C SER A 37 -4.71 12.98 -2.24
N ILE A 38 -5.91 13.09 -2.75
CA ILE A 38 -6.12 13.37 -4.16
C ILE A 38 -6.81 14.72 -4.33
N THR A 39 -6.03 15.79 -4.21
CA THR A 39 -6.55 17.13 -4.40
C THR A 39 -5.82 17.82 -5.57
N PRO A 40 -6.37 17.70 -6.79
CA PRO A 40 -5.79 18.32 -7.98
C PRO A 40 -5.72 19.84 -7.85
N SER A 41 -4.55 20.40 -8.13
CA SER A 41 -4.35 21.84 -8.01
C SER A 41 -4.93 22.58 -9.20
N GLU A 42 -6.25 22.57 -9.30
CA GLU A 42 -6.97 23.29 -10.33
C GLU A 42 -8.10 24.08 -9.68
N LEU A 43 -7.74 24.82 -8.64
CA LEU A 43 -8.70 25.59 -7.89
C LEU A 43 -8.04 26.84 -7.32
N VAL A 44 -7.47 27.64 -8.22
CA VAL A 44 -6.80 28.90 -7.86
C VAL A 44 -5.61 28.63 -6.95
N SER A 45 -4.45 28.45 -7.56
CA SER A 45 -3.23 28.20 -6.81
C SER A 45 -2.20 29.31 -7.08
N PRO A 46 -2.21 30.36 -6.26
CA PRO A 46 -1.30 31.51 -6.42
C PRO A 46 0.14 31.19 -6.00
N THR A 47 0.72 30.19 -6.66
CA THR A 47 2.10 29.82 -6.43
C THR A 47 3.04 30.75 -7.21
N PRO A 48 3.81 31.60 -6.51
CA PRO A 48 4.72 32.57 -7.15
C PRO A 48 5.91 31.90 -7.84
N SER A 49 5.63 31.25 -8.96
CA SER A 49 6.65 30.64 -9.79
C SER A 49 6.08 30.43 -11.19
N ARG A 50 6.47 31.29 -12.12
CA ARG A 50 5.90 31.30 -13.45
C ARG A 50 6.67 32.29 -14.32
N ALA A 51 6.53 32.18 -15.64
CA ALA A 51 7.18 33.11 -16.56
C ALA A 51 6.43 34.43 -16.62
N ASN A 52 6.14 34.96 -15.45
CA ASN A 52 5.40 36.21 -15.31
C ASN A 52 5.70 36.81 -13.94
N SER A 53 6.30 37.99 -13.92
CA SER A 53 6.64 38.64 -12.67
C SER A 53 5.39 39.17 -11.98
N ARG A 54 4.74 38.29 -11.23
CA ARG A 54 3.59 38.67 -10.43
C ARG A 54 4.00 38.71 -8.98
N ARG A 55 4.55 39.86 -8.56
CA ARG A 55 5.19 40.02 -7.26
C ARG A 55 6.49 39.22 -7.27
N GLU A 56 7.52 39.81 -7.87
CA GLU A 56 8.83 39.18 -8.03
C GLU A 56 9.86 40.23 -8.40
N ILE A 57 10.52 40.78 -7.41
CA ILE A 57 11.52 41.82 -7.61
C ILE A 57 12.79 41.23 -8.22
N GLU A 58 12.90 39.91 -8.17
CA GLU A 58 14.08 39.22 -8.68
C GLU A 58 14.26 39.47 -10.18
N SER A 59 13.15 39.64 -10.88
CA SER A 59 13.18 39.91 -12.31
C SER A 59 12.91 41.39 -12.57
N LEU A 60 12.66 42.14 -11.51
CA LEU A 60 12.37 43.57 -11.62
C LEU A 60 13.68 44.35 -11.66
N ILE A 61 14.75 43.70 -11.21
CA ILE A 61 16.07 44.32 -11.19
C ILE A 61 16.78 44.09 -12.53
N ASP A 62 16.07 43.49 -13.47
CA ASP A 62 16.62 43.18 -14.78
C ASP A 62 17.03 44.45 -15.51
N SER A 63 16.18 45.46 -15.42
CA SER A 63 16.43 46.73 -16.08
C SER A 63 17.56 47.49 -15.40
N ILE A 64 17.88 47.09 -14.18
CA ILE A 64 18.89 47.76 -13.39
C ILE A 64 20.25 47.10 -13.59
N LEU A 65 20.23 45.85 -14.03
CA LEU A 65 21.45 45.06 -14.17
C LEU A 65 22.17 45.39 -15.48
N SER A 66 22.43 46.67 -15.72
CA SER A 66 23.19 47.13 -16.87
C SER A 66 22.65 46.55 -18.19
N SER A 67 21.35 46.69 -18.41
CA SER A 67 20.72 46.15 -19.61
C SER A 67 20.24 47.26 -20.53
N SER A 68 20.58 48.49 -20.16
CA SER A 68 20.23 49.65 -20.96
C SER A 68 21.16 50.81 -20.64
N ALA A 69 22.39 50.73 -21.13
CA ALA A 69 23.38 51.77 -20.89
C ALA A 69 23.49 52.69 -22.10
N GLY A 70 22.53 52.56 -22.99
CA GLY A 70 22.53 53.35 -24.21
C GLY A 70 22.15 54.80 -23.97
N ALA A 71 23.17 55.67 -23.97
CA ALA A 71 22.97 57.12 -23.87
C ALA A 71 22.20 57.53 -22.60
N ASN A 72 22.36 56.76 -21.53
CA ASN A 72 21.78 57.14 -20.24
C ASN A 72 22.67 56.71 -19.09
N SER A 73 23.94 56.48 -19.39
CA SER A 73 24.90 56.00 -18.39
C SER A 73 26.32 56.29 -18.86
N PRO A 74 27.16 56.87 -18.00
CA PRO A 74 28.58 57.12 -18.30
C PRO A 74 29.42 55.84 -18.30
N ARG A 75 28.92 54.81 -18.96
CA ARG A 75 29.58 53.52 -19.01
C ARG A 75 29.66 53.03 -20.44
N ARG A 76 29.54 53.95 -21.39
CA ARG A 76 29.57 53.61 -22.79
C ARG A 76 30.85 54.11 -23.44
N GLY A 77 31.88 54.29 -22.62
CA GLY A 77 33.15 54.77 -23.12
C GLY A 77 34.03 53.65 -23.64
N SER A 78 33.79 53.25 -24.88
CA SER A 78 34.56 52.17 -25.54
C SER A 78 34.68 50.93 -24.65
N ARG A 79 33.56 50.53 -24.07
CA ARG A 79 33.52 49.35 -23.20
C ARG A 79 32.25 48.57 -23.42
N PRO A 80 32.26 47.68 -24.44
CA PRO A 80 31.15 46.77 -24.67
C PRO A 80 31.24 45.58 -23.73
N ASN A 81 30.84 45.79 -22.49
CA ASN A 81 30.96 44.77 -21.45
C ASN A 81 29.93 43.68 -21.66
N SER A 82 30.29 42.68 -22.46
CA SER A 82 29.45 41.53 -22.74
C SER A 82 28.14 41.97 -23.39
N VAL A 83 28.24 42.74 -24.47
CA VAL A 83 27.07 43.17 -25.21
C VAL A 83 26.81 42.20 -26.35
N ILE A 84 26.52 40.96 -25.98
CA ILE A 84 26.32 39.90 -26.96
C ILE A 84 24.92 39.30 -26.76
N SER A 85 23.94 40.16 -26.62
CA SER A 85 22.56 39.73 -26.43
C SER A 85 21.93 39.28 -27.75
N THR A 86 22.43 39.82 -28.86
CA THR A 86 21.95 39.43 -30.18
C THR A 86 22.43 38.03 -30.54
N GLY A 87 23.67 37.74 -30.17
CA GLY A 87 24.23 36.42 -30.40
C GLY A 87 23.73 35.41 -29.38
N GLU A 88 23.73 35.83 -28.12
CA GLU A 88 23.24 35.01 -27.01
C GLU A 88 24.04 33.71 -26.90
N LEU A 89 25.32 33.85 -26.63
CA LEU A 89 26.20 32.70 -26.40
C LEU A 89 26.52 32.56 -24.92
N SER A 90 27.30 33.50 -24.41
CA SER A 90 27.71 33.48 -23.02
C SER A 90 26.79 34.35 -22.17
N THR A 91 25.50 34.04 -22.21
CA THR A 91 24.50 34.79 -21.46
C THR A 91 23.32 33.90 -21.10
N ASP A 92 22.53 33.55 -22.11
CA ASP A 92 21.35 32.70 -21.95
C ASP A 92 20.25 33.44 -21.22
N GLY A 1 -33.91 4.02 34.30
CA GLY A 1 -33.96 3.28 33.02
C GLY A 1 -33.72 4.20 31.84
N ALA A 2 -33.45 3.61 30.68
CA ALA A 2 -33.22 4.38 29.48
C ALA A 2 -33.73 3.64 28.25
N HIS A 3 -34.86 4.11 27.72
CA HIS A 3 -35.50 3.51 26.55
C HIS A 3 -36.06 2.13 26.89
N MET A 4 -35.19 1.14 26.96
CA MET A 4 -35.57 -0.22 27.31
C MET A 4 -34.38 -0.90 27.98
N MET A 5 -33.28 -0.94 27.27
CA MET A 5 -32.03 -1.47 27.79
C MET A 5 -30.87 -0.85 27.02
N GLN A 6 -30.76 0.47 27.12
CA GLN A 6 -29.78 1.24 26.37
C GLN A 6 -28.38 0.98 26.90
N ALA A 7 -28.29 0.44 28.11
CA ALA A 7 -27.01 0.05 28.68
C ALA A 7 -26.31 -0.96 27.79
N ARG A 8 -27.04 -2.01 27.42
CA ARG A 8 -26.51 -3.05 26.53
C ARG A 8 -26.34 -2.47 25.12
N ARG A 9 -27.20 -1.52 24.78
CA ARG A 9 -27.13 -0.86 23.48
C ARG A 9 -25.84 -0.03 23.40
N GLU A 10 -25.49 0.59 24.52
CA GLU A 10 -24.32 1.43 24.62
C GLU A 10 -23.04 0.62 24.44
N GLU A 11 -23.11 -0.65 24.80
CA GLU A 11 -21.97 -1.56 24.71
C GLU A 11 -21.57 -1.74 23.26
N LEU A 12 -22.56 -1.85 22.38
CA LEU A 12 -22.31 -2.00 20.95
C LEU A 12 -21.71 -0.72 20.39
N LEU A 13 -22.28 0.42 20.75
CA LEU A 13 -21.77 1.70 20.28
C LEU A 13 -20.38 1.97 20.84
N ALA A 14 -20.12 1.45 22.03
CA ALA A 14 -18.81 1.53 22.62
C ALA A 14 -17.81 0.77 21.77
N LYS A 15 -18.21 -0.43 21.36
CA LYS A 15 -17.40 -1.28 20.51
C LYS A 15 -17.27 -0.68 19.11
N LYS A 16 -18.23 0.14 18.74
CA LYS A 16 -18.24 0.76 17.42
C LYS A 16 -17.36 2.00 17.42
N ALA A 17 -17.41 2.76 18.51
CA ALA A 17 -16.56 3.93 18.68
C ALA A 17 -15.10 3.52 18.72
N ARG A 18 -14.85 2.34 19.28
CA ARG A 18 -13.51 1.76 19.30
C ARG A 18 -12.99 1.58 17.88
N LEU A 19 -13.87 1.12 16.99
CA LEU A 19 -13.53 0.89 15.60
C LEU A 19 -13.47 2.21 14.83
N ALA A 20 -14.35 3.13 15.20
CA ALA A 20 -14.36 4.47 14.61
C ALA A 20 -13.06 5.20 14.91
N GLU A 21 -12.52 4.96 16.10
CA GLU A 21 -11.24 5.51 16.49
C GLU A 21 -10.15 5.00 15.56
N ILE A 22 -10.10 3.67 15.41
CA ILE A 22 -9.16 3.03 14.50
C ILE A 22 -9.33 3.56 13.08
N LYS A 23 -10.57 3.72 12.65
CA LYS A 23 -10.88 4.24 11.31
C LYS A 23 -10.28 5.62 11.12
N ARG A 24 -10.47 6.50 12.11
CA ARG A 24 -9.94 7.86 12.06
C ARG A 24 -8.43 7.84 12.01
N GLN A 25 -7.82 6.98 12.82
CA GLN A 25 -6.38 6.87 12.92
C GLN A 25 -5.80 6.33 11.62
N ARG A 26 -6.46 5.29 11.10
CA ARG A 26 -6.09 4.67 9.85
C ARG A 26 -6.09 5.70 8.72
N GLU A 27 -7.20 6.39 8.57
CA GLU A 27 -7.34 7.42 7.55
C GLU A 27 -6.28 8.49 7.69
N LEU A 28 -6.01 8.91 8.93
CA LEU A 28 -4.99 9.92 9.18
C LEU A 28 -3.61 9.39 8.87
N ARG A 29 -3.32 8.18 9.33
CA ARG A 29 -2.02 7.57 9.15
C ARG A 29 -1.71 7.34 7.67
N ALA A 30 -2.73 7.11 6.85
CA ALA A 30 -2.54 6.95 5.42
C ALA A 30 -2.05 8.25 4.80
N GLN A 31 -2.50 9.37 5.36
CA GLN A 31 -2.05 10.70 4.94
C GLN A 31 -0.66 10.98 5.48
N GLN A 32 -0.35 10.32 6.59
CA GLN A 32 0.92 10.53 7.27
C GLN A 32 2.03 9.67 6.66
N ALA A 33 1.83 8.37 6.68
CA ALA A 33 2.80 7.42 6.16
C ALA A 33 2.79 7.43 4.63
N ALA A 34 1.59 7.34 4.06
CA ALA A 34 1.42 7.30 2.60
C ALA A 34 2.07 6.05 2.01
N GLY A 35 1.56 4.90 2.42
CA GLY A 35 2.08 3.64 1.94
C GLY A 35 2.56 2.76 3.08
N ARG A 36 2.06 3.03 4.28
CA ARG A 36 2.47 2.33 5.50
C ARG A 36 3.99 2.40 5.70
N SER A 37 4.62 3.39 5.10
CA SER A 37 6.06 3.54 5.15
C SER A 37 6.47 4.88 4.56
N ILE A 38 7.42 5.54 5.20
CA ILE A 38 7.88 6.84 4.74
C ILE A 38 9.22 6.70 4.02
N THR A 39 9.16 6.62 2.70
CA THR A 39 10.35 6.47 1.89
C THR A 39 10.87 7.85 1.44
N PRO A 40 12.08 8.25 1.88
CA PRO A 40 12.72 9.48 1.42
C PRO A 40 12.75 9.55 -0.11
N SER A 41 11.91 10.41 -0.65
CA SER A 41 11.70 10.45 -2.08
C SER A 41 12.64 11.45 -2.76
N GLU A 42 13.89 11.03 -2.96
CA GLU A 42 14.88 11.82 -3.68
C GLU A 42 15.33 13.04 -2.88
N LEU A 43 16.35 12.83 -2.05
CA LEU A 43 17.02 13.91 -1.30
C LEU A 43 16.05 14.67 -0.41
N VAL A 44 15.13 13.94 0.22
CA VAL A 44 14.18 14.53 1.15
C VAL A 44 13.63 13.46 2.08
N SER A 45 13.93 13.61 3.35
CA SER A 45 13.49 12.63 4.35
C SER A 45 12.52 13.29 5.33
N PRO A 46 11.20 13.03 5.17
CA PRO A 46 10.15 13.58 6.05
C PRO A 46 10.34 13.20 7.53
N THR A 47 11.24 12.26 7.79
CA THR A 47 11.58 11.87 9.15
C THR A 47 12.88 12.55 9.57
N PRO A 48 12.80 13.65 10.35
CA PRO A 48 13.99 14.38 10.81
C PRO A 48 14.83 13.56 11.79
N SER A 49 15.70 12.72 11.25
CA SER A 49 16.58 11.90 12.06
C SER A 49 17.94 11.77 11.38
N ARG A 50 18.57 12.91 11.12
CA ARG A 50 19.85 12.94 10.44
C ARG A 50 20.77 13.94 11.11
N ALA A 51 21.71 13.43 11.88
CA ALA A 51 22.68 14.27 12.60
C ALA A 51 23.68 14.90 11.64
N ASN A 52 23.49 16.17 11.33
CA ASN A 52 24.40 16.89 10.44
C ASN A 52 25.06 18.05 11.17
N SER A 53 25.64 17.76 12.32
CA SER A 53 26.30 18.78 13.12
C SER A 53 27.73 18.99 12.61
N ARG A 54 27.84 19.49 11.38
CA ARG A 54 29.13 19.68 10.71
C ARG A 54 29.90 18.37 10.71
N ARG A 55 29.26 17.31 10.23
CA ARG A 55 29.89 16.00 10.16
C ARG A 55 30.81 15.95 8.94
N GLU A 56 32.06 15.56 9.14
CA GLU A 56 33.03 15.49 8.05
C GLU A 56 32.69 14.33 7.10
N ILE A 57 31.79 14.61 6.17
CA ILE A 57 31.40 13.64 5.16
C ILE A 57 32.57 13.40 4.21
N GLU A 58 33.44 14.41 4.12
CA GLU A 58 34.66 14.35 3.31
C GLU A 58 35.64 13.32 3.89
N SER A 59 35.35 12.85 5.10
CA SER A 59 36.21 11.89 5.78
C SER A 59 35.35 10.89 6.54
N LEU A 60 34.40 10.29 5.82
CA LEU A 60 33.47 9.34 6.44
C LEU A 60 32.97 8.34 5.41
N ILE A 61 32.41 8.85 4.31
CA ILE A 61 31.79 8.00 3.29
C ILE A 61 32.86 7.27 2.48
N ASP A 62 34.09 7.70 2.66
CA ASP A 62 35.23 7.14 1.93
C ASP A 62 35.41 5.67 2.27
N SER A 63 35.17 5.33 3.52
CA SER A 63 35.34 3.96 4.00
C SER A 63 34.10 3.13 3.69
N ILE A 64 32.97 3.81 3.51
CA ILE A 64 31.72 3.13 3.17
C ILE A 64 31.69 2.83 1.68
N LEU A 65 32.42 3.65 0.93
CA LEU A 65 32.48 3.54 -0.52
C LEU A 65 33.25 2.27 -0.91
N SER A 66 34.04 1.76 0.03
CA SER A 66 34.78 0.51 -0.13
C SER A 66 35.84 0.61 -1.23
N SER A 67 36.34 1.82 -1.46
CA SER A 67 37.39 2.06 -2.45
C SER A 67 38.18 3.31 -2.09
N SER A 68 38.84 3.25 -0.94
CA SER A 68 39.59 4.40 -0.44
C SER A 68 41.00 4.44 -1.05
N ALA A 69 41.06 4.33 -2.36
CA ALA A 69 42.34 4.34 -3.09
C ALA A 69 42.76 5.77 -3.41
N GLY A 70 42.70 6.63 -2.40
CA GLY A 70 42.99 8.04 -2.59
C GLY A 70 44.45 8.30 -2.95
N ALA A 71 45.34 7.44 -2.48
CA ALA A 71 46.77 7.60 -2.74
C ALA A 71 47.13 7.15 -4.15
N ASN A 72 46.14 6.71 -4.92
CA ASN A 72 46.36 6.28 -6.30
C ASN A 72 45.49 7.09 -7.25
N SER A 73 44.20 6.73 -7.31
CA SER A 73 43.24 7.44 -8.14
C SER A 73 41.82 6.94 -7.89
N PRO A 74 41.10 7.59 -6.96
CA PRO A 74 39.72 7.24 -6.66
C PRO A 74 38.74 7.89 -7.65
N ARG A 75 37.65 7.20 -7.93
CA ARG A 75 36.64 7.72 -8.85
C ARG A 75 35.74 8.73 -8.14
N ARG A 76 36.26 9.93 -7.97
CA ARG A 76 35.52 11.00 -7.31
C ARG A 76 35.57 12.26 -8.15
N GLY A 77 35.61 12.06 -9.47
CA GLY A 77 35.73 13.17 -10.39
C GLY A 77 34.39 13.80 -10.72
N SER A 78 34.32 14.45 -11.87
CA SER A 78 33.11 15.16 -12.27
C SER A 78 32.14 14.23 -13.00
N ARG A 79 31.85 13.08 -12.38
CA ARG A 79 30.90 12.13 -12.93
C ARG A 79 30.60 11.02 -11.93
N PRO A 80 29.69 11.27 -10.98
CA PRO A 80 29.24 10.27 -10.02
C PRO A 80 28.37 9.21 -10.69
N ASN A 81 29.00 8.09 -11.03
CA ASN A 81 28.32 6.97 -11.71
C ASN A 81 27.67 7.43 -13.01
N SER A 82 28.45 8.09 -13.85
CA SER A 82 27.96 8.55 -15.15
C SER A 82 29.14 8.88 -16.05
N VAL A 83 29.75 7.84 -16.61
CA VAL A 83 30.92 8.00 -17.46
C VAL A 83 30.52 8.39 -18.89
N ILE A 84 29.24 8.22 -19.18
CA ILE A 84 28.72 8.59 -20.49
C ILE A 84 28.13 9.99 -20.43
N SER A 85 29.01 10.97 -20.46
CA SER A 85 28.61 12.38 -20.36
C SER A 85 28.22 12.95 -21.72
N THR A 86 27.95 12.05 -22.67
CA THR A 86 27.55 12.45 -24.01
C THR A 86 26.05 12.25 -24.22
N GLY A 87 25.32 12.15 -23.11
CA GLY A 87 23.89 11.98 -23.18
C GLY A 87 23.17 13.17 -22.58
N GLU A 88 23.28 13.30 -21.26
CA GLU A 88 22.71 14.43 -20.52
C GLU A 88 21.22 14.61 -20.81
N LEU A 89 20.46 13.55 -20.60
CA LEU A 89 19.01 13.62 -20.75
C LEU A 89 18.40 14.10 -19.44
N SER A 90 18.94 13.59 -18.35
CA SER A 90 18.50 13.99 -17.02
C SER A 90 19.69 14.29 -16.13
N THR A 91 20.84 14.54 -16.75
CA THR A 91 22.06 14.81 -16.02
C THR A 91 22.21 16.30 -15.76
N ASP A 92 21.26 16.87 -15.03
CA ASP A 92 21.30 18.28 -14.70
C ASP A 92 21.15 18.47 -13.20
N GLY A 1 -28.69 -22.96 22.43
CA GLY A 1 -27.79 -21.80 22.26
C GLY A 1 -28.52 -20.49 22.49
N ALA A 2 -28.13 -19.47 21.75
CA ALA A 2 -28.75 -18.16 21.87
C ALA A 2 -29.32 -17.72 20.54
N HIS A 3 -30.60 -17.37 20.54
CA HIS A 3 -31.26 -16.84 19.35
C HIS A 3 -30.75 -15.43 19.08
N MET A 4 -30.48 -14.71 20.16
CA MET A 4 -29.92 -13.37 20.09
C MET A 4 -29.51 -12.93 21.48
N MET A 5 -28.75 -11.85 21.56
CA MET A 5 -28.35 -11.28 22.83
C MET A 5 -28.23 -9.78 22.68
N GLN A 6 -29.40 -9.12 22.63
CA GLN A 6 -29.46 -7.69 22.34
C GLN A 6 -28.71 -6.88 23.40
N ALA A 7 -28.72 -7.34 24.64
CA ALA A 7 -28.01 -6.67 25.72
C ALA A 7 -26.54 -6.53 25.40
N ARG A 8 -25.92 -7.61 24.94
CA ARG A 8 -24.51 -7.62 24.60
C ARG A 8 -24.27 -6.84 23.31
N ARG A 9 -25.19 -6.97 22.37
CA ARG A 9 -25.05 -6.35 21.06
C ARG A 9 -25.23 -4.84 21.16
N GLU A 10 -26.07 -4.40 22.10
CA GLU A 10 -26.33 -2.99 22.29
C GLU A 10 -25.07 -2.32 22.82
N GLU A 11 -24.39 -3.02 23.71
CA GLU A 11 -23.13 -2.55 24.26
C GLU A 11 -22.06 -2.59 23.18
N LEU A 12 -22.15 -3.59 22.31
CA LEU A 12 -21.21 -3.75 21.20
C LEU A 12 -21.29 -2.55 20.26
N LEU A 13 -22.50 -2.03 20.06
CA LEU A 13 -22.67 -0.84 19.22
C LEU A 13 -22.06 0.38 19.91
N ALA A 14 -22.25 0.46 21.21
CA ALA A 14 -21.67 1.53 22.00
C ALA A 14 -20.16 1.49 21.94
N LYS A 15 -19.59 0.29 22.02
CA LYS A 15 -18.15 0.12 21.93
C LYS A 15 -17.67 0.27 20.49
N LYS A 16 -18.55 -0.05 19.53
CA LYS A 16 -18.26 0.13 18.12
C LYS A 16 -17.93 1.59 17.81
N ALA A 17 -18.53 2.50 18.57
CA ALA A 17 -18.26 3.92 18.41
C ALA A 17 -16.76 4.21 18.63
N ARG A 18 -16.16 3.49 19.56
CA ARG A 18 -14.74 3.63 19.87
C ARG A 18 -13.87 3.34 18.66
N LEU A 19 -14.36 2.49 17.77
CA LEU A 19 -13.60 2.06 16.60
C LEU A 19 -13.28 3.23 15.67
N ALA A 20 -14.01 4.33 15.83
CA ALA A 20 -13.76 5.53 15.06
C ALA A 20 -12.36 6.09 15.32
N GLU A 21 -11.89 5.93 16.56
CA GLU A 21 -10.53 6.33 16.91
C GLU A 21 -9.52 5.56 16.06
N ILE A 22 -9.79 4.27 15.85
CA ILE A 22 -9.00 3.46 14.92
C ILE A 22 -9.12 4.00 13.50
N LYS A 23 -10.34 4.39 13.11
CA LYS A 23 -10.59 4.97 11.79
C LYS A 23 -9.74 6.23 11.58
N ARG A 24 -9.53 6.98 12.66
CA ARG A 24 -8.68 8.15 12.62
C ARG A 24 -7.26 7.74 12.22
N GLN A 25 -6.76 6.70 12.87
CA GLN A 25 -5.39 6.24 12.66
C GLN A 25 -5.19 5.73 11.24
N ARG A 26 -6.18 5.02 10.72
CA ARG A 26 -6.13 4.53 9.35
C ARG A 26 -6.01 5.67 8.36
N GLU A 27 -6.83 6.70 8.54
CA GLU A 27 -6.82 7.84 7.64
C GLU A 27 -5.65 8.76 7.94
N LEU A 28 -5.15 8.68 9.17
CA LEU A 28 -3.94 9.39 9.55
C LEU A 28 -2.76 8.81 8.79
N ARG A 29 -2.77 7.50 8.59
CA ARG A 29 -1.72 6.82 7.84
C ARG A 29 -1.69 7.30 6.40
N ALA A 30 -2.79 7.88 5.94
CA ALA A 30 -2.84 8.46 4.60
C ALA A 30 -1.89 9.64 4.50
N GLN A 31 -1.69 10.31 5.63
CA GLN A 31 -0.75 11.43 5.71
C GLN A 31 0.66 10.91 5.97
N GLN A 32 0.73 9.81 6.70
CA GLN A 32 1.99 9.24 7.14
C GLN A 32 2.64 8.42 6.02
N ALA A 33 1.95 7.39 5.56
CA ALA A 33 2.45 6.54 4.48
C ALA A 33 2.36 7.28 3.15
N ALA A 34 1.30 8.10 3.03
CA ALA A 34 1.10 9.00 1.90
C ALA A 34 0.73 8.25 0.61
N GLY A 35 0.35 6.99 0.78
CA GLY A 35 -0.05 6.19 -0.37
C GLY A 35 -1.55 6.16 -0.53
N ARG A 36 -2.21 7.18 0.00
CA ARG A 36 -3.66 7.29 -0.09
C ARG A 36 -4.04 8.70 -0.56
N SER A 37 -3.28 9.21 -1.52
CA SER A 37 -3.49 10.56 -2.02
C SER A 37 -2.82 10.72 -3.39
N ILE A 38 -3.63 10.74 -4.44
CA ILE A 38 -3.14 10.76 -5.82
C ILE A 38 -2.17 9.60 -6.03
N THR A 39 -2.58 8.44 -5.54
CA THR A 39 -1.76 7.25 -5.59
C THR A 39 -2.46 6.18 -6.43
N PRO A 40 -2.21 6.17 -7.75
CA PRO A 40 -2.85 5.23 -8.67
C PRO A 40 -2.58 3.78 -8.31
N SER A 41 -3.57 3.13 -7.71
CA SER A 41 -3.47 1.72 -7.37
C SER A 41 -4.87 1.14 -7.18
N GLU A 42 -5.78 1.53 -8.07
CA GLU A 42 -7.14 1.02 -8.06
C GLU A 42 -7.65 0.88 -9.48
N LEU A 43 -6.98 0.02 -10.23
CA LEU A 43 -7.37 -0.28 -11.60
C LEU A 43 -7.11 -1.75 -11.88
N VAL A 44 -7.89 -2.60 -11.26
CA VAL A 44 -7.72 -4.04 -11.42
C VAL A 44 -8.95 -4.63 -12.08
N SER A 45 -8.87 -4.79 -13.39
CA SER A 45 -9.96 -5.38 -14.15
C SER A 45 -9.40 -6.31 -15.23
N PRO A 46 -9.00 -7.54 -14.82
CA PRO A 46 -8.48 -8.54 -15.76
C PRO A 46 -9.54 -9.00 -16.76
N THR A 47 -10.77 -8.58 -16.53
CA THR A 47 -11.86 -8.86 -17.45
C THR A 47 -12.05 -7.66 -18.38
N PRO A 48 -11.71 -7.81 -19.68
CA PRO A 48 -11.83 -6.72 -20.65
C PRO A 48 -13.28 -6.24 -20.80
N SER A 49 -13.57 -5.09 -20.21
CA SER A 49 -14.90 -4.51 -20.29
C SER A 49 -15.00 -3.53 -21.45
N ARG A 50 -15.75 -3.90 -22.48
CA ARG A 50 -15.94 -3.03 -23.63
C ARG A 50 -17.39 -2.53 -23.65
N ALA A 51 -17.81 -1.94 -22.54
CA ALA A 51 -19.16 -1.44 -22.39
C ALA A 51 -19.16 -0.05 -21.78
N ASN A 52 -19.13 0.97 -22.64
CA ASN A 52 -19.04 2.36 -22.20
C ASN A 52 -17.86 2.55 -21.26
N SER A 53 -16.66 2.30 -21.78
CA SER A 53 -15.44 2.37 -20.98
C SER A 53 -15.02 3.82 -20.76
N ARG A 54 -15.84 4.56 -20.04
CA ARG A 54 -15.53 5.94 -19.70
C ARG A 54 -14.69 5.97 -18.42
N ARG A 55 -13.55 5.32 -18.50
CA ARG A 55 -12.61 5.24 -17.39
C ARG A 55 -11.27 4.78 -17.92
N GLU A 56 -10.26 5.65 -17.85
CA GLU A 56 -8.92 5.38 -18.36
C GLU A 56 -8.87 5.51 -19.87
N ILE A 57 -8.68 6.74 -20.34
CA ILE A 57 -8.61 7.04 -21.76
C ILE A 57 -7.32 6.49 -22.36
N GLU A 58 -6.35 6.25 -21.49
CA GLU A 58 -5.05 5.71 -21.90
C GLU A 58 -5.23 4.31 -22.48
N SER A 59 -6.35 3.68 -22.18
CA SER A 59 -6.66 2.37 -22.71
C SER A 59 -7.96 2.42 -23.51
N LEU A 60 -8.21 3.57 -24.13
CA LEU A 60 -9.39 3.74 -24.97
C LEU A 60 -8.99 4.06 -26.42
N ILE A 61 -7.81 4.65 -26.58
CA ILE A 61 -7.35 5.12 -27.90
C ILE A 61 -7.12 3.95 -28.84
N ASP A 62 -6.76 2.80 -28.27
CA ASP A 62 -6.51 1.60 -29.06
C ASP A 62 -7.77 1.15 -29.78
N SER A 63 -8.92 1.35 -29.14
CA SER A 63 -10.20 0.99 -29.75
C SER A 63 -10.55 1.96 -30.88
N ILE A 64 -10.03 3.18 -30.80
CA ILE A 64 -10.26 4.17 -31.84
C ILE A 64 -9.36 3.88 -33.04
N LEU A 65 -8.20 3.32 -32.73
CA LEU A 65 -7.23 2.95 -33.75
C LEU A 65 -7.77 1.77 -34.58
N SER A 66 -8.62 0.96 -33.96
CA SER A 66 -9.17 -0.20 -34.63
C SER A 66 -10.65 0.03 -34.96
N SER A 67 -10.94 1.21 -35.49
CA SER A 67 -12.30 1.54 -35.90
C SER A 67 -12.29 2.68 -36.91
N SER A 68 -11.46 3.70 -36.65
CA SER A 68 -11.37 4.84 -37.54
C SER A 68 -9.92 5.17 -37.87
N ALA A 69 -9.47 4.73 -39.04
CA ALA A 69 -8.12 5.02 -39.49
C ALA A 69 -8.06 6.38 -40.18
N GLY A 70 -7.68 7.40 -39.41
CA GLY A 70 -7.62 8.76 -39.93
C GLY A 70 -6.73 8.89 -41.15
N ALA A 71 -5.60 8.21 -41.14
CA ALA A 71 -4.65 8.31 -42.24
C ALA A 71 -4.95 7.28 -43.33
N ASN A 72 -6.23 7.04 -43.60
CA ASN A 72 -6.61 6.15 -44.69
C ASN A 72 -6.39 6.83 -46.04
N SER A 73 -6.57 8.14 -46.05
CA SER A 73 -6.29 8.95 -47.22
C SER A 73 -6.05 10.41 -46.79
N PRO A 74 -4.94 10.66 -46.07
CA PRO A 74 -4.67 11.98 -45.50
C PRO A 74 -4.44 13.03 -46.57
N ARG A 75 -4.70 14.28 -46.22
CA ARG A 75 -4.54 15.38 -47.16
C ARG A 75 -3.10 15.88 -47.11
N ARG A 76 -2.21 15.02 -46.65
CA ARG A 76 -0.79 15.33 -46.55
C ARG A 76 -0.14 15.24 -47.93
N GLY A 77 -0.08 16.36 -48.63
CA GLY A 77 0.49 16.39 -49.95
C GLY A 77 -0.50 16.85 -51.00
N SER A 78 -0.35 18.08 -51.46
CA SER A 78 -1.24 18.64 -52.47
C SER A 78 -0.49 19.64 -53.34
N ARG A 79 0.51 19.15 -54.05
CA ARG A 79 1.31 19.98 -54.94
C ARG A 79 1.39 19.33 -56.30
N PRO A 80 1.11 20.09 -57.37
CA PRO A 80 1.16 19.57 -58.73
C PRO A 80 2.59 19.31 -59.19
N ASN A 81 3.09 18.12 -58.89
CA ASN A 81 4.44 17.74 -59.30
C ASN A 81 4.40 17.14 -60.69
N SER A 82 4.17 18.00 -61.69
CA SER A 82 4.07 17.59 -63.08
C SER A 82 3.01 16.51 -63.24
N VAL A 83 1.81 16.81 -62.82
CA VAL A 83 0.71 15.86 -62.86
C VAL A 83 0.23 15.66 -64.28
N ILE A 84 0.73 14.62 -64.92
CA ILE A 84 0.37 14.29 -66.28
C ILE A 84 -0.26 12.91 -66.31
N SER A 85 -1.55 12.85 -65.98
CA SER A 85 -2.28 11.59 -65.87
C SER A 85 -1.57 10.66 -64.86
N THR A 86 -0.99 11.26 -63.83
CA THR A 86 -0.22 10.51 -62.85
C THR A 86 -0.91 10.51 -61.49
N GLY A 87 -2.24 10.47 -61.51
CA GLY A 87 -2.99 10.50 -60.28
C GLY A 87 -3.74 11.80 -60.09
N GLU A 88 -4.60 12.12 -61.04
CA GLU A 88 -5.38 13.35 -60.97
C GLU A 88 -6.86 13.04 -61.07
N LEU A 89 -7.45 12.69 -59.93
CA LEU A 89 -8.89 12.47 -59.87
C LEU A 89 -9.56 13.76 -59.45
N SER A 90 -9.14 14.30 -58.32
CA SER A 90 -9.66 15.54 -57.80
C SER A 90 -8.64 16.18 -56.87
N THR A 91 -7.38 16.15 -57.27
CA THR A 91 -6.28 16.60 -56.43
C THR A 91 -6.04 18.10 -56.62
N ASP A 92 -7.02 18.90 -56.24
CA ASP A 92 -6.90 20.35 -56.33
C ASP A 92 -6.61 20.93 -54.97
N GLY A 1 -28.15 -10.86 19.37
CA GLY A 1 -27.79 -9.89 18.31
C GLY A 1 -28.63 -8.63 18.39
N ALA A 2 -28.85 -8.00 17.26
CA ALA A 2 -29.62 -6.76 17.20
C ALA A 2 -31.12 -7.03 17.23
N HIS A 3 -31.57 -7.65 18.31
CA HIS A 3 -32.99 -7.93 18.49
C HIS A 3 -33.32 -7.96 19.98
N MET A 4 -32.67 -8.87 20.70
CA MET A 4 -32.81 -8.94 22.15
C MET A 4 -31.56 -8.37 22.81
N MET A 5 -31.70 -7.98 24.08
CA MET A 5 -30.60 -7.38 24.83
C MET A 5 -30.17 -6.08 24.16
N GLN A 6 -31.16 -5.27 23.82
CA GLN A 6 -30.94 -4.03 23.08
C GLN A 6 -30.47 -2.90 24.00
N ALA A 7 -30.87 -2.98 25.27
CA ALA A 7 -30.43 -1.98 26.25
C ALA A 7 -28.92 -1.98 26.37
N ARG A 8 -28.33 -3.17 26.38
CA ARG A 8 -26.89 -3.32 26.36
C ARG A 8 -26.34 -2.98 24.98
N ARG A 9 -27.06 -3.43 23.94
CA ARG A 9 -26.61 -3.24 22.55
C ARG A 9 -26.47 -1.77 22.19
N GLU A 10 -27.15 -0.88 22.91
CA GLU A 10 -26.98 0.54 22.69
C GLU A 10 -25.58 0.95 23.12
N GLU A 11 -25.25 0.69 24.39
CA GLU A 11 -23.90 0.88 24.90
C GLU A 11 -22.87 0.07 24.10
N LEU A 12 -23.31 -0.99 23.46
CA LEU A 12 -22.44 -1.78 22.61
C LEU A 12 -22.07 -0.99 21.36
N LEU A 13 -23.06 -0.32 20.79
CA LEU A 13 -22.84 0.60 19.67
C LEU A 13 -21.94 1.75 20.10
N ALA A 14 -22.02 2.12 21.37
CA ALA A 14 -21.12 3.10 21.94
C ALA A 14 -19.68 2.58 21.90
N LYS A 15 -19.52 1.34 22.32
CA LYS A 15 -18.22 0.69 22.34
C LYS A 15 -17.78 0.35 20.91
N LYS A 16 -18.74 0.31 20.00
CA LYS A 16 -18.48 0.07 18.58
C LYS A 16 -17.61 1.18 18.00
N ALA A 17 -17.68 2.35 18.63
CA ALA A 17 -16.91 3.51 18.21
C ALA A 17 -15.41 3.22 18.24
N ARG A 18 -15.01 2.18 18.99
CA ARG A 18 -13.62 1.76 19.06
C ARG A 18 -13.06 1.48 17.67
N LEU A 19 -13.86 0.85 16.82
CA LEU A 19 -13.43 0.52 15.47
C LEU A 19 -13.26 1.78 14.64
N ALA A 20 -14.19 2.71 14.81
CA ALA A 20 -14.13 3.98 14.12
C ALA A 20 -12.92 4.79 14.58
N GLU A 21 -12.61 4.68 15.86
CA GLU A 21 -11.44 5.34 16.43
C GLU A 21 -10.16 4.74 15.85
N ILE A 22 -10.11 3.41 15.81
CA ILE A 22 -8.98 2.71 15.21
C ILE A 22 -8.80 3.12 13.74
N LYS A 23 -9.90 3.25 13.03
CA LYS A 23 -9.87 3.63 11.61
C LYS A 23 -9.24 5.00 11.42
N ARG A 24 -9.22 5.81 12.49
CA ARG A 24 -8.64 7.14 12.44
C ARG A 24 -7.13 7.08 12.17
N GLN A 25 -6.51 5.94 12.48
CA GLN A 25 -5.08 5.76 12.18
C GLN A 25 -4.85 5.90 10.69
N ARG A 26 -5.78 5.37 9.90
CA ARG A 26 -5.75 5.51 8.46
C ARG A 26 -5.94 6.97 8.07
N GLU A 27 -6.98 7.57 8.64
CA GLU A 27 -7.32 8.97 8.40
C GLU A 27 -6.12 9.88 8.69
N LEU A 28 -5.36 9.50 9.70
CA LEU A 28 -4.20 10.27 10.11
C LEU A 28 -3.11 10.18 9.07
N ARG A 29 -2.69 8.95 8.77
CA ARG A 29 -1.65 8.70 7.78
C ARG A 29 -2.09 9.11 6.38
N ALA A 30 -3.39 9.13 6.13
CA ALA A 30 -3.91 9.63 4.87
C ALA A 30 -3.64 11.12 4.76
N GLN A 31 -3.77 11.81 5.89
CA GLN A 31 -3.50 13.23 5.98
C GLN A 31 -1.99 13.48 5.91
N GLN A 32 -1.22 12.53 6.43
CA GLN A 32 0.22 12.65 6.50
C GLN A 32 0.85 12.41 5.14
N ALA A 33 0.51 11.27 4.55
CA ALA A 33 1.05 10.88 3.25
C ALA A 33 0.45 11.71 2.12
N ALA A 34 -0.81 12.10 2.31
CA ALA A 34 -1.52 12.99 1.38
C ALA A 34 -1.95 12.25 0.11
N GLY A 35 -1.70 10.95 0.08
CA GLY A 35 -2.15 10.12 -1.02
C GLY A 35 -3.42 9.38 -0.68
N ARG A 36 -3.89 9.61 0.53
CA ARG A 36 -5.15 9.06 1.06
C ARG A 36 -5.07 7.55 1.31
N SER A 37 -4.51 6.79 0.37
CA SER A 37 -4.50 5.34 0.49
C SER A 37 -3.30 4.74 -0.24
N ILE A 38 -2.52 3.94 0.49
CA ILE A 38 -1.34 3.26 -0.07
C ILE A 38 -0.38 4.28 -0.67
N THR A 39 0.35 4.96 0.21
CA THR A 39 1.27 6.00 -0.20
C THR A 39 2.61 5.84 0.50
N PRO A 40 3.59 5.22 -0.17
CA PRO A 40 4.92 4.98 0.40
C PRO A 40 5.59 6.26 0.88
N SER A 41 6.09 6.24 2.12
CA SER A 41 6.76 7.39 2.71
C SER A 41 8.11 7.64 2.05
N GLU A 42 8.08 8.40 0.96
CA GLU A 42 9.28 8.75 0.20
C GLU A 42 10.04 7.49 -0.22
N LEU A 43 9.33 6.57 -0.84
CA LEU A 43 9.92 5.33 -1.33
C LEU A 43 9.55 5.11 -2.79
N VAL A 44 9.65 6.16 -3.57
CA VAL A 44 9.36 6.09 -4.99
C VAL A 44 10.53 6.62 -5.79
N SER A 45 11.52 5.77 -5.98
CA SER A 45 12.73 6.14 -6.69
C SER A 45 13.30 4.94 -7.46
N PRO A 46 12.58 4.46 -8.48
CA PRO A 46 13.00 3.33 -9.28
C PRO A 46 13.96 3.72 -10.41
N THR A 47 14.55 4.90 -10.29
CA THR A 47 15.50 5.39 -11.28
C THR A 47 16.92 5.30 -10.73
N PRO A 48 17.69 4.26 -11.12
CA PRO A 48 19.06 4.05 -10.65
C PRO A 48 20.07 4.94 -11.36
N SER A 49 19.59 5.90 -12.13
CA SER A 49 20.46 6.84 -12.82
C SER A 49 20.56 8.14 -12.02
N ARG A 50 21.76 8.53 -11.65
CA ARG A 50 21.98 9.75 -10.90
C ARG A 50 23.33 10.37 -11.25
N ALA A 51 23.43 11.68 -11.13
CA ALA A 51 24.64 12.39 -11.51
C ALA A 51 25.70 12.33 -10.42
N ASN A 52 26.28 11.14 -10.22
CA ASN A 52 27.35 10.94 -9.25
C ASN A 52 26.95 11.41 -7.86
N SER A 53 25.97 10.75 -7.27
CA SER A 53 25.46 11.15 -5.96
C SER A 53 26.36 10.65 -4.83
N ARG A 54 27.49 11.31 -4.66
CA ARG A 54 28.38 11.04 -3.53
C ARG A 54 29.21 12.29 -3.23
N ARG A 55 28.76 13.41 -3.76
CA ARG A 55 29.48 14.67 -3.62
C ARG A 55 29.28 15.25 -2.21
N GLU A 56 30.30 15.93 -1.71
CA GLU A 56 30.26 16.56 -0.39
C GLU A 56 29.31 17.74 -0.39
N ILE A 57 28.02 17.47 -0.43
CA ILE A 57 27.00 18.50 -0.42
C ILE A 57 26.89 19.12 0.96
N GLU A 58 27.29 18.34 1.97
CA GLU A 58 27.22 18.76 3.36
C GLU A 58 28.22 19.89 3.65
N SER A 59 29.10 20.14 2.67
CA SER A 59 30.15 21.15 2.78
C SER A 59 31.21 20.69 3.77
N LEU A 60 31.80 19.52 3.48
CA LEU A 60 32.81 18.93 4.34
C LEU A 60 34.16 19.55 4.05
N ILE A 61 34.39 19.91 2.79
CA ILE A 61 35.68 20.40 2.34
C ILE A 61 35.88 21.86 2.74
N ASP A 62 34.85 22.49 3.27
CA ASP A 62 34.93 23.89 3.69
C ASP A 62 35.95 24.07 4.80
N SER A 63 36.06 23.08 5.67
CA SER A 63 37.01 23.12 6.77
C SER A 63 38.43 22.89 6.26
N ILE A 64 38.54 22.40 5.04
CA ILE A 64 39.82 22.20 4.38
C ILE A 64 40.16 23.44 3.55
N LEU A 65 39.11 24.05 3.00
CA LEU A 65 39.25 25.18 2.09
C LEU A 65 39.53 26.48 2.85
N SER A 66 39.63 26.37 4.17
CA SER A 66 39.97 27.53 5.00
C SER A 66 41.48 27.65 5.16
N SER A 67 42.20 26.64 4.68
CA SER A 67 43.65 26.63 4.78
C SER A 67 44.25 26.10 3.49
N SER A 68 43.54 26.28 2.39
CA SER A 68 43.96 25.73 1.11
C SER A 68 43.62 26.70 -0.02
N ALA A 69 44.63 27.42 -0.50
CA ALA A 69 44.43 28.33 -1.61
C ALA A 69 44.48 27.57 -2.92
N GLY A 70 43.47 26.76 -3.16
CA GLY A 70 43.41 25.94 -4.35
C GLY A 70 42.16 25.10 -4.40
N ALA A 71 42.01 24.30 -5.43
CA ALA A 71 40.83 23.47 -5.60
C ALA A 71 40.87 22.26 -4.67
N ASN A 72 40.41 22.47 -3.44
CA ASN A 72 40.32 21.39 -2.45
C ASN A 72 41.70 20.85 -2.09
N SER A 73 42.71 21.70 -2.19
CA SER A 73 44.08 21.29 -1.94
C SER A 73 44.97 22.51 -1.69
N PRO A 74 45.73 22.49 -0.58
CA PRO A 74 46.69 23.55 -0.27
C PRO A 74 48.01 23.37 -1.02
N ARG A 75 48.92 24.32 -0.81
CA ARG A 75 50.23 24.26 -1.44
C ARG A 75 51.19 23.47 -0.56
N ARG A 76 51.31 23.87 0.70
CA ARG A 76 52.20 23.20 1.65
C ARG A 76 53.63 23.16 1.12
N GLY A 77 54.08 24.30 0.61
CA GLY A 77 55.41 24.38 0.06
C GLY A 77 56.44 24.74 1.11
N SER A 78 56.54 23.90 2.13
CA SER A 78 57.46 24.13 3.24
C SER A 78 57.19 25.48 3.90
N ARG A 79 55.98 25.63 4.42
CA ARG A 79 55.57 26.89 5.04
C ARG A 79 54.81 26.61 6.33
N PRO A 80 55.43 26.91 7.48
CA PRO A 80 54.79 26.77 8.79
C PRO A 80 53.71 27.81 9.02
N ASN A 81 52.60 27.66 8.31
CA ASN A 81 51.46 28.55 8.44
C ASN A 81 50.56 28.10 9.59
N SER A 82 50.97 28.46 10.81
CA SER A 82 50.26 28.06 12.02
C SER A 82 50.36 26.54 12.21
N VAL A 83 51.55 26.02 11.98
CA VAL A 83 51.81 24.60 12.10
C VAL A 83 52.67 24.32 13.34
N ILE A 84 52.02 24.26 14.48
CA ILE A 84 52.68 24.03 15.74
C ILE A 84 52.11 22.78 16.41
N SER A 85 52.86 21.70 16.38
CA SER A 85 52.39 20.42 16.89
C SER A 85 52.38 20.38 18.42
N THR A 86 53.11 21.29 19.05
CA THR A 86 53.22 21.32 20.50
C THR A 86 53.34 22.76 21.00
N GLY A 87 52.20 23.38 21.25
CA GLY A 87 52.20 24.75 21.74
C GLY A 87 50.88 25.14 22.37
N GLU A 88 50.54 26.41 22.30
CA GLU A 88 49.31 26.92 22.90
C GLU A 88 48.22 27.03 21.84
N LEU A 89 47.81 25.88 21.30
CA LEU A 89 46.78 25.85 20.27
C LEU A 89 45.43 25.54 20.91
N SER A 90 44.81 26.56 21.48
CA SER A 90 43.52 26.40 22.14
C SER A 90 42.38 26.48 21.12
N THR A 91 42.25 25.44 20.30
CA THR A 91 41.16 25.30 19.32
C THR A 91 41.35 26.23 18.10
N ASP A 92 41.76 27.46 18.33
CA ASP A 92 41.94 28.43 17.26
C ASP A 92 43.32 29.07 17.35
N GLY A 1 -39.90 -5.03 20.82
CA GLY A 1 -39.28 -3.78 20.32
C GLY A 1 -37.80 -3.72 20.64
N ALA A 2 -36.98 -4.18 19.70
CA ALA A 2 -35.53 -4.24 19.91
C ALA A 2 -34.91 -2.85 19.93
N HIS A 3 -35.63 -1.87 19.38
CA HIS A 3 -35.16 -0.50 19.37
C HIS A 3 -35.08 0.04 20.79
N MET A 4 -35.97 -0.45 21.65
CA MET A 4 -35.99 -0.05 23.05
C MET A 4 -35.06 -0.93 23.87
N MET A 5 -33.78 -0.83 23.58
CA MET A 5 -32.77 -1.63 24.28
C MET A 5 -31.52 -0.78 24.47
N GLN A 6 -31.75 0.44 24.96
CA GLN A 6 -30.72 1.48 25.00
C GLN A 6 -29.48 1.07 25.78
N ALA A 7 -29.64 0.25 26.80
CA ALA A 7 -28.51 -0.18 27.61
C ALA A 7 -27.54 -1.04 26.81
N ARG A 8 -28.05 -2.13 26.25
CA ARG A 8 -27.22 -3.06 25.48
C ARG A 8 -26.88 -2.46 24.12
N ARG A 9 -27.78 -1.64 23.59
CA ARG A 9 -27.57 -1.04 22.28
C ARG A 9 -26.42 -0.05 22.32
N GLU A 10 -26.40 0.82 23.33
CA GLU A 10 -25.33 1.80 23.48
C GLU A 10 -24.01 1.10 23.74
N GLU A 11 -24.08 -0.05 24.39
CA GLU A 11 -22.90 -0.82 24.74
C GLU A 11 -22.23 -1.36 23.48
N LEU A 12 -23.03 -1.89 22.56
CA LEU A 12 -22.50 -2.41 21.31
C LEU A 12 -21.97 -1.27 20.45
N LEU A 13 -22.74 -0.18 20.38
CA LEU A 13 -22.33 0.99 19.63
C LEU A 13 -21.10 1.63 20.27
N ALA A 14 -20.94 1.44 21.57
CA ALA A 14 -19.75 1.89 22.27
C ALA A 14 -18.55 1.14 21.75
N LYS A 15 -18.70 -0.18 21.68
CA LYS A 15 -17.66 -1.07 21.16
C LYS A 15 -17.41 -0.80 19.68
N LYS A 16 -18.40 -0.23 19.02
CA LYS A 16 -18.28 0.08 17.60
C LYS A 16 -17.60 1.42 17.41
N ALA A 17 -17.98 2.40 18.22
CA ALA A 17 -17.41 3.73 18.15
C ALA A 17 -15.93 3.71 18.54
N ARG A 18 -15.59 2.81 19.45
CA ARG A 18 -14.20 2.64 19.90
C ARG A 18 -13.27 2.33 18.73
N LEU A 19 -13.79 1.63 17.73
CA LEU A 19 -13.00 1.25 16.56
C LEU A 19 -12.74 2.46 15.67
N ALA A 20 -13.63 3.43 15.72
CA ALA A 20 -13.53 4.61 14.89
C ALA A 20 -12.28 5.42 15.21
N GLU A 21 -11.82 5.35 16.46
CA GLU A 21 -10.58 5.99 16.85
C GLU A 21 -9.40 5.37 16.09
N ILE A 22 -9.32 4.05 16.16
CA ILE A 22 -8.28 3.31 15.46
C ILE A 22 -8.37 3.53 13.94
N LYS A 23 -9.59 3.49 13.42
CA LYS A 23 -9.83 3.68 11.99
C LYS A 23 -9.31 5.04 11.53
N ARG A 24 -9.61 6.06 12.33
CA ARG A 24 -9.28 7.45 11.97
C ARG A 24 -7.78 7.63 11.78
N GLN A 25 -6.99 6.78 12.42
CA GLN A 25 -5.54 6.83 12.31
C GLN A 25 -5.12 6.54 10.88
N ARG A 26 -5.84 5.62 10.24
CA ARG A 26 -5.58 5.28 8.85
C ARG A 26 -5.89 6.46 7.94
N GLU A 27 -7.07 7.05 8.11
CA GLU A 27 -7.46 8.24 7.35
C GLU A 27 -6.40 9.33 7.44
N LEU A 28 -5.87 9.57 8.64
CA LEU A 28 -4.81 10.54 8.82
C LEU A 28 -3.54 10.11 8.10
N ARG A 29 -3.21 8.82 8.19
CA ARG A 29 -2.02 8.29 7.56
C ARG A 29 -2.13 8.37 6.03
N ALA A 30 -3.36 8.41 5.53
CA ALA A 30 -3.58 8.56 4.10
C ALA A 30 -3.14 9.94 3.64
N GLN A 31 -3.43 10.93 4.47
CA GLN A 31 -2.98 12.31 4.22
C GLN A 31 -1.46 12.40 4.39
N GLN A 32 -0.92 11.52 5.22
CA GLN A 32 0.51 11.52 5.50
C GLN A 32 1.29 10.84 4.39
N ALA A 33 0.83 9.63 4.03
CA ALA A 33 1.46 8.87 2.97
C ALA A 33 1.19 9.50 1.62
N ALA A 34 -0.08 9.79 1.34
CA ALA A 34 -0.46 10.44 0.08
C ALA A 34 0.15 9.71 -1.11
N GLY A 35 0.03 8.40 -1.09
CA GLY A 35 0.62 7.58 -2.14
C GLY A 35 1.74 6.72 -1.59
N ARG A 36 2.96 7.23 -1.61
CA ARG A 36 4.12 6.48 -1.16
C ARG A 36 5.02 7.35 -0.29
N SER A 37 4.57 7.61 0.94
CA SER A 37 5.35 8.38 1.90
C SER A 37 5.62 9.80 1.39
N ILE A 38 4.57 10.61 1.36
CA ILE A 38 4.64 11.99 0.88
C ILE A 38 4.99 12.01 -0.61
N THR A 39 3.97 11.83 -1.44
CA THR A 39 4.17 11.81 -2.88
C THR A 39 3.33 12.89 -3.56
N PRO A 40 3.91 14.07 -3.83
CA PRO A 40 3.23 15.16 -4.52
C PRO A 40 2.82 14.77 -5.93
N SER A 41 1.69 15.27 -6.39
CA SER A 41 1.22 15.00 -7.74
C SER A 41 0.64 16.29 -8.32
N GLU A 42 0.73 16.41 -9.65
CA GLU A 42 0.25 17.60 -10.37
C GLU A 42 1.09 18.81 -9.99
N LEU A 43 2.36 18.57 -9.71
CA LEU A 43 3.29 19.63 -9.36
C LEU A 43 3.89 20.21 -10.64
N VAL A 44 3.05 20.86 -11.41
CA VAL A 44 3.44 21.41 -12.69
C VAL A 44 3.16 22.89 -12.72
N SER A 45 4.15 23.68 -12.34
CA SER A 45 4.05 25.13 -12.42
C SER A 45 5.38 25.73 -12.89
N PRO A 46 5.79 25.39 -14.13
CA PRO A 46 7.04 25.84 -14.71
C PRO A 46 6.84 27.03 -15.64
N THR A 47 5.96 27.94 -15.26
CA THR A 47 5.63 29.08 -16.10
C THR A 47 6.34 30.34 -15.57
N PRO A 48 7.45 30.74 -16.22
CA PRO A 48 8.24 31.91 -15.80
C PRO A 48 7.55 33.23 -16.12
N SER A 49 6.55 33.56 -15.32
CA SER A 49 5.84 34.83 -15.46
C SER A 49 5.18 35.19 -14.14
N ARG A 50 4.98 36.47 -13.90
CA ARG A 50 4.40 36.94 -12.66
C ARG A 50 3.68 38.26 -12.91
N ALA A 51 2.65 38.53 -12.13
CA ALA A 51 1.84 39.72 -12.30
C ALA A 51 2.57 40.96 -11.81
N ASN A 52 3.41 41.51 -12.66
CA ASN A 52 4.19 42.70 -12.32
C ASN A 52 4.41 43.54 -13.59
N SER A 53 3.33 44.11 -14.09
CA SER A 53 3.40 44.92 -15.30
C SER A 53 2.49 46.13 -15.16
N ARG A 54 2.98 47.28 -15.57
CA ARG A 54 2.21 48.52 -15.47
C ARG A 54 2.10 49.15 -16.85
N ARG A 55 2.15 48.29 -17.88
CA ARG A 55 2.06 48.70 -19.28
C ARG A 55 3.30 49.48 -19.71
N GLU A 56 3.98 48.97 -20.74
CA GLU A 56 5.26 49.48 -21.22
C GLU A 56 6.28 49.65 -20.09
N ILE A 57 7.10 48.63 -19.91
CA ILE A 57 8.07 48.59 -18.82
C ILE A 57 9.10 49.71 -18.99
N GLU A 58 9.34 50.08 -20.23
CA GLU A 58 10.30 51.13 -20.55
C GLU A 58 9.81 52.49 -20.06
N SER A 59 8.50 52.56 -19.78
CA SER A 59 7.86 53.77 -19.29
C SER A 59 8.06 54.93 -20.26
N LEU A 60 8.01 54.62 -21.55
CA LEU A 60 8.30 55.61 -22.59
C LEU A 60 7.28 56.76 -22.55
N ILE A 61 6.02 56.43 -22.69
CA ILE A 61 4.96 57.43 -22.69
C ILE A 61 4.81 58.01 -21.30
N ASP A 62 5.07 57.19 -20.30
CA ASP A 62 4.99 57.61 -18.91
C ASP A 62 6.05 58.65 -18.60
N SER A 63 7.19 58.53 -19.27
CA SER A 63 8.29 59.48 -19.09
C SER A 63 8.01 60.76 -19.87
N ILE A 64 7.31 60.63 -20.99
CA ILE A 64 6.91 61.78 -21.78
C ILE A 64 5.84 62.56 -21.01
N LEU A 65 5.08 61.83 -20.23
CA LEU A 65 4.04 62.43 -19.40
C LEU A 65 4.60 62.77 -18.02
N SER A 66 5.92 62.67 -17.89
CA SER A 66 6.60 62.97 -16.64
C SER A 66 7.73 63.95 -16.91
N SER A 67 7.52 64.82 -17.87
CA SER A 67 8.51 65.82 -18.23
C SER A 67 7.83 67.15 -18.54
N SER A 68 6.89 67.53 -17.67
CA SER A 68 6.10 68.75 -17.81
C SER A 68 5.05 68.61 -18.92
N ALA A 69 3.85 69.09 -18.65
CA ALA A 69 2.75 69.06 -19.61
C ALA A 69 2.43 67.62 -20.02
N GLY A 70 1.91 66.86 -19.07
CA GLY A 70 1.58 65.48 -19.35
C GLY A 70 0.69 64.89 -18.26
N ALA A 71 1.30 64.09 -17.38
CA ALA A 71 0.56 63.49 -16.29
C ALA A 71 1.31 63.68 -14.98
N ASN A 72 1.85 64.87 -14.79
CA ASN A 72 2.57 65.18 -13.55
C ASN A 72 2.39 66.65 -13.17
N SER A 73 2.95 67.55 -13.96
CA SER A 73 2.84 68.98 -13.72
C SER A 73 3.53 69.76 -14.83
N PRO A 74 2.82 70.71 -15.45
CA PRO A 74 3.43 71.66 -16.38
C PRO A 74 4.29 72.67 -15.63
N ARG A 75 5.44 73.01 -16.21
CA ARG A 75 6.36 73.96 -15.60
C ARG A 75 5.67 75.31 -15.41
N ARG A 76 4.85 75.68 -16.41
CA ARG A 76 4.03 76.88 -16.34
C ARG A 76 4.85 78.10 -15.91
N GLY A 77 5.79 78.48 -16.75
CA GLY A 77 6.66 79.59 -16.45
C GLY A 77 8.06 79.35 -16.96
N SER A 78 8.91 80.35 -16.85
CA SER A 78 10.27 80.24 -17.34
C SER A 78 11.27 80.61 -16.25
N ARG A 79 11.72 79.60 -15.51
CA ARG A 79 12.72 79.80 -14.46
C ARG A 79 13.41 78.47 -14.17
N PRO A 80 14.72 78.49 -13.87
CA PRO A 80 15.48 77.28 -13.57
C PRO A 80 15.34 76.87 -12.11
N ASN A 81 14.41 75.97 -11.83
CA ASN A 81 14.22 75.46 -10.47
C ASN A 81 15.17 74.31 -10.21
N SER A 82 16.43 74.64 -10.00
CA SER A 82 17.45 73.62 -9.77
C SER A 82 18.44 74.12 -8.72
N VAL A 83 18.24 73.70 -7.48
CA VAL A 83 19.11 74.09 -6.38
C VAL A 83 20.06 72.95 -6.04
N ILE A 84 21.11 72.80 -6.84
CA ILE A 84 22.07 71.73 -6.64
C ILE A 84 23.49 72.30 -6.62
N SER A 85 23.81 73.01 -5.54
CA SER A 85 25.14 73.60 -5.39
C SER A 85 25.62 73.45 -3.93
N THR A 86 25.21 72.35 -3.30
CA THR A 86 25.58 72.10 -1.92
C THR A 86 25.48 70.60 -1.64
N GLY A 87 26.54 70.03 -1.07
CA GLY A 87 26.54 68.61 -0.78
C GLY A 87 27.87 67.97 -1.11
N GLU A 88 28.95 68.65 -0.74
CA GLU A 88 30.31 68.18 -1.01
C GLU A 88 30.59 68.15 -2.51
N LEU A 89 29.92 69.02 -3.25
CA LEU A 89 30.11 69.08 -4.71
C LEU A 89 31.32 69.92 -5.05
N SER A 90 32.12 69.44 -5.98
CA SER A 90 33.32 70.16 -6.42
C SER A 90 33.16 70.59 -7.87
N THR A 91 31.93 70.78 -8.29
CA THR A 91 31.64 71.16 -9.66
C THR A 91 30.37 72.01 -9.71
N ASP A 92 29.22 71.34 -9.62
CA ASP A 92 27.89 71.98 -9.64
C ASP A 92 27.82 73.14 -10.64
N GLY A 1 -36.46 2.45 21.19
CA GLY A 1 -35.32 1.50 21.13
C GLY A 1 -35.41 0.39 22.17
N ALA A 2 -36.30 0.56 23.15
CA ALA A 2 -36.40 -0.36 24.27
C ALA A 2 -37.05 -1.69 23.88
N HIS A 3 -37.32 -1.87 22.60
CA HIS A 3 -37.87 -3.12 22.11
C HIS A 3 -36.85 -3.82 21.22
N MET A 4 -35.70 -3.16 21.02
CA MET A 4 -34.67 -3.66 20.12
C MET A 4 -33.42 -4.07 20.91
N MET A 5 -33.60 -4.33 22.20
CA MET A 5 -32.49 -4.64 23.09
C MET A 5 -31.50 -3.48 23.09
N GLN A 6 -32.00 -2.31 23.47
CA GLN A 6 -31.27 -1.05 23.32
C GLN A 6 -30.02 -1.00 24.20
N ALA A 7 -30.07 -1.62 25.36
CA ALA A 7 -28.94 -1.63 26.27
C ALA A 7 -27.72 -2.25 25.60
N ARG A 8 -27.90 -3.43 25.02
CA ARG A 8 -26.82 -4.11 24.32
C ARG A 8 -26.53 -3.43 22.98
N ARG A 9 -27.55 -2.79 22.43
CA ARG A 9 -27.39 -2.08 21.16
C ARG A 9 -26.44 -0.90 21.34
N GLU A 10 -26.68 -0.08 22.35
CA GLU A 10 -25.85 1.07 22.62
C GLU A 10 -24.46 0.63 23.07
N GLU A 11 -24.40 -0.54 23.68
CA GLU A 11 -23.13 -1.09 24.17
C GLU A 11 -22.24 -1.45 22.99
N LEU A 12 -22.82 -2.07 21.96
CA LEU A 12 -22.08 -2.42 20.77
C LEU A 12 -21.64 -1.17 20.02
N LEU A 13 -22.53 -0.19 19.98
CA LEU A 13 -22.22 1.11 19.37
C LEU A 13 -21.13 1.83 20.17
N ALA A 14 -21.13 1.61 21.48
CA ALA A 14 -20.09 2.15 22.34
C ALA A 14 -18.75 1.53 21.99
N LYS A 15 -18.79 0.24 21.67
CA LYS A 15 -17.62 -0.50 21.22
C LYS A 15 -17.25 -0.08 19.80
N LYS A 16 -18.24 0.34 19.03
CA LYS A 16 -18.04 0.76 17.66
C LYS A 16 -17.36 2.13 17.64
N ALA A 17 -17.68 2.95 18.63
CA ALA A 17 -17.04 4.25 18.78
C ALA A 17 -15.53 4.09 18.92
N ARG A 18 -15.12 3.10 19.72
CA ARG A 18 -13.70 2.79 19.88
C ARG A 18 -13.11 2.29 18.57
N LEU A 19 -13.88 1.50 17.83
CA LEU A 19 -13.44 1.01 16.53
C LEU A 19 -13.26 2.18 15.57
N ALA A 20 -14.16 3.14 15.64
CA ALA A 20 -14.06 4.36 14.85
C ALA A 20 -12.83 5.15 15.24
N GLU A 21 -12.46 5.07 16.51
CA GLU A 21 -11.26 5.72 17.01
C GLU A 21 -10.02 5.07 16.41
N ILE A 22 -10.00 3.75 16.45
CA ILE A 22 -8.93 2.98 15.83
C ILE A 22 -8.89 3.21 14.32
N LYS A 23 -10.05 3.09 13.67
CA LYS A 23 -10.15 3.24 12.22
C LYS A 23 -9.71 4.64 11.78
N ARG A 24 -9.80 5.61 12.68
CA ARG A 24 -9.45 7.00 12.39
C ARG A 24 -7.98 7.11 11.99
N GLN A 25 -7.17 6.14 12.44
CA GLN A 25 -5.74 6.15 12.17
C GLN A 25 -5.47 6.10 10.66
N ARG A 26 -6.42 5.57 9.91
CA ARG A 26 -6.31 5.55 8.45
C ARG A 26 -6.33 6.97 7.91
N GLU A 27 -7.36 7.71 8.31
CA GLU A 27 -7.51 9.10 7.91
C GLU A 27 -6.33 9.95 8.41
N LEU A 28 -5.75 9.54 9.52
CA LEU A 28 -4.55 10.20 10.04
C LEU A 28 -3.37 9.89 9.11
N ARG A 29 -3.24 8.61 8.81
CA ARG A 29 -2.20 8.12 7.91
C ARG A 29 -2.36 8.69 6.51
N ALA A 30 -3.59 8.95 6.09
CA ALA A 30 -3.85 9.53 4.76
C ALA A 30 -3.24 10.92 4.66
N GLN A 31 -3.14 11.58 5.79
CA GLN A 31 -2.49 12.88 5.86
C GLN A 31 -0.99 12.71 5.67
N GLN A 32 -0.41 11.88 6.52
CA GLN A 32 1.01 11.56 6.46
C GLN A 32 1.42 10.91 5.14
N ALA A 33 0.57 10.06 4.61
CA ALA A 33 0.82 9.42 3.32
C ALA A 33 0.68 10.42 2.19
N ALA A 34 -0.32 11.30 2.34
CA ALA A 34 -0.52 12.45 1.45
C ALA A 34 -0.82 12.02 0.03
N GLY A 35 -1.40 10.84 -0.11
CA GLY A 35 -1.74 10.33 -1.43
C GLY A 35 -0.57 9.65 -2.11
N ARG A 36 0.53 9.50 -1.39
CA ARG A 36 1.72 8.88 -1.93
C ARG A 36 1.91 7.48 -1.38
N SER A 37 0.82 6.75 -1.23
CA SER A 37 0.87 5.40 -0.73
C SER A 37 -0.03 4.49 -1.56
N ILE A 38 0.12 4.58 -2.87
CA ILE A 38 -0.68 3.80 -3.80
C ILE A 38 0.22 2.86 -4.58
N THR A 39 0.54 1.74 -3.97
CA THR A 39 1.45 0.77 -4.57
C THR A 39 0.70 -0.51 -4.95
N PRO A 40 0.18 -0.58 -6.18
CA PRO A 40 -0.54 -1.77 -6.67
C PRO A 40 0.41 -2.90 -6.99
N SER A 41 0.69 -3.72 -5.99
CA SER A 41 1.62 -4.83 -6.14
C SER A 41 0.89 -6.10 -6.56
N GLU A 42 -0.40 -6.16 -6.26
CA GLU A 42 -1.20 -7.32 -6.62
C GLU A 42 -2.13 -6.96 -7.79
N LEU A 43 -1.55 -6.89 -8.97
CA LEU A 43 -2.31 -6.54 -10.15
C LEU A 43 -2.96 -7.78 -10.75
N VAL A 44 -4.03 -8.22 -10.12
CA VAL A 44 -4.79 -9.36 -10.58
C VAL A 44 -6.20 -8.91 -10.95
N SER A 45 -6.36 -8.46 -12.17
CA SER A 45 -7.65 -7.97 -12.65
C SER A 45 -7.95 -8.53 -14.04
N PRO A 46 -8.22 -9.83 -14.15
CA PRO A 46 -8.51 -10.49 -15.43
C PRO A 46 -9.95 -10.28 -15.87
N THR A 47 -10.43 -9.05 -15.72
CA THR A 47 -11.80 -8.72 -16.06
C THR A 47 -11.85 -7.86 -17.32
N PRO A 48 -12.14 -8.45 -18.48
CA PRO A 48 -12.24 -7.75 -19.74
C PRO A 48 -13.70 -7.44 -20.11
N SER A 49 -14.43 -6.87 -19.16
CA SER A 49 -15.83 -6.55 -19.39
C SER A 49 -16.14 -5.17 -18.80
N ARG A 50 -15.92 -4.13 -19.59
CA ARG A 50 -16.16 -2.76 -19.18
C ARG A 50 -15.30 -2.40 -17.98
N ALA A 51 -13.99 -2.48 -18.18
CA ALA A 51 -13.03 -2.12 -17.15
C ALA A 51 -12.00 -1.14 -17.71
N ASN A 52 -12.48 -0.23 -18.54
CA ASN A 52 -11.63 0.76 -19.20
C ASN A 52 -12.39 2.07 -19.37
N SER A 53 -12.20 2.99 -18.42
CA SER A 53 -12.86 4.31 -18.43
C SER A 53 -14.34 4.17 -18.10
N ARG A 54 -14.79 4.94 -17.13
CA ARG A 54 -16.17 4.85 -16.67
C ARG A 54 -17.00 5.97 -17.31
N ARG A 55 -16.52 6.46 -18.45
CA ARG A 55 -17.21 7.53 -19.17
C ARG A 55 -18.44 6.98 -19.88
N GLU A 56 -19.61 7.28 -19.33
CA GLU A 56 -20.89 6.89 -19.91
C GLU A 56 -21.99 7.73 -19.27
N ILE A 57 -22.41 8.76 -19.98
CA ILE A 57 -23.38 9.72 -19.46
C ILE A 57 -24.81 9.27 -19.79
N GLU A 58 -24.93 8.04 -20.29
CA GLU A 58 -26.23 7.45 -20.58
C GLU A 58 -27.05 7.34 -19.29
N SER A 59 -26.35 7.11 -18.18
CA SER A 59 -26.96 7.15 -16.87
C SER A 59 -25.92 7.48 -15.81
N LEU A 60 -24.67 7.06 -16.07
CA LEU A 60 -23.51 7.39 -15.23
C LEU A 60 -23.62 6.72 -13.85
N ILE A 61 -24.56 5.81 -13.74
CA ILE A 61 -24.76 5.07 -12.49
C ILE A 61 -23.78 3.92 -12.40
N ASP A 62 -22.95 3.80 -13.43
CA ASP A 62 -21.95 2.74 -13.52
C ASP A 62 -20.90 2.90 -12.43
N SER A 63 -20.62 4.15 -12.07
CA SER A 63 -19.69 4.44 -10.98
C SER A 63 -20.33 4.10 -9.63
N ILE A 64 -21.65 4.03 -9.64
CA ILE A 64 -22.42 3.73 -8.44
C ILE A 64 -22.59 2.22 -8.32
N LEU A 65 -22.61 1.56 -9.47
CA LEU A 65 -22.77 0.11 -9.53
C LEU A 65 -21.48 -0.57 -9.10
N SER A 66 -20.38 0.15 -9.22
CA SER A 66 -19.08 -0.35 -8.81
C SER A 66 -18.68 0.28 -7.48
N SER A 67 -19.45 1.30 -7.08
CA SER A 67 -19.19 2.05 -5.86
C SER A 67 -17.80 2.69 -5.89
N SER A 68 -17.39 3.12 -7.07
CA SER A 68 -16.05 3.65 -7.27
C SER A 68 -16.05 5.18 -7.13
N ALA A 69 -16.20 5.64 -5.88
CA ALA A 69 -16.20 7.06 -5.55
C ALA A 69 -17.33 7.80 -6.26
N GLY A 70 -18.47 7.13 -6.40
CA GLY A 70 -19.61 7.72 -7.07
C GLY A 70 -20.64 8.24 -6.09
N ALA A 71 -21.65 7.43 -5.80
CA ALA A 71 -22.72 7.78 -4.87
C ALA A 71 -23.36 9.13 -5.22
N ASN A 72 -24.09 9.16 -6.34
CA ASN A 72 -24.77 10.38 -6.75
C ASN A 72 -26.22 10.37 -6.30
N SER A 73 -26.58 9.32 -5.55
CA SER A 73 -27.93 9.10 -5.05
C SER A 73 -28.91 8.95 -6.22
N PRO A 74 -28.94 7.76 -6.85
CA PRO A 74 -29.85 7.48 -7.96
C PRO A 74 -31.28 7.25 -7.47
N ARG A 75 -31.77 8.18 -6.69
CA ARG A 75 -33.09 8.10 -6.09
C ARG A 75 -33.81 9.43 -6.22
N ARG A 76 -33.70 10.03 -7.39
CA ARG A 76 -34.29 11.33 -7.65
C ARG A 76 -35.50 11.18 -8.57
N GLY A 77 -36.35 10.22 -8.24
CA GLY A 77 -37.52 9.95 -9.06
C GLY A 77 -37.17 9.22 -10.35
N SER A 78 -36.25 8.27 -10.27
CA SER A 78 -35.83 7.52 -11.44
C SER A 78 -36.30 6.06 -11.34
N ARG A 79 -37.50 5.87 -10.82
CA ARG A 79 -38.07 4.55 -10.65
C ARG A 79 -39.57 4.67 -10.37
N PRO A 80 -40.38 4.72 -11.43
CA PRO A 80 -41.84 4.90 -11.31
C PRO A 80 -42.56 3.60 -10.94
N ASN A 81 -42.10 2.98 -9.86
CA ASN A 81 -42.68 1.72 -9.37
C ASN A 81 -42.69 0.65 -10.47
N SER A 82 -41.58 -0.04 -10.62
CA SER A 82 -41.44 -1.05 -11.66
C SER A 82 -41.85 -2.42 -11.14
N VAL A 83 -42.98 -2.46 -10.44
CA VAL A 83 -43.51 -3.70 -9.91
C VAL A 83 -44.40 -4.37 -10.95
N ILE A 84 -43.77 -5.00 -11.93
CA ILE A 84 -44.49 -5.66 -13.00
C ILE A 84 -44.50 -7.17 -12.76
N SER A 85 -45.50 -7.62 -12.02
CA SER A 85 -45.60 -9.02 -11.63
C SER A 85 -45.97 -9.92 -12.81
N THR A 86 -46.62 -9.34 -13.82
CA THR A 86 -47.06 -10.11 -14.97
C THR A 86 -47.32 -9.20 -16.17
N GLY A 87 -46.25 -8.85 -16.87
CA GLY A 87 -46.38 -8.04 -18.06
C GLY A 87 -46.84 -8.86 -19.24
N GLU A 88 -46.20 -10.00 -19.43
CA GLU A 88 -46.57 -10.92 -20.50
C GLU A 88 -46.41 -12.35 -19.99
N LEU A 89 -47.13 -12.66 -18.93
CA LEU A 89 -47.04 -13.96 -18.29
C LEU A 89 -48.43 -14.50 -17.95
N SER A 90 -48.88 -15.46 -18.73
CA SER A 90 -50.17 -16.09 -18.49
C SER A 90 -49.97 -17.51 -17.94
N THR A 91 -48.94 -17.67 -17.12
CA THR A 91 -48.62 -18.96 -16.53
C THR A 91 -48.37 -18.80 -15.03
N ASP A 92 -49.36 -19.24 -14.24
CA ASP A 92 -49.34 -19.12 -12.77
C ASP A 92 -48.85 -17.75 -12.32
N GLY A 1 -41.55 -8.12 28.38
CA GLY A 1 -42.13 -6.80 28.01
C GLY A 1 -42.04 -6.55 26.52
N ALA A 2 -41.56 -5.37 26.15
CA ALA A 2 -41.42 -5.01 24.75
C ALA A 2 -39.95 -4.96 24.36
N HIS A 3 -39.18 -5.87 24.94
CA HIS A 3 -37.72 -5.95 24.72
C HIS A 3 -37.03 -4.72 25.29
N MET A 4 -37.01 -3.63 24.52
CA MET A 4 -36.43 -2.36 24.96
C MET A 4 -35.04 -2.55 25.54
N MET A 5 -34.16 -3.17 24.77
CA MET A 5 -32.78 -3.37 25.20
C MET A 5 -31.94 -2.17 24.79
N GLN A 6 -32.19 -1.03 25.44
CA GLN A 6 -31.52 0.22 25.10
C GLN A 6 -30.15 0.31 25.78
N ALA A 7 -30.10 -0.06 27.05
CA ALA A 7 -28.88 0.09 27.84
C ALA A 7 -27.71 -0.64 27.21
N ARG A 8 -27.90 -1.92 26.89
CA ARG A 8 -26.82 -2.74 26.35
C ARG A 8 -26.54 -2.36 24.90
N ARG A 9 -27.56 -1.88 24.21
CA ARG A 9 -27.43 -1.54 22.79
C ARG A 9 -26.58 -0.27 22.65
N GLU A 10 -26.90 0.74 23.45
CA GLU A 10 -26.19 2.01 23.41
C GLU A 10 -24.74 1.81 23.81
N GLU A 11 -24.54 1.16 24.95
CA GLU A 11 -23.20 0.82 25.43
C GLU A 11 -22.44 -0.02 24.40
N LEU A 12 -23.16 -0.80 23.60
CA LEU A 12 -22.51 -1.60 22.57
C LEU A 12 -21.97 -0.68 21.48
N LEU A 13 -22.81 0.22 21.00
CA LEU A 13 -22.38 1.19 19.98
C LEU A 13 -21.26 2.07 20.51
N ALA A 14 -21.25 2.30 21.81
CA ALA A 14 -20.19 3.05 22.44
C ALA A 14 -18.86 2.30 22.30
N LYS A 15 -18.92 1.00 22.55
CA LYS A 15 -17.75 0.14 22.48
C LYS A 15 -17.42 -0.25 21.04
N LYS A 16 -18.42 -0.15 20.17
CA LYS A 16 -18.25 -0.51 18.76
C LYS A 16 -17.65 0.66 17.99
N ALA A 17 -17.79 1.85 18.55
CA ALA A 17 -17.24 3.06 17.96
C ALA A 17 -15.72 3.01 17.93
N ARG A 18 -15.15 2.17 18.79
CA ARG A 18 -13.70 2.00 18.86
C ARG A 18 -13.13 1.52 17.53
N LEU A 19 -13.95 0.82 16.75
CA LEU A 19 -13.54 0.36 15.43
C LEU A 19 -13.33 1.55 14.50
N ALA A 20 -14.31 2.47 14.50
CA ALA A 20 -14.20 3.70 13.74
C ALA A 20 -13.06 4.57 14.27
N GLU A 21 -12.86 4.49 15.58
CA GLU A 21 -11.79 5.21 16.25
C GLU A 21 -10.45 4.71 15.73
N ILE A 22 -10.29 3.40 15.69
CA ILE A 22 -9.11 2.77 15.10
C ILE A 22 -8.97 3.16 13.63
N LYS A 23 -10.09 3.14 12.91
CA LYS A 23 -10.11 3.45 11.48
C LYS A 23 -9.53 4.83 11.19
N ARG A 24 -9.65 5.73 12.16
CA ARG A 24 -9.18 7.11 12.01
C ARG A 24 -7.67 7.15 11.79
N GLN A 25 -6.97 6.08 12.20
CA GLN A 25 -5.51 6.02 12.08
C GLN A 25 -5.07 6.18 10.63
N ARG A 26 -5.92 5.73 9.70
CA ARG A 26 -5.64 5.84 8.29
C ARG A 26 -5.56 7.30 7.87
N GLU A 27 -6.61 8.05 8.17
CA GLU A 27 -6.67 9.47 7.82
C GLU A 27 -5.58 10.25 8.54
N LEU A 28 -5.22 9.79 9.73
CA LEU A 28 -4.18 10.41 10.51
C LEU A 28 -2.81 10.18 9.86
N ARG A 29 -2.46 8.91 9.71
CA ARG A 29 -1.20 8.50 9.11
C ARG A 29 -1.06 8.99 7.67
N ALA A 30 -2.18 9.31 7.04
CA ALA A 30 -2.16 9.78 5.66
C ALA A 30 -1.47 11.12 5.57
N GLN A 31 -1.88 12.06 6.41
CA GLN A 31 -1.28 13.38 6.42
C GLN A 31 0.09 13.33 7.11
N GLN A 32 0.23 12.41 8.05
CA GLN A 32 1.44 12.31 8.85
C GLN A 32 2.57 11.64 8.08
N ALA A 33 2.36 10.40 7.66
CA ALA A 33 3.37 9.66 6.93
C ALA A 33 3.49 10.16 5.50
N ALA A 34 2.33 10.50 4.92
CA ALA A 34 2.25 11.08 3.57
C ALA A 34 2.59 10.06 2.49
N GLY A 35 2.63 8.80 2.89
CA GLY A 35 2.95 7.74 1.95
C GLY A 35 3.99 6.79 2.50
N ARG A 36 5.01 7.35 3.14
CA ARG A 36 6.13 6.59 3.73
C ARG A 36 6.65 5.48 2.80
N SER A 37 7.51 5.88 1.85
CA SER A 37 8.16 4.96 0.91
C SER A 37 7.20 4.47 -0.17
N ILE A 38 7.64 4.58 -1.42
CA ILE A 38 6.87 4.13 -2.58
C ILE A 38 5.55 4.89 -2.66
N THR A 39 5.64 6.17 -2.93
CA THR A 39 4.48 7.02 -3.07
C THR A 39 4.52 7.77 -4.40
N PRO A 40 4.10 7.09 -5.48
CA PRO A 40 4.14 7.66 -6.83
C PRO A 40 3.34 8.95 -6.96
N SER A 41 4.05 10.03 -7.20
CA SER A 41 3.44 11.34 -7.38
C SER A 41 4.25 12.13 -8.39
N GLU A 42 4.51 11.51 -9.52
CA GLU A 42 5.37 12.08 -10.56
C GLU A 42 4.76 11.82 -11.93
N LEU A 43 3.62 12.45 -12.18
CA LEU A 43 2.91 12.29 -13.45
C LEU A 43 2.70 10.82 -13.78
N VAL A 44 2.28 10.07 -12.77
CA VAL A 44 2.18 8.63 -12.88
C VAL A 44 0.85 8.23 -13.50
N SER A 45 0.83 8.20 -14.81
CA SER A 45 -0.32 7.75 -15.56
C SER A 45 0.13 7.33 -16.96
N PRO A 46 0.60 6.09 -17.10
CA PRO A 46 1.05 5.53 -18.38
C PRO A 46 -0.09 5.31 -19.37
N THR A 47 -0.72 6.40 -19.76
CA THR A 47 -1.80 6.37 -20.72
C THR A 47 -1.30 6.83 -22.09
N PRO A 48 -1.03 5.90 -23.02
CA PRO A 48 -0.49 6.22 -24.35
C PRO A 48 -1.48 6.99 -25.23
N SER A 49 -1.66 8.27 -24.91
CA SER A 49 -2.53 9.13 -25.67
C SER A 49 -2.13 10.58 -25.46
N ARG A 50 -0.84 10.86 -25.69
CA ARG A 50 -0.24 12.18 -25.50
C ARG A 50 -0.10 12.49 -24.01
N ALA A 51 0.96 13.22 -23.67
CA ALA A 51 1.24 13.61 -22.28
C ALA A 51 1.45 12.37 -21.41
N ASN A 52 2.30 11.48 -21.90
CA ASN A 52 2.64 10.26 -21.18
C ASN A 52 4.14 10.05 -21.20
N SER A 53 4.82 10.57 -20.19
CA SER A 53 6.25 10.42 -20.07
C SER A 53 6.59 9.26 -19.13
N ARG A 54 5.72 8.27 -19.10
CA ARG A 54 5.91 7.09 -18.27
C ARG A 54 6.02 5.86 -19.14
N ARG A 55 7.19 5.62 -19.70
CA ARG A 55 7.43 4.47 -20.55
C ARG A 55 8.93 4.20 -20.68
N GLU A 56 9.58 4.87 -21.62
CA GLU A 56 10.99 4.63 -21.90
C GLU A 56 11.58 5.77 -22.71
N ILE A 57 11.87 6.87 -22.05
CA ILE A 57 12.52 8.00 -22.69
C ILE A 57 14.00 7.71 -22.84
N GLU A 58 14.53 6.92 -21.92
CA GLU A 58 15.95 6.61 -21.88
C GLU A 58 16.35 5.80 -23.11
N SER A 59 15.54 4.81 -23.46
CA SER A 59 15.85 3.97 -24.61
C SER A 59 15.44 4.67 -25.90
N LEU A 60 14.52 5.62 -25.79
CA LEU A 60 14.07 6.38 -26.94
C LEU A 60 15.23 7.20 -27.49
N ILE A 61 15.93 7.88 -26.61
CA ILE A 61 17.08 8.69 -26.99
C ILE A 61 18.22 7.79 -27.43
N ASP A 62 18.32 6.63 -26.80
CA ASP A 62 19.35 5.65 -27.13
C ASP A 62 19.13 5.10 -28.54
N SER A 63 17.86 5.02 -28.93
CA SER A 63 17.50 4.55 -30.26
C SER A 63 17.94 5.57 -31.32
N ILE A 64 18.02 6.83 -30.92
CA ILE A 64 18.51 7.89 -31.79
C ILE A 64 20.03 7.86 -31.84
N LEU A 65 20.62 7.57 -30.69
CA LEU A 65 22.07 7.53 -30.56
C LEU A 65 22.64 6.33 -31.34
N SER A 66 21.78 5.35 -31.58
CA SER A 66 22.21 4.13 -32.28
C SER A 66 21.52 4.01 -33.64
N SER A 67 20.99 5.13 -34.12
CA SER A 67 20.31 5.17 -35.42
C SER A 67 19.99 6.62 -35.79
N SER A 68 20.71 7.16 -36.77
CA SER A 68 20.56 8.56 -37.19
C SER A 68 20.87 9.50 -36.01
N ALA A 69 22.12 9.53 -35.62
CA ALA A 69 22.55 10.39 -34.53
C ALA A 69 23.30 11.61 -35.07
N GLY A 70 22.91 12.78 -34.62
CA GLY A 70 23.57 13.99 -35.07
C GLY A 70 22.62 15.15 -35.20
N ALA A 71 22.78 16.15 -34.34
CA ALA A 71 21.94 17.34 -34.38
C ALA A 71 22.54 18.40 -35.29
N ASN A 72 23.24 17.95 -36.33
CA ASN A 72 23.89 18.85 -37.28
C ASN A 72 23.52 18.47 -38.71
N SER A 73 22.40 17.76 -38.84
CA SER A 73 21.90 17.29 -40.13
C SER A 73 22.96 16.49 -40.90
N PRO A 74 23.31 15.29 -40.42
CA PRO A 74 24.32 14.45 -41.07
C PRO A 74 23.78 13.77 -42.32
N ARG A 75 24.67 13.35 -43.20
CA ARG A 75 24.27 12.64 -44.41
C ARG A 75 23.89 11.21 -44.06
N ARG A 76 22.62 11.01 -43.76
CA ARG A 76 22.13 9.72 -43.30
C ARG A 76 21.96 8.76 -44.47
N GLY A 77 23.09 8.27 -44.97
CA GLY A 77 23.09 7.30 -46.05
C GLY A 77 24.31 6.42 -46.01
N SER A 78 24.35 5.51 -45.05
CA SER A 78 25.49 4.61 -44.89
C SER A 78 25.43 3.47 -45.90
N ARG A 79 25.60 3.81 -47.17
CA ARG A 79 25.56 2.84 -48.25
C ARG A 79 26.73 3.09 -49.20
N PRO A 80 27.20 2.04 -49.89
CA PRO A 80 28.31 2.17 -50.83
C PRO A 80 27.85 2.79 -52.16
N ASN A 81 27.53 4.08 -52.10
CA ASN A 81 27.10 4.82 -53.27
C ASN A 81 27.87 6.14 -53.36
N SER A 82 27.79 6.79 -54.50
CA SER A 82 28.46 8.08 -54.69
C SER A 82 27.65 8.97 -55.63
N VAL A 83 26.83 9.84 -55.06
CA VAL A 83 26.11 10.83 -55.85
C VAL A 83 27.07 11.97 -56.21
N ILE A 84 27.90 11.71 -57.21
CA ILE A 84 28.91 12.66 -57.64
C ILE A 84 28.91 12.77 -59.17
N SER A 85 28.71 13.98 -59.67
CA SER A 85 28.71 14.22 -61.10
C SER A 85 30.12 14.25 -61.67
N THR A 86 30.90 13.22 -61.37
CA THR A 86 32.24 13.05 -61.92
C THR A 86 32.49 11.56 -62.14
N GLY A 87 31.76 11.02 -63.11
CA GLY A 87 31.78 9.59 -63.35
C GLY A 87 30.42 9.14 -63.81
N GLU A 88 29.42 9.96 -63.47
CA GLU A 88 28.04 9.77 -63.92
C GLU A 88 27.52 8.40 -63.54
N LEU A 89 27.38 8.17 -62.25
CA LEU A 89 26.88 6.89 -61.75
C LEU A 89 25.44 6.66 -62.21
N SER A 90 24.68 7.74 -62.26
CA SER A 90 23.32 7.71 -62.75
C SER A 90 23.05 8.97 -63.57
N THR A 91 23.97 9.26 -64.49
CA THR A 91 24.02 10.56 -65.18
C THR A 91 24.53 11.63 -64.21
N ASP A 92 23.94 11.65 -63.03
CA ASP A 92 24.42 12.46 -61.93
C ASP A 92 24.34 11.63 -60.66
N GLY A 1 -39.73 -6.24 22.18
CA GLY A 1 -38.71 -7.24 22.59
C GLY A 1 -37.36 -6.96 21.97
N ALA A 2 -36.89 -7.93 21.17
CA ALA A 2 -35.60 -7.82 20.46
C ALA A 2 -34.42 -7.78 21.40
N HIS A 3 -34.21 -6.66 22.06
CA HIS A 3 -33.09 -6.51 22.99
C HIS A 3 -33.60 -6.34 24.41
N MET A 4 -34.35 -5.27 24.65
CA MET A 4 -34.82 -4.94 26.00
C MET A 4 -33.66 -4.95 26.98
N MET A 5 -32.56 -4.34 26.57
CA MET A 5 -31.35 -4.31 27.37
C MET A 5 -30.40 -3.26 26.79
N GLN A 6 -30.83 -2.00 26.86
CA GLN A 6 -30.08 -0.90 26.27
C GLN A 6 -28.72 -0.74 26.94
N ALA A 7 -28.63 -1.17 28.19
CA ALA A 7 -27.37 -1.10 28.94
C ALA A 7 -26.27 -1.88 28.22
N ARG A 8 -26.58 -3.14 27.89
CA ARG A 8 -25.63 -3.98 27.18
C ARG A 8 -25.54 -3.58 25.70
N ARG A 9 -26.65 -3.12 25.16
CA ARG A 9 -26.69 -2.70 23.76
C ARG A 9 -25.77 -1.50 23.55
N GLU A 10 -25.65 -0.67 24.58
CA GLU A 10 -24.77 0.50 24.54
C GLU A 10 -23.30 0.06 24.43
N GLU A 11 -23.01 -1.18 24.83
CA GLU A 11 -21.66 -1.71 24.75
C GLU A 11 -21.28 -1.92 23.29
N LEU A 12 -22.27 -2.27 22.48
CA LEU A 12 -22.05 -2.55 21.08
C LEU A 12 -21.76 -1.23 20.36
N LEU A 13 -22.57 -0.22 20.67
CA LEU A 13 -22.39 1.11 20.13
C LEU A 13 -21.07 1.74 20.62
N ALA A 14 -20.74 1.47 21.87
CA ALA A 14 -19.50 1.97 22.45
C ALA A 14 -18.31 1.37 21.72
N LYS A 15 -18.37 0.07 21.49
CA LYS A 15 -17.32 -0.63 20.76
C LYS A 15 -17.33 -0.23 19.28
N LYS A 16 -18.49 0.20 18.79
CA LYS A 16 -18.59 0.69 17.43
C LYS A 16 -17.87 2.04 17.29
N ALA A 17 -18.02 2.88 18.30
CA ALA A 17 -17.30 4.15 18.35
C ALA A 17 -15.80 3.90 18.45
N ARG A 18 -15.44 2.86 19.20
CA ARG A 18 -14.04 2.42 19.30
C ARG A 18 -13.49 2.06 17.93
N LEU A 19 -14.28 1.32 17.15
CA LEU A 19 -13.89 0.93 15.80
C LEU A 19 -13.66 2.15 14.93
N ALA A 20 -14.51 3.15 15.09
CA ALA A 20 -14.43 4.38 14.33
C ALA A 20 -13.14 5.14 14.63
N GLU A 21 -12.78 5.24 15.90
CA GLU A 21 -11.58 5.97 16.29
C GLU A 21 -10.33 5.26 15.77
N ILE A 22 -10.35 3.93 15.83
CA ILE A 22 -9.30 3.11 15.25
C ILE A 22 -9.20 3.34 13.74
N LYS A 23 -10.36 3.41 13.09
CA LYS A 23 -10.42 3.69 11.65
C LYS A 23 -9.83 5.08 11.36
N ARG A 24 -10.06 6.01 12.27
CA ARG A 24 -9.62 7.39 12.10
C ARG A 24 -8.10 7.49 12.04
N GLN A 25 -7.42 6.81 12.95
CA GLN A 25 -5.96 6.90 13.04
C GLN A 25 -5.30 6.43 11.75
N ARG A 26 -5.99 5.51 11.05
CA ARG A 26 -5.51 5.01 9.79
C ARG A 26 -5.46 6.12 8.75
N GLU A 27 -6.59 6.78 8.55
CA GLU A 27 -6.69 7.89 7.61
C GLU A 27 -5.77 9.05 8.01
N LEU A 28 -5.52 9.15 9.32
CA LEU A 28 -4.60 10.15 9.83
C LEU A 28 -3.17 9.81 9.41
N ARG A 29 -2.71 8.64 9.82
CA ARG A 29 -1.37 8.16 9.48
C ARG A 29 -1.17 8.06 7.97
N ALA A 30 -2.26 7.88 7.24
CA ALA A 30 -2.19 7.77 5.79
C ALA A 30 -1.74 9.09 5.20
N GLN A 31 -2.32 10.17 5.68
CA GLN A 31 -1.97 11.51 5.23
C GLN A 31 -0.63 11.94 5.83
N GLN A 32 -0.36 11.47 7.04
CA GLN A 32 0.83 11.87 7.77
C GLN A 32 2.08 11.18 7.21
N ALA A 33 2.03 9.85 7.11
CA ALA A 33 3.15 9.09 6.58
C ALA A 33 3.27 9.28 5.08
N ALA A 34 2.11 9.37 4.43
CA ALA A 34 2.01 9.66 3.01
C ALA A 34 2.66 8.58 2.15
N GLY A 35 2.85 7.41 2.75
CA GLY A 35 3.43 6.30 2.03
C GLY A 35 4.83 5.95 2.49
N ARG A 36 5.63 6.96 2.84
CA ARG A 36 7.01 6.72 3.18
C ARG A 36 7.49 7.61 4.34
N SER A 37 7.08 7.22 5.55
CA SER A 37 7.58 7.83 6.79
C SER A 37 7.57 9.37 6.75
N ILE A 38 6.38 9.92 6.52
CA ILE A 38 6.17 11.36 6.50
C ILE A 38 6.82 12.00 5.27
N THR A 39 6.03 12.15 4.21
CA THR A 39 6.48 12.83 3.02
C THR A 39 5.88 14.24 2.95
N PRO A 40 6.61 15.26 3.43
CA PRO A 40 6.15 16.65 3.42
C PRO A 40 6.10 17.25 2.02
N SER A 41 5.05 16.92 1.29
CA SER A 41 4.87 17.42 -0.06
C SER A 41 3.87 18.58 -0.06
N GLU A 42 4.37 19.79 0.21
CA GLU A 42 3.55 20.99 0.26
C GLU A 42 2.46 20.84 1.32
N LEU A 43 2.89 20.79 2.59
CA LEU A 43 1.97 20.61 3.70
C LEU A 43 1.88 21.88 4.53
N VAL A 44 1.23 22.90 3.95
CA VAL A 44 1.04 24.19 4.63
C VAL A 44 2.38 24.82 5.00
N SER A 45 2.92 25.59 4.06
CA SER A 45 4.21 26.24 4.26
C SER A 45 4.26 27.57 3.51
N PRO A 46 3.75 28.65 4.14
CA PRO A 46 3.73 29.99 3.55
C PRO A 46 5.08 30.70 3.70
N THR A 47 6.13 30.01 3.31
CA THR A 47 7.48 30.52 3.45
C THR A 47 8.02 31.03 2.11
N PRO A 48 8.08 32.38 1.93
CA PRO A 48 8.59 32.98 0.70
C PRO A 48 10.12 32.89 0.60
N SER A 49 10.61 31.74 0.12
CA SER A 49 12.04 31.51 -0.07
C SER A 49 12.83 31.69 1.22
N ARG A 50 12.15 31.47 2.35
CA ARG A 50 12.76 31.60 3.68
C ARG A 50 13.29 33.02 3.89
N ALA A 51 12.80 33.96 3.10
CA ALA A 51 13.29 35.34 3.13
C ALA A 51 12.57 36.16 4.19
N ASN A 52 13.14 36.18 5.40
CA ASN A 52 12.59 36.93 6.53
C ASN A 52 11.13 36.53 6.78
N SER A 53 10.95 35.29 7.23
CA SER A 53 9.63 34.75 7.46
C SER A 53 9.66 33.85 8.69
N ARG A 54 9.70 34.48 9.87
CA ARG A 54 9.82 33.78 11.14
C ARG A 54 11.08 32.89 11.13
N ARG A 55 12.14 33.45 10.56
CA ARG A 55 13.41 32.74 10.44
C ARG A 55 14.11 32.72 11.79
N GLU A 56 13.94 31.60 12.50
CA GLU A 56 14.50 31.37 13.84
C GLU A 56 14.22 32.53 14.81
N ILE A 57 13.19 32.34 15.62
CA ILE A 57 12.87 33.26 16.70
C ILE A 57 13.92 33.11 17.81
N GLU A 58 14.71 32.04 17.66
CA GLU A 58 15.83 31.75 18.55
C GLU A 58 16.89 32.85 18.46
N SER A 59 16.87 33.58 17.35
CA SER A 59 17.84 34.64 17.13
C SER A 59 17.13 35.88 16.57
N LEU A 60 15.97 36.18 17.12
CA LEU A 60 15.16 37.28 16.61
C LEU A 60 14.83 38.28 17.72
N ILE A 61 14.52 37.77 18.90
CA ILE A 61 14.06 38.62 20.00
C ILE A 61 15.24 39.20 20.79
N ASP A 62 16.36 38.49 20.80
CA ASP A 62 17.52 38.89 21.60
C ASP A 62 18.08 40.22 21.13
N SER A 63 18.04 40.46 19.83
CA SER A 63 18.53 41.70 19.24
C SER A 63 17.59 42.85 19.59
N ILE A 64 16.29 42.56 19.63
CA ILE A 64 15.31 43.55 20.01
C ILE A 64 15.40 43.83 21.51
N LEU A 65 15.76 42.78 22.24
CA LEU A 65 15.89 42.86 23.69
C LEU A 65 17.19 43.57 24.08
N SER A 66 18.06 43.78 23.11
CA SER A 66 19.31 44.45 23.35
C SER A 66 19.29 45.84 22.73
N SER A 67 18.09 46.32 22.42
CA SER A 67 17.93 47.62 21.81
C SER A 67 16.71 48.35 22.38
N SER A 68 15.54 47.72 22.32
CA SER A 68 14.32 48.38 22.74
C SER A 68 13.21 47.37 23.04
N ALA A 69 13.31 46.71 24.18
CA ALA A 69 12.28 45.78 24.61
C ALA A 69 12.07 45.85 26.11
N GLY A 70 11.59 46.99 26.58
CA GLY A 70 11.35 47.17 28.00
C GLY A 70 10.37 48.29 28.25
N ALA A 71 9.93 48.43 29.49
CA ALA A 71 8.97 49.47 29.86
C ALA A 71 9.64 50.83 29.96
N ASN A 72 10.96 50.85 29.88
CA ASN A 72 11.72 52.09 30.00
C ASN A 72 12.82 52.12 28.94
N SER A 73 12.40 52.12 27.68
CA SER A 73 13.34 52.12 26.58
C SER A 73 13.21 53.40 25.74
N PRO A 74 13.92 54.48 26.13
CA PRO A 74 13.93 55.72 25.39
C PRO A 74 15.04 55.73 24.34
N ARG A 75 15.28 56.89 23.74
CA ARG A 75 16.36 57.01 22.77
C ARG A 75 17.69 56.80 23.48
N ARG A 76 17.89 57.53 24.55
CA ARG A 76 19.12 57.41 25.33
C ARG A 76 18.91 56.47 26.52
N GLY A 77 19.86 55.56 26.71
CA GLY A 77 19.77 54.63 27.83
C GLY A 77 20.77 53.51 27.69
N SER A 78 20.28 52.28 27.61
CA SER A 78 21.14 51.13 27.44
C SER A 78 20.98 50.54 26.03
N ARG A 79 21.22 51.38 25.04
CA ARG A 79 21.15 50.97 23.65
C ARG A 79 22.16 51.73 22.82
N PRO A 80 23.06 51.03 22.12
CA PRO A 80 23.94 51.65 21.14
C PRO A 80 23.19 51.99 19.86
N ASN A 81 22.52 53.13 19.86
CA ASN A 81 21.76 53.59 18.70
C ASN A 81 22.68 53.69 17.49
N SER A 82 22.45 52.82 16.51
CA SER A 82 23.32 52.72 15.34
C SER A 82 24.69 52.23 15.79
N VAL A 83 24.86 50.91 15.81
CA VAL A 83 26.08 50.31 16.34
C VAL A 83 27.22 50.40 15.32
N ILE A 84 27.75 51.60 15.14
CA ILE A 84 28.87 51.80 14.23
C ILE A 84 30.08 52.30 15.02
N SER A 85 30.65 51.39 15.81
CA SER A 85 31.80 51.69 16.66
C SER A 85 31.49 52.85 17.61
N THR A 86 30.22 53.01 17.95
CA THR A 86 29.77 54.12 18.77
C THR A 86 29.53 53.68 20.21
N GLY A 87 28.39 53.04 20.45
CA GLY A 87 28.06 52.57 21.78
C GLY A 87 28.62 51.19 22.07
N GLU A 88 29.64 50.82 21.33
CA GLU A 88 30.29 49.52 21.50
C GLU A 88 31.74 49.62 21.05
N LEU A 89 32.58 50.11 21.95
CA LEU A 89 34.01 50.20 21.70
C LEU A 89 34.77 50.05 23.01
N SER A 90 34.32 49.11 23.83
CA SER A 90 34.93 48.85 25.13
C SER A 90 34.89 47.37 25.47
N THR A 91 34.90 46.55 24.43
CA THR A 91 34.86 45.11 24.60
C THR A 91 36.06 44.45 23.95
N ASP A 92 36.24 44.70 22.64
CA ASP A 92 37.37 44.16 21.88
C ASP A 92 37.36 42.64 21.90
N GLY A 1 -35.84 -14.33 28.16
CA GLY A 1 -35.98 -12.90 27.80
C GLY A 1 -34.78 -12.40 27.03
N ALA A 2 -34.59 -12.90 25.81
CA ALA A 2 -33.47 -12.47 24.98
C ALA A 2 -33.91 -12.28 23.54
N HIS A 3 -35.11 -11.74 23.35
CA HIS A 3 -35.63 -11.50 22.01
C HIS A 3 -34.98 -10.27 21.40
N MET A 4 -34.61 -9.31 22.25
CA MET A 4 -33.97 -8.08 21.79
C MET A 4 -32.46 -8.18 21.96
N MET A 5 -31.76 -7.15 21.54
CA MET A 5 -30.32 -7.09 21.67
C MET A 5 -29.92 -5.70 22.16
N GLN A 6 -30.80 -5.09 22.95
CA GLN A 6 -30.61 -3.72 23.41
C GLN A 6 -29.38 -3.62 24.30
N ALA A 7 -29.10 -4.70 25.02
CA ALA A 7 -27.94 -4.74 25.91
C ALA A 7 -26.65 -4.58 25.12
N ARG A 8 -26.45 -5.42 24.11
CA ARG A 8 -25.26 -5.34 23.29
C ARG A 8 -25.34 -4.13 22.36
N ARG A 9 -26.55 -3.79 21.94
CA ARG A 9 -26.77 -2.59 21.10
C ARG A 9 -26.08 -1.37 21.71
N GLU A 10 -26.18 -1.23 23.03
CA GLU A 10 -25.55 -0.12 23.73
C GLU A 10 -24.03 -0.30 23.72
N GLU A 11 -23.60 -1.50 24.08
CA GLU A 11 -22.18 -1.85 24.14
C GLU A 11 -21.52 -1.76 22.76
N LEU A 12 -22.27 -2.11 21.72
CA LEU A 12 -21.73 -2.18 20.38
C LEU A 12 -21.50 -0.77 19.86
N LEU A 13 -22.36 0.14 20.26
CA LEU A 13 -22.19 1.55 19.94
C LEU A 13 -20.96 2.10 20.66
N ALA A 14 -20.79 1.67 21.92
CA ALA A 14 -19.62 2.01 22.70
C ALA A 14 -18.35 1.48 22.03
N LYS A 15 -18.44 0.24 21.55
CA LYS A 15 -17.32 -0.38 20.83
C LYS A 15 -17.13 0.29 19.47
N LYS A 16 -18.24 0.75 18.89
CA LYS A 16 -18.20 1.42 17.60
C LYS A 16 -17.42 2.71 17.68
N ALA A 17 -17.49 3.38 18.83
CA ALA A 17 -16.72 4.58 19.06
C ALA A 17 -15.23 4.27 18.94
N ARG A 18 -14.81 3.19 19.59
CA ARG A 18 -13.43 2.72 19.51
C ARG A 18 -13.08 2.31 18.07
N LEU A 19 -14.01 1.60 17.43
CA LEU A 19 -13.82 1.17 16.05
C LEU A 19 -13.65 2.36 15.12
N ALA A 20 -14.45 3.40 15.33
CA ALA A 20 -14.35 4.62 14.57
C ALA A 20 -13.01 5.30 14.83
N GLU A 21 -12.56 5.26 16.07
CA GLU A 21 -11.27 5.81 16.45
C GLU A 21 -10.14 5.10 15.70
N ILE A 22 -10.18 3.77 15.73
CA ILE A 22 -9.20 2.95 15.03
C ILE A 22 -9.29 3.19 13.53
N LYS A 23 -10.51 3.33 13.03
CA LYS A 23 -10.73 3.66 11.62
C LYS A 23 -10.09 5.00 11.28
N ARG A 24 -10.29 5.97 12.17
CA ARG A 24 -9.72 7.29 11.99
C ARG A 24 -8.20 7.23 12.05
N GLN A 25 -7.67 6.29 12.83
CA GLN A 25 -6.22 6.08 12.90
C GLN A 25 -5.67 5.74 11.53
N ARG A 26 -6.41 4.91 10.80
CA ARG A 26 -6.05 4.57 9.44
C ARG A 26 -6.07 5.82 8.56
N GLU A 27 -7.22 6.48 8.54
CA GLU A 27 -7.40 7.70 7.75
C GLU A 27 -6.33 8.75 8.06
N LEU A 28 -6.03 8.90 9.35
CA LEU A 28 -5.07 9.89 9.81
C LEU A 28 -3.65 9.52 9.39
N ARG A 29 -3.22 8.33 9.78
CA ARG A 29 -1.88 7.86 9.46
C ARG A 29 -1.69 7.72 7.95
N ALA A 30 -2.77 7.41 7.24
CA ALA A 30 -2.70 7.31 5.80
C ALA A 30 -2.40 8.67 5.19
N GLN A 31 -3.01 9.70 5.74
CA GLN A 31 -2.78 11.06 5.28
C GLN A 31 -1.43 11.54 5.79
N GLN A 32 -0.97 10.94 6.87
CA GLN A 32 0.31 11.27 7.47
C GLN A 32 1.43 10.74 6.58
N ALA A 33 1.28 9.53 6.10
CA ALA A 33 2.26 8.96 5.19
C ALA A 33 2.13 9.58 3.80
N ALA A 34 0.90 9.52 3.27
CA ALA A 34 0.54 10.10 1.96
C ALA A 34 -0.72 9.44 1.44
N GLY A 35 -0.74 8.11 1.46
CA GLY A 35 -1.85 7.37 0.94
C GLY A 35 -1.78 5.90 1.30
N ARG A 36 -2.11 5.58 2.55
CA ARG A 36 -2.11 4.20 3.00
C ARG A 36 -3.47 3.79 3.54
N SER A 37 -4.51 4.26 2.85
CA SER A 37 -5.87 3.85 3.14
C SER A 37 -6.40 3.07 1.94
N ILE A 38 -5.60 2.11 1.52
CA ILE A 38 -5.88 1.33 0.34
C ILE A 38 -6.69 0.08 0.71
N THR A 39 -7.89 -0.02 0.15
CA THR A 39 -8.74 -1.19 0.37
C THR A 39 -8.05 -2.45 -0.14
N PRO A 40 -7.67 -3.37 0.78
CA PRO A 40 -7.04 -4.63 0.40
C PRO A 40 -7.89 -5.43 -0.58
N SER A 41 -7.45 -5.46 -1.82
CA SER A 41 -8.17 -6.17 -2.87
C SER A 41 -7.50 -7.52 -3.10
N GLU A 42 -8.30 -8.58 -3.12
CA GLU A 42 -7.80 -9.94 -3.24
C GLU A 42 -6.88 -10.26 -2.06
N LEU A 43 -7.43 -10.06 -0.87
CA LEU A 43 -6.70 -10.32 0.36
C LEU A 43 -6.94 -11.76 0.81
N VAL A 44 -6.81 -12.68 -0.12
CA VAL A 44 -7.07 -14.09 0.14
C VAL A 44 -5.86 -14.91 -0.29
N SER A 45 -4.89 -15.00 0.60
CA SER A 45 -3.68 -15.77 0.35
C SER A 45 -3.08 -16.28 1.65
N PRO A 46 -3.69 -17.32 2.25
CA PRO A 46 -3.22 -17.90 3.51
C PRO A 46 -2.18 -19.00 3.29
N THR A 47 -1.37 -18.84 2.26
CA THR A 47 -0.38 -19.84 1.92
C THR A 47 1.04 -19.33 2.16
N PRO A 48 1.66 -19.72 3.30
CA PRO A 48 3.03 -19.35 3.61
C PRO A 48 4.03 -20.06 2.70
N SER A 49 4.63 -19.30 1.78
CA SER A 49 5.55 -19.88 0.82
C SER A 49 6.87 -19.12 0.81
N ARG A 50 7.95 -19.80 1.19
CA ARG A 50 9.27 -19.21 1.17
C ARG A 50 10.34 -20.28 1.32
N ALA A 51 10.04 -21.28 2.14
CA ALA A 51 10.96 -22.38 2.38
C ALA A 51 10.37 -23.68 1.85
N ASN A 52 10.37 -23.82 0.53
CA ASN A 52 9.76 -24.98 -0.12
C ASN A 52 10.84 -25.96 -0.58
N SER A 53 11.88 -26.10 0.25
CA SER A 53 13.03 -26.93 -0.09
C SER A 53 13.71 -26.40 -1.34
N ARG A 54 14.48 -25.34 -1.14
CA ARG A 54 15.15 -24.66 -2.25
C ARG A 54 16.41 -25.43 -2.66
N ARG A 55 16.36 -26.07 -3.83
CA ARG A 55 17.54 -26.78 -4.34
C ARG A 55 18.55 -25.79 -4.94
N GLU A 56 19.06 -24.95 -4.06
CA GLU A 56 20.03 -23.91 -4.39
C GLU A 56 20.59 -23.38 -3.07
N ILE A 57 21.81 -23.79 -2.75
CA ILE A 57 22.39 -23.57 -1.43
C ILE A 57 22.40 -22.10 -1.05
N GLU A 58 22.56 -21.23 -2.04
CA GLU A 58 22.65 -19.79 -1.79
C GLU A 58 21.33 -19.25 -1.24
N SER A 59 20.22 -19.81 -1.70
CA SER A 59 18.91 -19.35 -1.28
C SER A 59 18.29 -20.34 -0.28
N LEU A 60 18.86 -21.53 -0.21
CA LEU A 60 18.43 -22.53 0.77
C LEU A 60 18.75 -22.04 2.16
N ILE A 61 19.94 -21.49 2.33
CA ILE A 61 20.34 -20.94 3.61
C ILE A 61 19.48 -19.71 3.91
N ASP A 62 19.08 -19.02 2.85
CA ASP A 62 18.22 -17.84 2.97
C ASP A 62 16.82 -18.24 3.45
N SER A 63 16.32 -19.38 3.00
CA SER A 63 15.02 -19.86 3.41
C SER A 63 15.06 -20.37 4.86
N ILE A 64 16.24 -20.80 5.29
CA ILE A 64 16.44 -21.17 6.69
C ILE A 64 16.59 -19.91 7.52
N LEU A 65 17.17 -18.89 6.89
CA LEU A 65 17.39 -17.60 7.51
C LEU A 65 16.07 -16.89 7.81
N SER A 66 14.99 -17.41 7.25
CA SER A 66 13.68 -16.82 7.45
C SER A 66 12.72 -17.80 8.12
N SER A 67 13.26 -18.83 8.76
CA SER A 67 12.41 -19.82 9.42
C SER A 67 13.04 -20.40 10.68
N SER A 68 14.35 -20.60 10.68
CA SER A 68 15.03 -21.23 11.81
C SER A 68 16.33 -20.52 12.16
N ALA A 69 16.44 -19.26 11.78
CA ALA A 69 17.63 -18.47 12.08
C ALA A 69 17.31 -17.38 13.09
N GLY A 70 18.04 -17.35 14.18
CA GLY A 70 17.81 -16.34 15.20
C GLY A 70 17.71 -16.95 16.58
N ALA A 71 16.71 -17.80 16.78
CA ALA A 71 16.49 -18.45 18.06
C ALA A 71 17.17 -19.81 18.11
N ASN A 72 18.30 -19.94 17.41
CA ASN A 72 19.07 -21.19 17.36
C ASN A 72 18.19 -22.34 16.91
N SER A 73 17.41 -22.10 15.86
CA SER A 73 16.44 -23.08 15.36
C SER A 73 15.42 -23.42 16.45
N PRO A 74 14.40 -22.56 16.63
CA PRO A 74 13.44 -22.70 17.73
C PRO A 74 12.67 -24.02 17.65
N ARG A 75 12.43 -24.61 18.81
CA ARG A 75 11.76 -25.90 18.88
C ARG A 75 10.25 -25.71 18.80
N ARG A 76 9.80 -25.28 17.63
CA ARG A 76 8.37 -25.04 17.40
C ARG A 76 7.68 -26.34 16.99
N GLY A 77 7.65 -27.28 17.91
CA GLY A 77 7.05 -28.56 17.64
C GLY A 77 8.00 -29.72 17.85
N SER A 78 7.98 -30.30 19.04
CA SER A 78 8.83 -31.45 19.34
C SER A 78 8.18 -32.72 18.80
N ARG A 79 8.08 -32.80 17.49
CA ARG A 79 7.45 -33.93 16.82
C ARG A 79 7.75 -33.88 15.33
N PRO A 80 8.83 -34.55 14.88
CA PRO A 80 9.22 -34.56 13.47
C PRO A 80 8.21 -35.30 12.60
N ASN A 81 7.30 -34.56 12.01
CA ASN A 81 6.30 -35.14 11.12
C ASN A 81 6.82 -35.22 9.70
N SER A 82 7.61 -36.27 9.44
CA SER A 82 8.19 -36.50 8.12
C SER A 82 9.05 -35.33 7.69
N VAL A 83 10.10 -35.06 8.45
CA VAL A 83 11.06 -34.03 8.10
C VAL A 83 12.16 -34.65 7.24
N ILE A 84 11.83 -34.91 5.98
CA ILE A 84 12.70 -35.61 5.07
C ILE A 84 13.14 -34.71 3.92
N SER A 85 14.36 -34.21 3.99
CA SER A 85 14.88 -33.33 2.97
C SER A 85 15.52 -34.14 1.84
N THR A 86 16.38 -35.08 2.19
CA THR A 86 17.06 -35.92 1.20
C THR A 86 17.14 -37.37 1.68
N GLY A 87 16.05 -37.83 2.28
CA GLY A 87 16.00 -39.19 2.77
C GLY A 87 16.56 -39.32 4.17
N GLU A 88 17.78 -38.83 4.36
CA GLU A 88 18.50 -38.93 5.64
C GLU A 88 18.59 -40.38 6.09
N LEU A 89 18.75 -41.28 5.13
CA LEU A 89 18.94 -42.68 5.42
C LEU A 89 20.28 -43.12 4.86
N SER A 90 20.99 -42.16 4.30
CA SER A 90 22.32 -42.37 3.76
C SER A 90 23.04 -41.03 3.72
N THR A 91 22.83 -40.23 4.75
CA THR A 91 23.40 -38.90 4.83
C THR A 91 24.11 -38.69 6.16
N ASP A 92 25.38 -39.10 6.20
CA ASP A 92 26.22 -38.95 7.38
C ASP A 92 25.72 -39.82 8.54
N GLY A 1 -28.81 -5.38 35.01
CA GLY A 1 -28.67 -6.71 34.39
C GLY A 1 -29.28 -6.77 33.01
N ALA A 2 -28.97 -5.78 32.18
CA ALA A 2 -29.51 -5.71 30.84
C ALA A 2 -28.61 -6.45 29.86
N HIS A 3 -29.08 -7.58 29.37
CA HIS A 3 -28.31 -8.40 28.44
C HIS A 3 -28.71 -8.10 27.00
N MET A 4 -29.93 -8.49 26.63
CA MET A 4 -30.41 -8.28 25.28
C MET A 4 -31.46 -7.17 25.25
N MET A 5 -31.07 -6.00 25.74
CA MET A 5 -31.96 -4.85 25.75
C MET A 5 -31.21 -3.59 25.28
N GLN A 6 -31.87 -2.45 25.42
CA GLN A 6 -31.35 -1.16 24.93
C GLN A 6 -29.91 -0.90 25.41
N ALA A 7 -29.62 -1.27 26.66
CA ALA A 7 -28.32 -1.02 27.26
C ALA A 7 -27.19 -1.69 26.46
N ARG A 8 -27.46 -2.85 25.88
CA ARG A 8 -26.46 -3.57 25.13
C ARG A 8 -26.15 -2.84 23.83
N ARG A 9 -27.16 -2.17 23.28
CA ARG A 9 -26.98 -1.42 22.05
C ARG A 9 -26.02 -0.26 22.29
N GLU A 10 -26.13 0.33 23.46
CA GLU A 10 -25.24 1.42 23.83
C GLU A 10 -23.80 0.92 23.96
N GLU A 11 -23.61 -0.10 24.79
CA GLU A 11 -22.29 -0.72 24.95
C GLU A 11 -21.78 -1.30 23.62
N LEU A 12 -22.69 -1.72 22.77
CA LEU A 12 -22.31 -2.26 21.46
C LEU A 12 -21.73 -1.13 20.61
N LEU A 13 -22.48 -0.04 20.50
CA LEU A 13 -21.99 1.17 19.83
C LEU A 13 -20.72 1.69 20.49
N ALA A 14 -20.58 1.44 21.79
CA ALA A 14 -19.36 1.77 22.51
C ALA A 14 -18.19 0.97 21.97
N LYS A 15 -18.43 -0.32 21.74
CA LYS A 15 -17.43 -1.21 21.17
C LYS A 15 -17.18 -0.85 19.70
N LYS A 16 -18.24 -0.47 19.01
CA LYS A 16 -18.15 -0.05 17.61
C LYS A 16 -17.29 1.21 17.47
N ALA A 17 -17.32 2.04 18.50
CA ALA A 17 -16.53 3.27 18.51
C ALA A 17 -15.04 2.97 18.32
N ARG A 18 -14.61 1.80 18.78
CA ARG A 18 -13.22 1.37 18.62
C ARG A 18 -12.85 1.25 17.14
N LEU A 19 -13.76 0.71 16.35
CA LEU A 19 -13.52 0.55 14.92
C LEU A 19 -13.44 1.91 14.24
N ALA A 20 -14.32 2.82 14.66
CA ALA A 20 -14.30 4.19 14.17
C ALA A 20 -13.02 4.88 14.62
N GLU A 21 -12.53 4.51 15.80
CA GLU A 21 -11.30 5.04 16.34
C GLU A 21 -10.12 4.63 15.46
N ILE A 22 -10.06 3.34 15.14
CA ILE A 22 -9.03 2.81 14.26
C ILE A 22 -9.09 3.48 12.89
N LYS A 23 -10.30 3.61 12.34
CA LYS A 23 -10.52 4.25 11.05
C LYS A 23 -9.97 5.68 11.07
N ARG A 24 -10.24 6.38 12.16
CA ARG A 24 -9.79 7.75 12.34
C ARG A 24 -8.28 7.84 12.25
N GLN A 25 -7.61 7.05 13.08
CA GLN A 25 -6.15 7.04 13.15
C GLN A 25 -5.54 6.54 11.85
N ARG A 26 -6.25 5.64 11.16
CA ARG A 26 -5.78 5.09 9.91
C ARG A 26 -5.64 6.17 8.85
N GLU A 27 -6.76 6.81 8.50
CA GLU A 27 -6.76 7.91 7.56
C GLU A 27 -5.84 9.04 8.04
N LEU A 28 -5.75 9.24 9.35
CA LEU A 28 -4.86 10.24 9.91
C LEU A 28 -3.42 9.88 9.61
N ARG A 29 -3.08 8.61 9.76
CA ARG A 29 -1.74 8.12 9.50
C ARG A 29 -1.38 8.28 8.03
N ALA A 30 -2.40 8.31 7.19
CA ALA A 30 -2.21 8.51 5.76
C ALA A 30 -1.76 9.95 5.52
N GLN A 31 -2.40 10.88 6.22
CA GLN A 31 -2.04 12.27 6.15
C GLN A 31 -0.70 12.52 6.86
N GLN A 32 -0.38 11.65 7.80
CA GLN A 32 0.86 11.77 8.55
C GLN A 32 2.05 11.26 7.74
N ALA A 33 1.94 10.02 7.26
CA ALA A 33 2.99 9.39 6.50
C ALA A 33 3.09 9.99 5.10
N ALA A 34 1.93 10.37 4.55
CA ALA A 34 1.82 10.97 3.23
C ALA A 34 2.12 9.94 2.15
N GLY A 35 1.86 8.68 2.48
CA GLY A 35 2.10 7.59 1.56
C GLY A 35 1.56 6.29 2.10
N ARG A 36 0.24 6.22 2.24
CA ARG A 36 -0.44 5.05 2.81
C ARG A 36 -0.35 3.83 1.88
N SER A 37 -0.04 4.07 0.62
CA SER A 37 0.08 2.98 -0.33
C SER A 37 1.44 2.99 -1.02
N ILE A 38 2.36 2.19 -0.50
CA ILE A 38 3.69 2.08 -1.07
C ILE A 38 3.90 0.67 -1.60
N THR A 39 3.48 0.45 -2.84
CA THR A 39 3.61 -0.85 -3.46
C THR A 39 4.45 -0.73 -4.73
N PRO A 40 5.77 -0.97 -4.63
CA PRO A 40 6.69 -0.89 -5.76
C PRO A 40 6.32 -1.87 -6.87
N SER A 41 5.81 -1.33 -7.96
CA SER A 41 5.37 -2.14 -9.09
C SER A 41 5.25 -1.27 -10.33
N GLU A 42 5.73 -1.78 -11.46
CA GLU A 42 5.68 -1.04 -12.70
C GLU A 42 4.90 -1.84 -13.74
N LEU A 43 3.75 -2.34 -13.31
CA LEU A 43 2.88 -3.09 -14.19
C LEU A 43 1.52 -2.41 -14.21
N VAL A 44 1.53 -1.14 -14.56
CA VAL A 44 0.32 -0.33 -14.58
C VAL A 44 -0.33 -0.43 -15.95
N SER A 45 -0.96 -1.57 -16.20
CA SER A 45 -1.58 -1.84 -17.48
C SER A 45 -2.52 -3.04 -17.37
N PRO A 46 -3.80 -2.80 -17.08
CA PRO A 46 -4.82 -3.84 -17.06
C PRO A 46 -5.52 -3.95 -18.41
N THR A 47 -4.76 -3.73 -19.46
CA THR A 47 -5.30 -3.72 -20.80
C THR A 47 -4.79 -4.91 -21.61
N PRO A 48 -5.66 -5.90 -21.87
CA PRO A 48 -5.32 -7.01 -22.77
C PRO A 48 -5.30 -6.55 -24.22
N SER A 49 -4.28 -5.76 -24.56
CA SER A 49 -4.12 -5.20 -25.90
C SER A 49 -4.09 -6.29 -26.95
N ARG A 50 -5.21 -6.45 -27.65
CA ARG A 50 -5.34 -7.43 -28.74
C ARG A 50 -5.11 -8.84 -28.21
N ALA A 51 -6.14 -9.40 -27.57
CA ALA A 51 -6.07 -10.74 -27.04
C ALA A 51 -6.24 -11.78 -28.14
N ASN A 52 -5.19 -11.99 -28.91
CA ASN A 52 -5.22 -12.92 -30.03
C ASN A 52 -4.26 -14.07 -29.76
N SER A 53 -4.58 -15.25 -30.31
CA SER A 53 -3.76 -16.44 -30.11
C SER A 53 -3.69 -16.78 -28.62
N ARG A 54 -4.79 -17.27 -28.09
CA ARG A 54 -4.88 -17.61 -26.68
C ARG A 54 -5.32 -19.06 -26.52
N ARG A 55 -4.34 -19.96 -26.55
CA ARG A 55 -4.60 -21.40 -26.39
C ARG A 55 -5.56 -21.89 -27.49
N GLU A 56 -5.39 -21.36 -28.70
CA GLU A 56 -6.25 -21.71 -29.83
C GLU A 56 -7.69 -21.33 -29.54
N ILE A 57 -8.00 -20.06 -29.74
CA ILE A 57 -9.34 -19.53 -29.45
C ILE A 57 -10.38 -20.20 -30.33
N GLU A 58 -9.93 -20.69 -31.48
CA GLU A 58 -10.79 -21.35 -32.44
C GLU A 58 -11.32 -22.68 -31.90
N SER A 59 -10.79 -23.13 -30.78
CA SER A 59 -11.22 -24.40 -30.20
C SER A 59 -11.51 -24.25 -28.70
N LEU A 60 -11.84 -23.04 -28.27
CA LEU A 60 -12.12 -22.79 -26.86
C LEU A 60 -13.60 -22.89 -26.54
N ILE A 61 -14.43 -22.48 -27.48
CA ILE A 61 -15.88 -22.37 -27.24
C ILE A 61 -16.59 -23.69 -27.54
N ASP A 62 -15.93 -24.55 -28.31
CA ASP A 62 -16.54 -25.81 -28.74
C ASP A 62 -16.80 -26.73 -27.55
N SER A 63 -15.93 -26.66 -26.55
CA SER A 63 -16.11 -27.44 -25.34
C SER A 63 -17.17 -26.81 -24.45
N ILE A 64 -17.33 -25.50 -24.57
CA ILE A 64 -18.33 -24.78 -23.83
C ILE A 64 -19.71 -25.02 -24.45
N LEU A 65 -19.69 -25.35 -25.73
CA LEU A 65 -20.90 -25.71 -26.45
C LEU A 65 -21.26 -27.17 -26.15
N SER A 66 -20.37 -27.84 -25.42
CA SER A 66 -20.55 -29.22 -25.01
C SER A 66 -20.54 -30.18 -26.21
N SER A 67 -20.11 -29.69 -27.37
CA SER A 67 -20.00 -30.52 -28.55
C SER A 67 -18.64 -31.20 -28.56
N SER A 68 -17.62 -30.47 -28.12
CA SER A 68 -16.28 -31.01 -28.01
C SER A 68 -15.96 -31.27 -26.54
N ALA A 69 -16.85 -31.97 -25.87
CA ALA A 69 -16.70 -32.25 -24.45
C ALA A 69 -17.31 -33.61 -24.11
N GLY A 70 -16.48 -34.56 -23.72
CA GLY A 70 -16.98 -35.85 -23.33
C GLY A 70 -15.92 -36.93 -23.46
N ALA A 71 -15.78 -37.76 -22.44
CA ALA A 71 -14.80 -38.85 -22.45
C ALA A 71 -15.49 -40.16 -22.81
N ASN A 72 -16.46 -40.08 -23.71
CA ASN A 72 -17.19 -41.25 -24.17
C ASN A 72 -17.37 -41.17 -25.68
N SER A 73 -18.20 -40.24 -26.12
CA SER A 73 -18.42 -40.02 -27.54
C SER A 73 -19.03 -38.64 -27.78
N PRO A 74 -18.20 -37.58 -27.78
CA PRO A 74 -18.67 -36.23 -28.06
C PRO A 74 -18.97 -36.04 -29.53
N ARG A 75 -19.68 -34.97 -29.87
CA ARG A 75 -20.10 -34.73 -31.24
C ARG A 75 -18.98 -34.11 -32.06
N ARG A 76 -17.85 -34.80 -32.06
CA ARG A 76 -16.67 -34.41 -32.83
C ARG A 76 -15.96 -35.64 -33.36
N GLY A 77 -16.73 -36.71 -33.54
CA GLY A 77 -16.17 -37.97 -33.98
C GLY A 77 -17.15 -39.11 -33.79
N SER A 78 -18.06 -39.27 -34.73
CA SER A 78 -19.07 -40.32 -34.64
C SER A 78 -19.51 -40.72 -36.05
N ARG A 79 -18.63 -41.44 -36.74
CA ARG A 79 -18.86 -41.81 -38.14
C ARG A 79 -17.86 -42.88 -38.57
N PRO A 80 -18.31 -43.92 -39.29
CA PRO A 80 -17.42 -44.93 -39.85
C PRO A 80 -16.55 -44.34 -40.96
N ASN A 81 -15.35 -43.93 -40.58
CA ASN A 81 -14.43 -43.29 -41.53
C ASN A 81 -13.17 -44.13 -41.71
N SER A 82 -13.27 -45.14 -42.57
CA SER A 82 -12.14 -45.99 -42.92
C SER A 82 -11.58 -46.74 -41.71
N VAL A 83 -12.46 -47.16 -40.81
CA VAL A 83 -12.07 -47.96 -39.66
C VAL A 83 -12.93 -49.21 -39.61
N ILE A 84 -12.87 -49.98 -40.68
CA ILE A 84 -13.66 -51.19 -40.81
C ILE A 84 -12.78 -52.42 -40.56
N SER A 85 -12.65 -52.79 -39.31
CA SER A 85 -11.85 -53.95 -38.94
C SER A 85 -12.61 -55.25 -39.21
N THR A 86 -13.94 -55.15 -39.27
CA THR A 86 -14.78 -56.32 -39.53
C THR A 86 -16.23 -55.86 -39.66
N GLY A 87 -17.09 -56.75 -40.12
CA GLY A 87 -18.49 -56.42 -40.24
C GLY A 87 -18.96 -56.43 -41.68
N GLU A 88 -18.03 -56.20 -42.59
CA GLU A 88 -18.34 -56.19 -44.01
C GLU A 88 -17.12 -56.63 -44.81
N LEU A 89 -16.95 -57.93 -44.92
CA LEU A 89 -15.85 -58.51 -45.68
C LEU A 89 -16.29 -59.85 -46.26
N SER A 90 -17.25 -59.80 -47.17
CA SER A 90 -17.77 -60.99 -47.81
C SER A 90 -17.91 -60.76 -49.31
N THR A 91 -16.83 -60.24 -49.90
CA THR A 91 -16.79 -59.98 -51.34
C THR A 91 -17.66 -58.79 -51.70
N ASP A 92 -17.07 -57.60 -51.64
CA ASP A 92 -17.79 -56.38 -51.97
C ASP A 92 -17.01 -55.57 -53.00
N GLY A 1 -36.11 -15.63 28.41
CA GLY A 1 -34.66 -15.48 28.21
C GLY A 1 -34.34 -14.26 27.38
N ALA A 2 -33.20 -13.64 27.66
CA ALA A 2 -32.79 -12.44 26.95
C ALA A 2 -32.19 -12.79 25.59
N HIS A 3 -32.99 -12.66 24.54
CA HIS A 3 -32.53 -12.96 23.19
C HIS A 3 -31.84 -11.74 22.58
N MET A 4 -32.11 -10.58 23.15
CA MET A 4 -31.53 -9.35 22.64
C MET A 4 -30.58 -8.74 23.66
N MET A 5 -31.10 -8.49 24.86
CA MET A 5 -30.33 -7.84 25.92
C MET A 5 -29.79 -6.50 25.43
N GLN A 6 -30.68 -5.51 25.38
CA GLN A 6 -30.33 -4.19 24.85
C GLN A 6 -29.26 -3.52 25.71
N ALA A 7 -29.15 -3.96 26.96
CA ALA A 7 -28.11 -3.46 27.86
C ALA A 7 -26.72 -3.74 27.31
N ARG A 8 -26.53 -4.94 26.79
CA ARG A 8 -25.26 -5.34 26.22
C ARG A 8 -25.04 -4.66 24.88
N ARG A 9 -26.13 -4.51 24.12
CA ARG A 9 -26.06 -3.91 22.80
C ARG A 9 -25.69 -2.43 22.91
N GLU A 10 -25.94 -1.85 24.07
CA GLU A 10 -25.60 -0.46 24.32
C GLU A 10 -24.10 -0.28 24.23
N GLU A 11 -23.36 -1.11 24.96
CA GLU A 11 -21.90 -1.07 24.95
C GLU A 11 -21.36 -1.55 23.61
N LEU A 12 -22.09 -2.45 22.97
CA LEU A 12 -21.66 -3.01 21.70
C LEU A 12 -21.67 -1.94 20.60
N LEU A 13 -22.75 -1.19 20.50
CA LEU A 13 -22.84 -0.10 19.53
C LEU A 13 -21.86 1.00 19.88
N ALA A 14 -21.67 1.22 21.18
CA ALA A 14 -20.65 2.15 21.64
C ALA A 14 -19.27 1.68 21.20
N LYS A 15 -19.04 0.38 21.37
CA LYS A 15 -17.79 -0.26 20.95
C LYS A 15 -17.61 -0.14 19.45
N LYS A 16 -18.72 -0.19 18.72
CA LYS A 16 -18.70 -0.08 17.27
C LYS A 16 -18.34 1.34 16.86
N ALA A 17 -18.83 2.31 17.63
CA ALA A 17 -18.52 3.71 17.40
C ALA A 17 -17.07 4.00 17.78
N ARG A 18 -16.62 3.37 18.85
CA ARG A 18 -15.25 3.51 19.33
C ARG A 18 -14.25 3.09 18.26
N LEU A 19 -14.64 2.16 17.40
CA LEU A 19 -13.78 1.68 16.31
C LEU A 19 -13.32 2.82 15.42
N ALA A 20 -14.03 3.94 15.47
CA ALA A 20 -13.66 5.12 14.69
C ALA A 20 -12.26 5.62 15.08
N GLU A 21 -11.87 5.39 16.33
CA GLU A 21 -10.52 5.74 16.76
C GLU A 21 -9.48 5.00 15.90
N ILE A 22 -9.69 3.70 15.73
CA ILE A 22 -8.86 2.90 14.84
C ILE A 22 -8.98 3.38 13.40
N LYS A 23 -10.20 3.73 13.00
CA LYS A 23 -10.47 4.25 11.67
C LYS A 23 -9.65 5.51 11.40
N ARG A 24 -9.51 6.36 12.41
CA ARG A 24 -8.76 7.61 12.29
C ARG A 24 -7.28 7.36 12.05
N GLN A 25 -6.76 6.21 12.46
CA GLN A 25 -5.35 5.89 12.28
C GLN A 25 -4.99 5.88 10.81
N ARG A 26 -5.88 5.31 10.01
CA ARG A 26 -5.70 5.27 8.56
C ARG A 26 -5.54 6.68 8.00
N GLU A 27 -6.41 7.59 8.43
CA GLU A 27 -6.39 8.96 7.95
C GLU A 27 -5.19 9.71 8.53
N LEU A 28 -4.79 9.33 9.74
CA LEU A 28 -3.64 9.92 10.38
C LEU A 28 -2.37 9.53 9.65
N ARG A 29 -2.30 8.25 9.27
CA ARG A 29 -1.20 7.74 8.49
C ARG A 29 -1.14 8.40 7.12
N ALA A 30 -2.29 8.85 6.63
CA ALA A 30 -2.34 9.60 5.39
C ALA A 30 -1.68 10.97 5.57
N GLN A 31 -1.69 11.46 6.80
CA GLN A 31 -0.99 12.69 7.15
C GLN A 31 0.49 12.39 7.40
N GLN A 32 0.76 11.12 7.68
CA GLN A 32 2.12 10.66 7.93
C GLN A 32 2.85 10.45 6.61
N ALA A 33 2.19 9.74 5.71
CA ALA A 33 2.70 9.54 4.37
C ALA A 33 2.57 10.84 3.57
N ALA A 34 1.37 11.41 3.59
CA ALA A 34 1.09 12.67 2.91
C ALA A 34 1.44 12.58 1.42
N GLY A 35 1.29 11.39 0.86
CA GLY A 35 1.61 11.17 -0.54
C GLY A 35 3.11 11.12 -0.80
N ARG A 36 3.89 11.39 0.24
CA ARG A 36 5.34 11.43 0.12
C ARG A 36 5.96 10.29 0.90
N SER A 37 5.39 9.12 0.73
CA SER A 37 5.87 7.91 1.38
C SER A 37 5.36 6.69 0.62
N ILE A 38 6.15 6.25 -0.34
CA ILE A 38 5.77 5.13 -1.18
C ILE A 38 6.81 4.04 -1.12
N THR A 39 6.76 3.25 -0.06
CA THR A 39 7.67 2.13 0.11
C THR A 39 6.87 0.86 0.47
N PRO A 40 6.24 0.23 -0.53
CA PRO A 40 5.42 -0.95 -0.33
C PRO A 40 6.27 -2.23 -0.36
N SER A 41 6.93 -2.50 0.75
CA SER A 41 7.83 -3.65 0.86
C SER A 41 8.93 -3.55 -0.20
N GLU A 42 9.74 -2.53 -0.09
CA GLU A 42 10.79 -2.26 -1.07
C GLU A 42 12.13 -2.12 -0.35
N LEU A 43 12.63 -3.25 0.16
CA LEU A 43 13.89 -3.29 0.89
C LEU A 43 14.58 -4.61 0.63
N VAL A 44 15.87 -4.55 0.30
CA VAL A 44 16.66 -5.74 0.08
C VAL A 44 16.86 -6.51 1.39
N SER A 45 16.03 -7.52 1.59
CA SER A 45 16.09 -8.39 2.76
C SER A 45 15.97 -7.58 4.06
N PRO A 46 14.77 -7.04 4.35
CA PRO A 46 14.54 -6.27 5.58
C PRO A 46 14.28 -7.16 6.79
N THR A 47 14.83 -8.37 6.73
CA THR A 47 14.64 -9.35 7.76
C THR A 47 15.87 -9.42 8.68
N PRO A 48 15.71 -9.07 9.96
CA PRO A 48 16.80 -9.14 10.93
C PRO A 48 17.26 -10.58 11.19
N SER A 49 18.33 -10.97 10.54
CA SER A 49 18.90 -12.31 10.74
C SER A 49 19.73 -12.33 12.00
N ARG A 50 19.07 -12.37 13.15
CA ARG A 50 19.74 -12.36 14.44
C ARG A 50 18.89 -13.12 15.45
N ALA A 51 19.54 -13.62 16.51
CA ALA A 51 18.85 -14.37 17.55
C ALA A 51 18.19 -15.62 16.97
N ASN A 52 18.89 -16.27 16.06
CA ASN A 52 18.38 -17.47 15.40
C ASN A 52 19.28 -18.66 15.72
N SER A 53 19.67 -18.79 16.98
CA SER A 53 20.49 -19.90 17.43
C SER A 53 20.16 -20.23 18.88
N ARG A 54 19.27 -21.18 19.08
CA ARG A 54 18.84 -21.56 20.43
C ARG A 54 19.59 -22.81 20.89
N ARG A 55 20.83 -22.62 21.29
CA ARG A 55 21.66 -23.72 21.78
C ARG A 55 21.26 -24.06 23.21
N GLU A 56 20.77 -25.28 23.42
CA GLU A 56 20.30 -25.70 24.74
C GLU A 56 20.03 -27.20 24.76
N ILE A 57 20.57 -27.86 25.77
CA ILE A 57 20.35 -29.29 25.96
C ILE A 57 19.16 -29.50 26.90
N GLU A 58 18.66 -28.39 27.42
CA GLU A 58 17.55 -28.40 28.37
C GLU A 58 16.28 -28.96 27.71
N SER A 59 16.24 -28.93 26.39
CA SER A 59 15.10 -29.47 25.66
C SER A 59 15.54 -30.66 24.80
N LEU A 60 16.57 -31.36 25.27
CA LEU A 60 17.11 -32.49 24.53
C LEU A 60 17.26 -33.73 25.42
N ILE A 61 16.94 -33.60 26.69
CA ILE A 61 17.14 -34.68 27.65
C ILE A 61 15.91 -35.58 27.76
N ASP A 62 14.73 -35.00 27.67
CA ASP A 62 13.49 -35.77 27.84
C ASP A 62 13.30 -36.76 26.71
N SER A 63 13.86 -36.44 25.56
CA SER A 63 13.80 -37.34 24.41
C SER A 63 14.72 -38.54 24.63
N ILE A 64 15.80 -38.32 25.37
CA ILE A 64 16.72 -39.38 25.73
C ILE A 64 16.15 -40.16 26.91
N LEU A 65 15.44 -39.44 27.77
CA LEU A 65 14.85 -40.00 28.97
C LEU A 65 13.75 -40.99 28.62
N SER A 66 13.11 -40.79 27.47
CA SER A 66 12.00 -41.63 27.06
C SER A 66 12.47 -42.74 26.10
N SER A 67 13.77 -43.04 26.12
CA SER A 67 14.31 -44.07 25.24
C SER A 67 15.44 -44.85 25.92
N SER A 68 16.32 -44.14 26.64
CA SER A 68 17.40 -44.80 27.35
C SER A 68 17.47 -44.31 28.79
N ALA A 69 16.56 -44.80 29.61
CA ALA A 69 16.48 -44.40 31.01
C ALA A 69 16.74 -45.59 31.93
N GLY A 70 17.41 -46.59 31.39
CA GLY A 70 17.63 -47.83 32.12
C GLY A 70 18.36 -47.64 33.44
N ALA A 71 19.29 -46.70 33.48
CA ALA A 71 20.10 -46.48 34.68
C ALA A 71 19.44 -45.52 35.66
N ASN A 72 18.19 -45.15 35.39
CA ASN A 72 17.47 -44.24 36.28
C ASN A 72 16.00 -44.62 36.40
N SER A 73 15.71 -45.91 36.36
CA SER A 73 14.35 -46.39 36.50
C SER A 73 14.32 -47.82 37.07
N PRO A 74 14.43 -47.94 38.40
CA PRO A 74 14.36 -49.24 39.06
C PRO A 74 12.96 -49.84 38.99
N ARG A 75 12.86 -51.16 39.00
CA ARG A 75 11.57 -51.85 38.87
C ARG A 75 10.79 -51.73 40.17
N ARG A 76 10.11 -50.61 40.34
CA ARG A 76 9.34 -50.35 41.55
C ARG A 76 7.85 -50.40 41.24
N GLY A 77 7.28 -51.61 41.26
CA GLY A 77 5.88 -51.77 40.97
C GLY A 77 5.38 -53.15 41.34
N SER A 78 4.36 -53.62 40.66
CA SER A 78 3.76 -54.91 40.96
C SER A 78 4.53 -56.05 40.28
N ARG A 79 5.85 -56.01 40.43
CA ARG A 79 6.71 -57.02 39.84
C ARG A 79 7.89 -57.28 40.76
N PRO A 80 8.05 -58.54 41.20
CA PRO A 80 9.13 -58.91 42.13
C PRO A 80 10.51 -58.63 41.56
N ASN A 81 11.34 -57.96 42.34
CA ASN A 81 12.72 -57.69 41.93
C ASN A 81 13.57 -58.95 42.10
N SER A 82 13.27 -59.95 41.29
CA SER A 82 13.90 -61.26 41.38
C SER A 82 13.61 -61.90 42.73
N VAL A 83 12.33 -62.19 42.95
CA VAL A 83 11.88 -62.79 44.21
C VAL A 83 11.33 -64.19 43.95
N ILE A 84 12.21 -65.17 44.01
CA ILE A 84 11.81 -66.55 43.83
C ILE A 84 12.07 -67.33 45.11
N SER A 85 11.11 -67.28 46.01
CA SER A 85 11.23 -67.89 47.33
C SER A 85 11.30 -69.42 47.27
N THR A 86 10.70 -70.00 46.23
CA THR A 86 10.68 -71.45 46.11
C THR A 86 11.49 -71.91 44.90
N GLY A 87 12.67 -71.34 44.77
CA GLY A 87 13.55 -71.67 43.69
C GLY A 87 14.83 -70.88 43.75
N GLU A 88 15.39 -70.77 44.95
CA GLU A 88 16.61 -70.01 45.15
C GLU A 88 17.54 -70.74 46.11
N LEU A 89 18.17 -71.79 45.62
CA LEU A 89 19.23 -72.44 46.36
C LEU A 89 20.56 -71.99 45.77
N SER A 90 20.57 -71.83 44.45
CA SER A 90 21.73 -71.30 43.75
C SER A 90 21.31 -70.72 42.39
N THR A 91 20.39 -69.77 42.43
CA THR A 91 19.83 -69.15 41.21
C THR A 91 19.22 -70.23 40.32
N ASP A 92 18.12 -70.80 40.80
CA ASP A 92 17.48 -71.92 40.12
C ASP A 92 16.41 -71.41 39.17
N GLY A 1 -35.95 -3.44 26.01
CA GLY A 1 -37.03 -2.42 25.98
C GLY A 1 -38.20 -2.87 25.11
N ALA A 2 -39.32 -3.16 25.77
CA ALA A 2 -40.53 -3.64 25.10
C ALA A 2 -40.32 -5.02 24.48
N HIS A 3 -39.68 -5.05 23.32
CA HIS A 3 -39.38 -6.32 22.66
C HIS A 3 -38.11 -6.15 21.82
N MET A 4 -37.36 -5.10 22.10
CA MET A 4 -36.13 -4.80 21.37
C MET A 4 -35.00 -4.49 22.34
N MET A 5 -33.80 -4.93 21.99
CA MET A 5 -32.63 -4.65 22.80
C MET A 5 -31.99 -3.33 22.37
N GLN A 6 -32.73 -2.25 22.59
CA GLN A 6 -32.33 -0.94 22.07
C GLN A 6 -31.22 -0.32 22.90
N ALA A 7 -31.33 -0.45 24.22
CA ALA A 7 -30.39 0.19 25.14
C ALA A 7 -29.00 -0.41 25.02
N ARG A 8 -28.94 -1.74 24.99
CA ARG A 8 -27.66 -2.43 24.91
C ARG A 8 -27.06 -2.27 23.52
N ARG A 9 -27.92 -2.14 22.51
CA ARG A 9 -27.46 -2.02 21.14
C ARG A 9 -26.76 -0.68 20.94
N GLU A 10 -27.40 0.41 21.37
CA GLU A 10 -26.78 1.74 21.33
C GLU A 10 -25.46 1.75 22.11
N GLU A 11 -25.41 0.98 23.18
CA GLU A 11 -24.20 0.87 23.98
C GLU A 11 -23.11 0.13 23.19
N LEU A 12 -23.52 -0.98 22.57
CA LEU A 12 -22.65 -1.71 21.66
C LEU A 12 -22.14 -0.83 20.52
N LEU A 13 -22.96 0.14 20.09
CA LEU A 13 -22.53 1.09 19.08
C LEU A 13 -21.51 2.08 19.67
N ALA A 14 -21.74 2.47 20.91
CA ALA A 14 -20.81 3.31 21.64
C ALA A 14 -19.46 2.60 21.79
N LYS A 15 -19.52 1.31 22.06
CA LYS A 15 -18.31 0.50 22.19
C LYS A 15 -17.73 0.17 20.81
N LYS A 16 -18.55 0.29 19.78
CA LYS A 16 -18.14 0.03 18.40
C LYS A 16 -17.03 0.99 17.97
N ALA A 17 -16.99 2.15 18.63
CA ALA A 17 -16.01 3.18 18.34
C ALA A 17 -14.58 2.69 18.52
N ARG A 18 -14.41 1.59 19.24
CA ARG A 18 -13.08 1.00 19.45
C ARG A 18 -12.45 0.60 18.11
N LEU A 19 -13.28 0.30 17.14
CA LEU A 19 -12.81 -0.03 15.80
C LEU A 19 -12.59 1.23 14.98
N ALA A 20 -13.51 2.18 15.14
CA ALA A 20 -13.45 3.45 14.42
C ALA A 20 -12.22 4.27 14.82
N GLU A 21 -11.83 4.13 16.09
CA GLU A 21 -10.65 4.84 16.59
C GLU A 21 -9.41 4.37 15.84
N ILE A 22 -9.32 3.06 15.60
CA ILE A 22 -8.29 2.49 14.76
C ILE A 22 -8.40 3.02 13.34
N LYS A 23 -9.62 3.07 12.81
CA LYS A 23 -9.87 3.59 11.46
C LYS A 23 -9.38 5.02 11.35
N ARG A 24 -9.60 5.80 12.40
CA ARG A 24 -9.25 7.22 12.41
C ARG A 24 -7.74 7.42 12.24
N GLN A 25 -6.97 6.39 12.59
CA GLN A 25 -5.54 6.44 12.41
C GLN A 25 -5.21 6.52 10.92
N ARG A 26 -6.02 5.82 10.13
CA ARG A 26 -5.91 5.85 8.69
C ARG A 26 -6.20 7.25 8.16
N GLU A 27 -7.33 7.83 8.59
CA GLU A 27 -7.67 9.20 8.23
C GLU A 27 -6.55 10.16 8.62
N LEU A 28 -5.98 9.96 9.81
CA LEU A 28 -4.87 10.77 10.27
C LEU A 28 -3.68 10.62 9.34
N ARG A 29 -3.34 9.37 9.02
CA ARG A 29 -2.22 9.06 8.16
C ARG A 29 -2.43 9.62 6.76
N ALA A 30 -3.67 9.92 6.43
CA ALA A 30 -4.00 10.48 5.14
C ALA A 30 -3.50 11.91 5.05
N GLN A 31 -3.76 12.68 6.10
CA GLN A 31 -3.28 14.06 6.19
C GLN A 31 -1.80 14.09 6.59
N GLN A 32 -1.39 13.10 7.35
CA GLN A 32 -0.02 13.06 7.88
C GLN A 32 0.97 12.64 6.80
N ALA A 33 0.79 11.44 6.27
CA ALA A 33 1.67 10.93 5.24
C ALA A 33 1.37 11.58 3.90
N ALA A 34 0.08 11.81 3.66
CA ALA A 34 -0.42 12.48 2.45
C ALA A 34 -0.41 11.55 1.24
N GLY A 35 0.47 10.57 1.27
CA GLY A 35 0.58 9.63 0.18
C GLY A 35 0.06 8.26 0.56
N ARG A 36 -1.11 8.23 1.18
CA ARG A 36 -1.76 6.99 1.55
C ARG A 36 -3.17 6.96 1.02
N SER A 37 -3.28 7.03 -0.30
CA SER A 37 -4.56 7.04 -0.97
C SER A 37 -4.39 6.58 -2.41
N ILE A 38 -4.22 5.27 -2.58
CA ILE A 38 -3.91 4.69 -3.87
C ILE A 38 -2.59 5.26 -4.37
N THR A 39 -1.55 5.02 -3.61
CA THR A 39 -0.24 5.57 -3.88
C THR A 39 0.78 4.45 -4.04
N PRO A 40 1.11 4.08 -5.29
CA PRO A 40 2.12 3.07 -5.59
C PRO A 40 3.49 3.49 -5.08
N SER A 41 3.95 2.84 -4.02
CA SER A 41 5.24 3.17 -3.43
C SER A 41 6.02 1.90 -3.12
N GLU A 42 6.33 1.15 -4.17
CA GLU A 42 7.13 -0.05 -4.02
C GLU A 42 8.42 0.12 -4.81
N LEU A 43 8.97 1.32 -4.74
CA LEU A 43 10.18 1.67 -5.47
C LEU A 43 11.32 1.93 -4.49
N VAL A 44 11.41 1.08 -3.48
CA VAL A 44 12.40 1.27 -2.43
C VAL A 44 13.69 0.55 -2.80
N SER A 45 14.31 1.01 -3.88
CA SER A 45 15.56 0.44 -4.34
C SER A 45 16.51 1.54 -4.82
N PRO A 46 16.95 2.41 -3.90
CA PRO A 46 17.87 3.50 -4.22
C PRO A 46 19.31 3.08 -4.04
N THR A 47 19.70 1.98 -4.68
CA THR A 47 21.05 1.46 -4.56
C THR A 47 21.82 1.71 -5.85
N PRO A 48 22.63 2.79 -5.90
CA PRO A 48 23.42 3.13 -7.06
C PRO A 48 24.90 2.77 -6.91
N SER A 49 25.16 1.75 -6.11
CA SER A 49 26.54 1.37 -5.82
C SER A 49 26.96 0.17 -6.65
N ARG A 50 26.60 0.20 -7.93
CA ARG A 50 26.95 -0.84 -8.89
C ARG A 50 26.27 -2.18 -8.53
N ALA A 51 25.37 -2.62 -9.41
CA ALA A 51 24.58 -3.82 -9.17
C ALA A 51 25.41 -5.08 -9.39
N ASN A 52 26.49 -5.22 -8.64
CA ASN A 52 27.36 -6.40 -8.75
C ASN A 52 26.93 -7.47 -7.77
N SER A 53 25.63 -7.62 -7.61
CA SER A 53 25.07 -8.62 -6.72
C SER A 53 23.88 -9.28 -7.42
N ARG A 54 24.05 -10.55 -7.78
CA ARG A 54 23.04 -11.30 -8.55
C ARG A 54 22.84 -10.64 -9.90
N ARG A 55 23.92 -10.09 -10.45
CA ARG A 55 23.87 -9.47 -11.77
C ARG A 55 23.83 -10.57 -12.83
N GLU A 56 22.63 -10.95 -13.24
CA GLU A 56 22.45 -12.07 -14.14
C GLU A 56 21.00 -12.15 -14.61
N ILE A 57 20.78 -11.86 -15.88
CA ILE A 57 19.48 -12.03 -16.50
C ILE A 57 19.31 -13.46 -16.98
N GLU A 58 20.40 -14.07 -17.39
CA GLU A 58 20.35 -15.41 -17.96
C GLU A 58 19.93 -16.43 -16.90
N SER A 59 20.50 -16.33 -15.71
CA SER A 59 20.14 -17.22 -14.62
C SER A 59 19.08 -16.60 -13.72
N LEU A 60 18.30 -15.70 -14.31
CA LEU A 60 17.18 -15.07 -13.60
C LEU A 60 16.04 -16.07 -13.45
N ILE A 61 16.21 -17.23 -14.08
CA ILE A 61 15.23 -18.31 -14.04
C ILE A 61 14.96 -18.73 -12.60
N ASP A 62 15.98 -18.62 -11.76
CA ASP A 62 15.84 -18.94 -10.34
C ASP A 62 14.84 -18.01 -9.68
N SER A 63 14.94 -16.74 -9.97
CA SER A 63 14.07 -15.73 -9.38
C SER A 63 12.65 -15.85 -9.95
N ILE A 64 12.55 -16.34 -11.18
CA ILE A 64 11.26 -16.56 -11.80
C ILE A 64 10.61 -17.79 -11.18
N LEU A 65 11.42 -18.77 -10.84
CA LEU A 65 10.96 -20.00 -10.22
C LEU A 65 10.92 -19.84 -8.70
N SER A 66 11.14 -18.62 -8.25
CA SER A 66 11.09 -18.28 -6.82
C SER A 66 12.06 -19.14 -6.01
N SER A 67 13.23 -19.42 -6.61
CA SER A 67 14.26 -20.24 -5.99
C SER A 67 13.74 -21.65 -5.70
N SER A 68 13.48 -22.39 -6.77
CA SER A 68 13.08 -23.79 -6.68
C SER A 68 11.74 -23.95 -5.96
N ALA A 69 10.77 -23.13 -6.32
CA ALA A 69 9.43 -23.25 -5.76
C ALA A 69 8.64 -24.32 -6.50
N GLY A 70 8.94 -25.57 -6.19
CA GLY A 70 8.29 -26.67 -6.85
C GLY A 70 7.08 -27.16 -6.09
N ALA A 71 6.72 -28.42 -6.31
CA ALA A 71 5.55 -29.00 -5.65
C ALA A 71 5.89 -30.37 -5.08
N ASN A 72 6.93 -30.43 -4.26
CA ASN A 72 7.36 -31.69 -3.65
C ASN A 72 6.58 -31.97 -2.38
N SER A 73 6.82 -31.18 -1.35
CA SER A 73 6.22 -31.40 -0.06
C SER A 73 6.43 -30.19 0.85
N PRO A 74 5.52 -29.97 1.81
CA PRO A 74 5.69 -28.91 2.82
C PRO A 74 6.83 -29.23 3.78
N ARG A 75 8.05 -29.05 3.29
CA ARG A 75 9.24 -29.39 4.05
C ARG A 75 10.22 -28.23 4.08
N ARG A 76 10.02 -27.34 5.03
CA ARG A 76 10.91 -26.21 5.23
C ARG A 76 11.24 -26.09 6.71
N GLY A 77 11.85 -27.14 7.25
CA GLY A 77 12.13 -27.18 8.67
C GLY A 77 13.43 -26.50 9.02
N SER A 78 13.67 -25.34 8.44
CA SER A 78 14.90 -24.60 8.69
C SER A 78 14.72 -23.65 9.86
N ARG A 79 13.96 -24.08 10.86
CA ARG A 79 13.70 -23.28 12.06
C ARG A 79 13.49 -24.21 13.24
N PRO A 80 14.17 -23.94 14.38
CA PRO A 80 14.05 -24.76 15.58
C PRO A 80 12.63 -24.71 16.15
N ASN A 81 11.95 -25.85 16.12
CA ASN A 81 10.60 -25.96 16.67
C ASN A 81 10.65 -26.07 18.18
N SER A 82 10.88 -24.93 18.84
CA SER A 82 10.96 -24.88 20.30
C SER A 82 12.07 -25.80 20.82
N VAL A 83 13.28 -25.60 20.32
CA VAL A 83 14.39 -26.44 20.71
C VAL A 83 15.17 -25.78 21.84
N ILE A 84 14.58 -25.82 23.03
CA ILE A 84 15.19 -25.25 24.21
C ILE A 84 15.68 -26.34 25.14
N SER A 85 16.99 -26.47 25.27
CA SER A 85 17.58 -27.52 26.08
C SER A 85 17.56 -27.17 27.57
N THR A 86 17.42 -25.88 27.89
CA THR A 86 17.37 -25.45 29.27
C THR A 86 16.93 -23.99 29.35
N GLY A 87 16.47 -23.58 30.51
CA GLY A 87 15.96 -22.25 30.69
C GLY A 87 14.91 -22.21 31.77
N GLU A 88 13.85 -22.98 31.57
CA GLU A 88 12.80 -23.13 32.56
C GLU A 88 12.54 -24.61 32.79
N LEU A 89 13.62 -25.37 32.88
CA LEU A 89 13.53 -26.81 33.04
C LEU A 89 13.93 -27.20 34.46
N SER A 90 14.55 -26.26 35.16
CA SER A 90 14.97 -26.48 36.54
C SER A 90 14.18 -25.58 37.49
N THR A 91 12.93 -25.32 37.13
CA THR A 91 12.08 -24.46 37.93
C THR A 91 11.24 -25.30 38.90
N ASP A 92 11.94 -25.94 39.83
CA ASP A 92 11.32 -26.81 40.83
C ASP A 92 10.63 -27.99 40.15
N GLY A 1 -32.13 -12.58 12.72
CA GLY A 1 -33.29 -11.67 12.64
C GLY A 1 -34.32 -11.98 13.72
N ALA A 2 -35.45 -11.27 13.67
CA ALA A 2 -36.57 -11.51 14.57
C ALA A 2 -36.17 -11.37 16.05
N HIS A 3 -35.24 -10.48 16.33
CA HIS A 3 -34.80 -10.27 17.70
C HIS A 3 -34.56 -8.79 17.98
N MET A 4 -33.51 -8.23 17.38
CA MET A 4 -33.14 -6.84 17.58
C MET A 4 -32.84 -6.56 19.06
N MET A 5 -31.66 -6.96 19.49
CA MET A 5 -31.25 -6.76 20.88
C MET A 5 -30.79 -5.32 21.08
N GLN A 6 -31.70 -4.47 21.53
CA GLN A 6 -31.42 -3.04 21.69
C GLN A 6 -30.28 -2.80 22.68
N ALA A 7 -30.25 -3.61 23.72
CA ALA A 7 -29.20 -3.50 24.74
C ALA A 7 -27.82 -3.63 24.11
N ARG A 8 -27.67 -4.64 23.27
CA ARG A 8 -26.40 -4.89 22.62
C ARG A 8 -26.12 -3.87 21.52
N ARG A 9 -27.19 -3.36 20.90
CA ARG A 9 -27.04 -2.30 19.91
C ARG A 9 -26.37 -1.07 20.53
N GLU A 10 -26.74 -0.77 21.76
CA GLU A 10 -26.15 0.36 22.46
C GLU A 10 -24.70 0.03 22.83
N GLU A 11 -24.52 -1.14 23.40
CA GLU A 11 -23.19 -1.66 23.73
C GLU A 11 -22.30 -1.71 22.48
N LEU A 12 -22.93 -2.01 21.35
CA LEU A 12 -22.22 -2.09 20.09
C LEU A 12 -21.68 -0.73 19.68
N LEU A 13 -22.46 0.32 19.89
CA LEU A 13 -22.06 1.66 19.50
C LEU A 13 -20.83 2.10 20.30
N ALA A 14 -20.85 1.81 21.59
CA ALA A 14 -19.71 2.10 22.45
C ALA A 14 -18.46 1.39 21.96
N LYS A 15 -18.63 0.14 21.53
CA LYS A 15 -17.52 -0.66 21.02
C LYS A 15 -17.14 -0.27 19.60
N LYS A 16 -18.11 0.28 18.88
CA LYS A 16 -17.88 0.73 17.51
C LYS A 16 -17.19 2.09 17.51
N ALA A 17 -17.42 2.86 18.56
CA ALA A 17 -16.79 4.16 18.71
C ALA A 17 -15.28 4.01 18.92
N ARG A 18 -14.90 2.98 19.68
CA ARG A 18 -13.48 2.67 19.86
C ARG A 18 -12.86 2.28 18.53
N LEU A 19 -13.61 1.52 17.73
CA LEU A 19 -13.16 1.11 16.41
C LEU A 19 -13.08 2.31 15.46
N ALA A 20 -13.97 3.27 15.68
CA ALA A 20 -13.95 4.51 14.90
C ALA A 20 -12.66 5.28 15.14
N GLU A 21 -12.16 5.21 16.36
CA GLU A 21 -10.85 5.79 16.70
C GLU A 21 -9.76 5.14 15.85
N ILE A 22 -9.73 3.81 15.86
CA ILE A 22 -8.81 3.04 15.03
C ILE A 22 -8.96 3.41 13.55
N LYS A 23 -10.20 3.52 13.09
CA LYS A 23 -10.48 3.90 11.72
C LYS A 23 -9.94 5.29 11.41
N ARG A 24 -10.11 6.21 12.36
CA ARG A 24 -9.62 7.58 12.19
C ARG A 24 -8.10 7.59 12.11
N GLN A 25 -7.46 6.76 12.92
CA GLN A 25 -6.01 6.63 12.89
C GLN A 25 -5.53 6.16 11.51
N ARG A 26 -6.31 5.27 10.92
CA ARG A 26 -6.06 4.81 9.56
C ARG A 26 -6.18 5.98 8.59
N GLU A 27 -7.25 6.74 8.73
CA GLU A 27 -7.47 7.95 7.94
C GLU A 27 -6.35 8.97 8.16
N LEU A 28 -5.81 8.99 9.36
CA LEU A 28 -4.71 9.87 9.69
C LEU A 28 -3.44 9.39 9.00
N ARG A 29 -3.18 8.10 9.15
CA ARG A 29 -2.06 7.45 8.48
C ARG A 29 -2.18 7.54 6.96
N ALA A 30 -3.41 7.66 6.47
CA ALA A 30 -3.65 7.85 5.05
C ALA A 30 -3.15 9.21 4.61
N GLN A 31 -3.25 10.19 5.50
CA GLN A 31 -2.71 11.51 5.24
C GLN A 31 -1.19 11.50 5.40
N GLN A 32 -0.71 10.66 6.30
CA GLN A 32 0.71 10.61 6.63
C GLN A 32 1.48 9.82 5.57
N ALA A 33 1.11 8.56 5.41
CA ALA A 33 1.80 7.67 4.48
C ALA A 33 1.40 7.97 3.04
N ALA A 34 0.10 8.21 2.86
CA ALA A 34 -0.50 8.52 1.54
C ALA A 34 -0.69 7.27 0.69
N GLY A 35 0.08 6.23 0.99
CA GLY A 35 -0.07 4.97 0.30
C GLY A 35 -0.66 3.91 1.21
N ARG A 36 -1.46 4.37 2.17
CA ARG A 36 -2.09 3.52 3.18
C ARG A 36 -1.10 2.53 3.80
N SER A 37 0.10 3.03 4.10
CA SER A 37 1.17 2.23 4.68
C SER A 37 1.60 1.11 3.73
N ILE A 38 2.09 1.51 2.55
CA ILE A 38 2.59 0.59 1.55
C ILE A 38 1.49 -0.35 1.07
N THR A 39 0.64 0.17 0.19
CA THR A 39 -0.46 -0.58 -0.38
C THR A 39 -0.88 0.01 -1.72
N PRO A 40 -0.43 -0.59 -2.84
CA PRO A 40 -0.83 -0.17 -4.18
C PRO A 40 -2.34 -0.26 -4.36
N SER A 41 -2.98 0.87 -4.62
CA SER A 41 -4.43 0.93 -4.73
C SER A 41 -4.90 0.47 -6.11
N GLU A 42 -4.58 -0.77 -6.44
CA GLU A 42 -5.03 -1.39 -7.67
C GLU A 42 -5.58 -2.78 -7.36
N LEU A 43 -6.69 -2.81 -6.67
CA LEU A 43 -7.33 -4.05 -6.28
C LEU A 43 -8.84 -3.87 -6.30
N VAL A 44 -9.39 -3.74 -7.50
CA VAL A 44 -10.81 -3.55 -7.67
C VAL A 44 -11.51 -4.90 -7.79
N SER A 45 -11.40 -5.67 -6.73
CA SER A 45 -12.03 -6.98 -6.66
C SER A 45 -12.23 -7.37 -5.19
N PRO A 46 -13.27 -6.82 -4.54
CA PRO A 46 -13.60 -7.13 -3.14
C PRO A 46 -14.24 -8.50 -2.98
N THR A 47 -13.75 -9.46 -3.75
CA THR A 47 -14.27 -10.81 -3.73
C THR A 47 -13.38 -11.70 -2.86
N PRO A 48 -13.84 -12.10 -1.66
CA PRO A 48 -13.07 -12.99 -0.79
C PRO A 48 -13.00 -14.40 -1.36
N SER A 49 -11.95 -14.67 -2.10
CA SER A 49 -11.74 -15.98 -2.71
C SER A 49 -11.30 -17.00 -1.66
N ARG A 50 -12.20 -17.89 -1.28
CA ARG A 50 -11.91 -18.92 -0.30
C ARG A 50 -11.99 -20.29 -0.97
N ALA A 51 -11.09 -21.19 -0.60
CA ALA A 51 -11.05 -22.54 -1.18
C ALA A 51 -10.77 -22.46 -2.68
N ASN A 52 -9.65 -21.83 -3.01
CA ASN A 52 -9.30 -21.56 -4.40
C ASN A 52 -8.05 -22.36 -4.79
N SER A 53 -8.23 -23.36 -5.65
CA SER A 53 -7.12 -24.17 -6.13
C SER A 53 -7.46 -24.80 -7.48
N ARG A 54 -7.83 -23.96 -8.44
CA ARG A 54 -8.17 -24.43 -9.79
C ARG A 54 -6.93 -24.35 -10.69
N ARG A 55 -5.92 -23.65 -10.20
CA ARG A 55 -4.68 -23.49 -10.95
C ARG A 55 -3.91 -24.81 -10.99
N GLU A 56 -3.36 -25.13 -12.16
CA GLU A 56 -2.57 -26.34 -12.35
C GLU A 56 -1.77 -26.24 -13.65
N ILE A 57 -0.47 -26.17 -13.50
CA ILE A 57 0.43 -26.02 -14.63
C ILE A 57 0.71 -27.39 -15.26
N GLU A 58 0.29 -28.43 -14.57
CA GLU A 58 0.43 -29.80 -15.07
C GLU A 58 -0.47 -30.03 -16.30
N SER A 59 -1.33 -29.04 -16.57
CA SER A 59 -2.24 -29.06 -17.71
C SER A 59 -3.40 -30.01 -17.46
N LEU A 60 -3.73 -30.19 -16.19
CA LEU A 60 -4.85 -31.02 -15.79
C LEU A 60 -6.16 -30.36 -16.16
N ILE A 61 -6.20 -29.04 -16.06
CA ILE A 61 -7.41 -28.28 -16.34
C ILE A 61 -7.54 -28.02 -17.83
N ASP A 62 -6.43 -28.18 -18.54
CA ASP A 62 -6.42 -27.95 -19.98
C ASP A 62 -7.29 -28.97 -20.69
N SER A 63 -7.29 -30.19 -20.16
CA SER A 63 -8.12 -31.25 -20.72
C SER A 63 -9.60 -31.00 -20.41
N ILE A 64 -9.85 -30.32 -19.30
CA ILE A 64 -11.20 -29.95 -18.92
C ILE A 64 -11.67 -28.79 -19.80
N LEU A 65 -10.73 -27.92 -20.13
CA LEU A 65 -10.99 -26.78 -20.98
C LEU A 65 -11.29 -27.26 -22.40
N SER A 66 -10.81 -28.46 -22.70
CA SER A 66 -11.03 -29.07 -24.01
C SER A 66 -12.25 -29.99 -23.99
N SER A 67 -12.93 -30.03 -22.82
CA SER A 67 -14.14 -30.83 -22.64
C SER A 67 -13.88 -32.32 -22.84
N SER A 68 -12.63 -32.72 -22.82
CA SER A 68 -12.26 -34.10 -23.09
C SER A 68 -11.36 -34.65 -21.99
N ALA A 69 -11.79 -34.49 -20.76
CA ALA A 69 -11.02 -34.94 -19.61
C ALA A 69 -11.41 -36.37 -19.23
N GLY A 70 -10.72 -37.34 -19.81
CA GLY A 70 -10.95 -38.73 -19.46
C GLY A 70 -11.97 -39.40 -20.37
N ALA A 71 -11.68 -40.64 -20.75
CA ALA A 71 -12.59 -41.41 -21.58
C ALA A 71 -13.68 -42.06 -20.74
N ASN A 72 -14.39 -41.24 -19.99
CA ASN A 72 -15.48 -41.70 -19.13
C ASN A 72 -16.70 -40.83 -19.33
N SER A 73 -17.20 -40.85 -20.57
CA SER A 73 -18.35 -40.03 -20.96
C SER A 73 -18.04 -38.55 -20.83
N PRO A 74 -17.20 -38.00 -21.73
CA PRO A 74 -16.87 -36.57 -21.72
C PRO A 74 -18.06 -35.73 -22.16
N ARG A 75 -18.18 -34.53 -21.60
CA ARG A 75 -19.31 -33.65 -21.87
C ARG A 75 -19.22 -33.09 -23.29
N ARG A 76 -19.75 -33.84 -24.24
CA ARG A 76 -19.73 -33.45 -25.64
C ARG A 76 -21.06 -33.77 -26.33
N GLY A 77 -22.15 -33.40 -25.68
CA GLY A 77 -23.47 -33.65 -26.24
C GLY A 77 -24.56 -33.27 -25.27
N SER A 78 -24.97 -34.24 -24.44
CA SER A 78 -26.01 -34.01 -23.44
C SER A 78 -27.32 -33.59 -24.11
N ARG A 79 -27.75 -34.35 -25.11
CA ARG A 79 -28.96 -34.04 -25.85
C ARG A 79 -29.74 -35.32 -26.15
N PRO A 80 -30.97 -35.44 -25.65
CA PRO A 80 -31.81 -36.60 -25.91
C PRO A 80 -32.23 -36.66 -27.38
N ASN A 81 -31.62 -37.55 -28.13
CA ASN A 81 -31.94 -37.70 -29.55
C ASN A 81 -33.17 -38.58 -29.72
N SER A 82 -34.35 -38.00 -29.49
CA SER A 82 -35.60 -38.75 -29.63
C SER A 82 -36.71 -37.84 -30.16
N VAL A 83 -36.44 -37.19 -31.28
CA VAL A 83 -37.41 -36.28 -31.88
C VAL A 83 -38.43 -37.08 -32.71
N ILE A 84 -39.19 -37.91 -32.02
CA ILE A 84 -40.17 -38.75 -32.66
C ILE A 84 -41.58 -38.22 -32.38
N SER A 85 -41.87 -37.07 -32.97
CA SER A 85 -43.16 -36.42 -32.79
C SER A 85 -43.35 -35.28 -33.80
N THR A 86 -42.66 -34.17 -33.59
CA THR A 86 -42.79 -33.01 -34.46
C THR A 86 -41.66 -32.97 -35.49
N GLY A 87 -41.56 -34.03 -36.27
CA GLY A 87 -40.53 -34.10 -37.29
C GLY A 87 -40.51 -35.46 -37.96
N GLU A 88 -41.65 -36.12 -37.96
CA GLU A 88 -41.76 -37.47 -38.52
C GLU A 88 -43.22 -37.91 -38.51
N LEU A 89 -43.92 -37.62 -39.59
CA LEU A 89 -45.30 -38.01 -39.73
C LEU A 89 -45.52 -38.73 -41.07
N SER A 90 -44.40 -39.01 -41.75
CA SER A 90 -44.43 -39.62 -43.09
C SER A 90 -45.08 -38.68 -44.10
N THR A 91 -45.30 -37.44 -43.69
CA THR A 91 -45.92 -36.42 -44.51
C THR A 91 -45.60 -35.06 -43.92
N ASP A 92 -44.39 -34.59 -44.16
CA ASP A 92 -43.91 -33.36 -43.55
C ASP A 92 -43.26 -32.49 -44.60
N GLY A 1 -34.95 -0.01 15.99
CA GLY A 1 -33.85 0.16 16.97
C GLY A 1 -33.70 -1.06 17.86
N ALA A 2 -33.43 -0.82 19.13
CA ALA A 2 -33.24 -1.91 20.08
C ALA A 2 -33.84 -1.54 21.42
N HIS A 3 -35.04 -2.03 21.69
CA HIS A 3 -35.72 -1.78 22.95
C HIS A 3 -35.15 -2.67 24.05
N MET A 4 -34.78 -3.88 23.66
CA MET A 4 -34.16 -4.82 24.57
C MET A 4 -32.71 -5.06 24.17
N MET A 5 -32.08 -6.06 24.78
CA MET A 5 -30.71 -6.42 24.44
C MET A 5 -29.76 -5.25 24.70
N GLN A 6 -29.99 -4.59 25.84
CA GLN A 6 -29.26 -3.38 26.20
C GLN A 6 -27.81 -3.71 26.56
N ALA A 7 -27.59 -4.91 27.09
CA ALA A 7 -26.24 -5.34 27.43
C ALA A 7 -25.35 -5.37 26.19
N ARG A 8 -25.84 -5.99 25.13
CA ARG A 8 -25.10 -6.07 23.89
C ARG A 8 -25.05 -4.70 23.22
N ARG A 9 -26.21 -4.05 23.13
CA ARG A 9 -26.30 -2.73 22.50
C ARG A 9 -25.36 -1.70 23.16
N GLU A 10 -25.10 -1.85 24.46
CA GLU A 10 -24.20 -0.94 25.15
C GLU A 10 -22.76 -1.20 24.70
N GLU A 11 -22.44 -2.47 24.53
CA GLU A 11 -21.12 -2.90 24.11
C GLU A 11 -20.91 -2.51 22.64
N LEU A 12 -21.99 -2.56 21.88
CA LEU A 12 -21.94 -2.21 20.47
C LEU A 12 -21.60 -0.74 20.27
N LEU A 13 -22.16 0.10 21.13
CA LEU A 13 -21.86 1.54 21.08
C LEU A 13 -20.41 1.80 21.41
N ALA A 14 -19.87 1.02 22.33
CA ALA A 14 -18.47 1.07 22.68
C ALA A 14 -17.63 0.68 21.46
N LYS A 15 -18.10 -0.36 20.78
CA LYS A 15 -17.46 -0.85 19.55
C LYS A 15 -17.63 0.16 18.43
N LYS A 16 -18.58 1.06 18.57
CA LYS A 16 -18.87 2.03 17.52
C LYS A 16 -17.94 3.22 17.66
N ALA A 17 -17.64 3.57 18.90
CA ALA A 17 -16.72 4.66 19.19
C ALA A 17 -15.27 4.23 18.99
N ARG A 18 -14.91 3.12 19.61
CA ARG A 18 -13.54 2.61 19.57
C ARG A 18 -13.08 2.34 18.13
N LEU A 19 -13.91 1.66 17.35
CA LEU A 19 -13.55 1.32 16.00
C LEU A 19 -13.42 2.55 15.12
N ALA A 20 -14.29 3.53 15.36
CA ALA A 20 -14.27 4.77 14.59
C ALA A 20 -12.99 5.57 14.85
N GLU A 21 -12.71 5.81 16.13
CA GLU A 21 -11.49 6.54 16.50
C GLU A 21 -10.23 5.86 15.95
N ILE A 22 -10.15 4.54 16.11
CA ILE A 22 -9.04 3.76 15.56
C ILE A 22 -9.01 3.86 14.03
N LYS A 23 -10.18 3.76 13.43
CA LYS A 23 -10.32 3.82 11.97
C LYS A 23 -9.71 5.10 11.42
N ARG A 24 -10.07 6.23 12.02
CA ARG A 24 -9.61 7.53 11.57
C ARG A 24 -8.09 7.63 11.67
N GLN A 25 -7.54 7.09 12.74
CA GLN A 25 -6.10 7.13 12.99
C GLN A 25 -5.35 6.38 11.90
N ARG A 26 -5.84 5.18 11.61
CA ARG A 26 -5.23 4.30 10.61
C ARG A 26 -5.23 4.96 9.22
N GLU A 27 -6.32 5.62 8.88
CA GLU A 27 -6.42 6.29 7.59
C GLU A 27 -5.62 7.58 7.57
N LEU A 28 -5.67 8.32 8.66
CA LEU A 28 -4.98 9.60 8.78
C LEU A 28 -3.47 9.41 8.67
N ARG A 29 -2.96 8.44 9.41
CA ARG A 29 -1.53 8.15 9.40
C ARG A 29 -1.11 7.55 8.07
N ALA A 30 -2.02 6.83 7.44
CA ALA A 30 -1.73 6.23 6.15
C ALA A 30 -1.43 7.31 5.13
N GLN A 31 -2.28 8.33 5.07
CA GLN A 31 -2.06 9.45 4.18
C GLN A 31 -0.81 10.24 4.56
N GLN A 32 -0.43 10.24 5.84
CA GLN A 32 0.71 11.03 6.28
C GLN A 32 2.01 10.29 6.01
N ALA A 33 2.06 9.02 6.42
CA ALA A 33 3.23 8.18 6.22
C ALA A 33 3.38 7.79 4.76
N ALA A 34 2.26 7.90 4.04
CA ALA A 34 2.22 7.70 2.60
C ALA A 34 2.29 6.22 2.24
N GLY A 35 1.62 5.40 3.04
CA GLY A 35 1.55 3.98 2.75
C GLY A 35 1.73 3.12 3.98
N ARG A 36 2.96 3.04 4.47
CA ARG A 36 3.28 2.19 5.61
C ARG A 36 3.17 2.97 6.91
N SER A 37 2.34 2.48 7.82
CA SER A 37 2.14 3.11 9.12
C SER A 37 3.48 3.33 9.81
N ILE A 38 3.77 4.59 10.10
CA ILE A 38 5.03 4.98 10.75
C ILE A 38 6.20 4.81 9.80
N THR A 39 6.44 5.83 8.98
CA THR A 39 7.58 5.86 8.09
C THR A 39 8.28 7.22 8.20
N PRO A 40 9.19 7.37 9.17
CA PRO A 40 9.89 8.63 9.40
C PRO A 40 10.73 9.05 8.20
N SER A 41 10.29 10.11 7.53
CA SER A 41 11.01 10.64 6.39
C SER A 41 11.21 12.14 6.54
N GLU A 42 11.23 12.60 7.79
CA GLU A 42 11.36 14.02 8.07
C GLU A 42 12.83 14.41 8.11
N LEU A 43 13.53 14.10 7.03
CA LEU A 43 14.92 14.47 6.87
C LEU A 43 15.13 15.10 5.51
N VAL A 44 14.31 16.09 5.22
CA VAL A 44 14.33 16.75 3.92
C VAL A 44 15.22 17.98 3.98
N SER A 45 16.51 17.75 3.95
CA SER A 45 17.47 18.83 3.96
C SER A 45 18.58 18.60 2.93
N PRO A 46 18.24 18.68 1.63
CA PRO A 46 19.20 18.49 0.54
C PRO A 46 20.08 19.72 0.31
N THR A 47 19.84 20.78 1.08
CA THR A 47 20.62 22.00 0.96
C THR A 47 21.47 22.20 2.21
N PRO A 48 22.80 21.95 2.11
CA PRO A 48 23.71 22.06 3.25
C PRO A 48 24.01 23.50 3.66
N SER A 49 22.98 24.24 4.01
CA SER A 49 23.14 25.60 4.52
C SER A 49 23.09 25.58 6.04
N ARG A 50 24.04 24.87 6.65
CA ARG A 50 24.08 24.68 8.09
C ARG A 50 22.81 23.98 8.56
N ALA A 51 22.54 22.85 7.93
CA ALA A 51 21.40 22.02 8.26
C ALA A 51 21.80 20.56 8.20
N ASN A 52 22.62 20.15 9.15
CA ASN A 52 23.16 18.79 9.17
C ASN A 52 22.14 17.78 9.69
N SER A 53 21.05 17.64 8.96
CA SER A 53 20.06 16.61 9.25
C SER A 53 20.15 15.52 8.20
N ARG A 54 21.32 15.42 7.58
CA ARG A 54 21.54 14.48 6.48
C ARG A 54 22.13 13.19 7.02
N ARG A 55 21.29 12.30 7.51
CA ARG A 55 21.74 11.05 8.08
C ARG A 55 20.59 10.03 8.10
N GLU A 56 20.65 9.10 7.16
CA GLU A 56 19.63 8.06 7.02
C GLU A 56 20.18 6.97 6.10
N ILE A 57 20.60 5.87 6.70
CA ILE A 57 21.34 4.82 6.00
C ILE A 57 20.49 4.16 4.91
N GLU A 58 19.19 4.08 5.13
CA GLU A 58 18.29 3.41 4.20
C GLU A 58 18.29 4.12 2.85
N SER A 59 18.36 5.43 2.88
CA SER A 59 18.41 6.22 1.66
C SER A 59 19.85 6.44 1.21
N LEU A 60 20.77 6.32 2.15
CA LEU A 60 22.19 6.46 1.87
C LEU A 60 22.67 5.33 0.97
N ILE A 61 22.27 4.12 1.31
CA ILE A 61 22.66 2.94 0.54
C ILE A 61 21.93 2.93 -0.80
N ASP A 62 20.77 3.55 -0.85
CA ASP A 62 19.97 3.61 -2.06
C ASP A 62 20.69 4.40 -3.15
N SER A 63 21.34 5.48 -2.74
CA SER A 63 22.10 6.30 -3.67
C SER A 63 23.40 5.61 -4.08
N ILE A 64 23.92 4.76 -3.20
CA ILE A 64 25.12 4.00 -3.48
C ILE A 64 24.81 2.87 -4.45
N LEU A 65 23.63 2.28 -4.28
CA LEU A 65 23.18 1.18 -5.11
C LEU A 65 22.87 1.66 -6.52
N SER A 66 22.69 2.96 -6.67
CA SER A 66 22.32 3.53 -7.96
C SER A 66 23.42 4.47 -8.44
N SER A 67 24.67 4.02 -8.37
CA SER A 67 25.80 4.78 -8.88
C SER A 67 27.09 3.95 -8.85
N SER A 68 27.52 3.55 -7.66
CA SER A 68 28.80 2.88 -7.52
C SER A 68 28.67 1.36 -7.47
N ALA A 69 27.44 0.88 -7.55
CA ALA A 69 27.17 -0.55 -7.52
C ALA A 69 27.30 -1.14 -8.92
N GLY A 70 28.38 -0.78 -9.60
CA GLY A 70 28.60 -1.21 -10.96
C GLY A 70 29.01 -0.05 -11.83
N ALA A 71 29.12 -0.27 -13.12
CA ALA A 71 29.50 0.77 -14.06
C ALA A 71 28.28 1.60 -14.46
N ASN A 72 27.59 2.16 -13.47
CA ASN A 72 26.37 2.92 -13.72
C ASN A 72 26.61 4.38 -13.39
N SER A 73 27.71 4.91 -13.93
CA SER A 73 28.10 6.29 -13.69
C SER A 73 28.38 6.53 -12.20
N PRO A 74 29.49 5.97 -11.69
CA PRO A 74 29.82 6.00 -10.26
C PRO A 74 30.40 7.34 -9.82
N ARG A 75 30.16 8.37 -10.61
CA ARG A 75 30.59 9.72 -10.27
C ARG A 75 29.38 10.61 -10.09
N ARG A 76 28.20 10.03 -10.32
CA ARG A 76 26.95 10.78 -10.22
C ARG A 76 26.08 10.22 -9.12
N GLY A 77 26.13 10.84 -7.94
CA GLY A 77 25.28 10.43 -6.85
C GLY A 77 24.05 11.32 -6.71
N SER A 78 23.58 11.50 -5.50
CA SER A 78 22.38 12.29 -5.24
C SER A 78 22.75 13.76 -4.94
N ARG A 79 23.65 14.30 -5.76
CA ARG A 79 24.14 15.65 -5.56
C ARG A 79 24.42 16.27 -6.93
N PRO A 80 24.42 17.61 -7.04
CA PRO A 80 24.71 18.29 -8.29
C PRO A 80 26.17 18.17 -8.69
N ASN A 81 26.49 17.10 -9.41
CA ASN A 81 27.86 16.85 -9.85
C ASN A 81 28.15 17.60 -11.15
N SER A 82 28.36 18.89 -11.03
CA SER A 82 28.65 19.74 -12.19
C SER A 82 27.51 19.68 -13.21
N VAL A 83 26.43 20.39 -12.92
CA VAL A 83 25.26 20.42 -13.79
C VAL A 83 25.51 21.38 -14.95
N ILE A 84 26.50 22.24 -14.77
CA ILE A 84 26.84 23.23 -15.78
C ILE A 84 27.81 22.62 -16.79
N SER A 85 27.27 22.12 -17.89
CA SER A 85 28.08 21.50 -18.92
C SER A 85 28.69 22.55 -19.84
N THR A 86 28.01 23.68 -20.02
CA THR A 86 28.53 24.74 -20.86
C THR A 86 29.38 25.70 -20.05
N GLY A 87 30.07 25.15 -19.06
CA GLY A 87 30.94 25.93 -18.22
C GLY A 87 32.09 25.10 -17.71
N GLU A 88 32.49 24.13 -18.52
CA GLU A 88 33.58 23.23 -18.18
C GLU A 88 34.71 23.39 -19.20
N LEU A 89 35.27 24.59 -19.27
CA LEU A 89 36.33 24.90 -20.20
C LEU A 89 37.59 24.10 -19.88
N SER A 90 37.86 23.09 -20.68
CA SER A 90 39.06 22.30 -20.56
C SER A 90 39.67 22.09 -21.94
N THR A 91 40.06 23.19 -22.57
CA THR A 91 40.61 23.15 -23.91
C THR A 91 41.93 23.94 -23.95
N ASP A 92 42.80 23.64 -23.01
CA ASP A 92 44.08 24.33 -22.91
C ASP A 92 45.19 23.32 -22.61
#